data_3KX2
#
_entry.id   3KX2
#
_cell.length_a   118.152
_cell.length_b   118.152
_cell.length_c   253.601
_cell.angle_alpha   90.00
_cell.angle_beta   90.00
_cell.angle_gamma   120.00
#
_symmetry.space_group_name_H-M   'P 32 2 1'
#
loop_
_entity.id
_entity.type
_entity.pdbx_description
1 polymer 'Pre-mRNA-splicing factor ATP-dependent RNA helicase PRP43'
2 non-polymer 'MAGNESIUM ION'
3 non-polymer "ADENOSINE-5'-DIPHOSPHATE"
4 water water
#
_entity_poly.entity_id   1
_entity_poly.type   'polypeptide(L)'
_entity_poly.pdbx_seq_one_letter_code
;MGSKRRFSSEHPDPVETSIPEQAAEIAEELSKQHPLPSEEPLVHHDAGEFKGLQRHHTSAEEAQKLEDGKINPFTGREFT
PKYVDILKIRRELPVHAQRDEFLKLYQNNQIMVFVGETGSGKTTQIPQFVLFDEMPHLENTQVACTQPRRVAAMSVAQRV
AEEMDVKLGEEVGYSIRFENKTSNKTILKYMTDGMLLREAMEDHDLSRYSCIILDEAHERTLATDILMGLLKQVVKRRPD
LKIIIMSATLDAEKFQRYFNDAPLLAVPGRTYPVELYYTPEFQRDYLDSAIRTVLQIHATEEAGDILLFLTGEDEIEDAV
RKISLEGDQLVREEGCGPLSVYPLYGSLPPHQQQRIFEPAPESHNGRPGRKVVISTNIAETSLTIDGIVYVVDPGFSKQK
VYNPRIRVESLLVSPISKASAQQRAGRAGRTRPGKCFRLYTEEAFQKELIEQSYPEILRSNLSSTVLELKKLGIDDLVHF
DFMDPPAPETMMRALEELNYLACLDDEGNLTPLGRLASQFPLDPMLAVMLIGSFEFQCSQEILTIVAMLSVPNVFIRPTK
DKKRADDAKNIFAHPDGDHITLLNVYHAFKSDEAYEYGIHKWCRDHYLNYRSLSAADNIRSQLERLMNRYNLELNTTDYE
SPKYFDNIRKALASGFFMQVAKKRSGAKGYITVKDNQDVLIHPSTVLGHDAEWVIYNEFVLTSKNYIRTVTSVRPEWLIE
IAPAYYDLSNFQKGDVKLSLERIKEKVDRLNELKQGKNKKKSKHSKK
;
_entity_poly.pdbx_strand_id   B,A
#
loop_
_chem_comp.id
_chem_comp.type
_chem_comp.name
_chem_comp.formula
ADP non-polymer ADENOSINE-5'-DIPHOSPHATE 'C10 H15 N5 O10 P2'
MG non-polymer 'MAGNESIUM ION' 'Mg 2'
#
# COMPACT_ATOMS: atom_id res chain seq x y z
N MET A 1 -46.33 -14.03 -42.30
CA MET A 1 -45.24 -13.50 -43.12
C MET A 1 -45.37 -13.89 -44.58
N GLY A 2 -45.93 -15.06 -44.86
CA GLY A 2 -46.19 -15.48 -46.22
C GLY A 2 -47.11 -14.66 -47.10
N SER A 3 -48.36 -14.53 -46.68
CA SER A 3 -49.26 -13.45 -47.04
C SER A 3 -49.05 -12.32 -46.03
N LYS A 4 -49.43 -11.11 -46.41
CA LYS A 4 -49.27 -9.95 -45.53
C LYS A 4 -50.07 -10.16 -44.25
N ARG A 5 -49.42 -10.01 -43.10
CA ARG A 5 -50.11 -10.13 -41.82
C ARG A 5 -51.20 -9.07 -41.72
N ARG A 6 -52.37 -9.48 -41.25
CA ARG A 6 -53.46 -8.55 -41.02
C ARG A 6 -53.38 -8.03 -39.59
N PHE A 7 -53.71 -6.76 -39.39
CA PHE A 7 -53.79 -6.21 -38.04
C PHE A 7 -55.18 -5.73 -37.71
N SER A 8 -55.46 -5.59 -36.40
CA SER A 8 -56.77 -5.21 -35.90
C SER A 8 -56.66 -4.76 -34.43
N SER A 9 -57.73 -4.22 -33.87
CA SER A 9 -57.70 -3.76 -32.48
C SER A 9 -57.36 -4.90 -31.53
N GLU A 10 -57.74 -6.11 -31.92
CA GLU A 10 -57.50 -7.31 -31.13
C GLU A 10 -56.07 -7.85 -31.29
N HIS A 11 -55.51 -7.70 -32.48
CA HIS A 11 -54.12 -8.04 -32.75
C HIS A 11 -53.48 -6.87 -33.48
N PRO A 12 -53.04 -5.85 -32.73
CA PRO A 12 -52.60 -4.57 -33.28
C PRO A 12 -51.20 -4.60 -33.91
N ASP A 13 -50.93 -3.62 -34.76
CA ASP A 13 -49.63 -3.46 -35.38
C ASP A 13 -48.64 -2.86 -34.37
N PRO A 14 -47.59 -3.61 -34.04
CA PRO A 14 -46.60 -3.13 -33.06
C PRO A 14 -45.96 -1.82 -33.49
N VAL A 15 -45.81 -1.61 -34.78
CA VAL A 15 -45.19 -0.39 -35.28
C VAL A 15 -46.13 0.80 -35.11
N GLU A 16 -47.41 0.56 -35.39
CA GLU A 16 -48.42 1.62 -35.28
C GLU A 16 -48.72 2.00 -33.83
N THR A 17 -48.50 1.07 -32.91
CA THR A 17 -48.79 1.32 -31.50
C THR A 17 -47.53 1.60 -30.68
N SER A 18 -46.41 1.85 -31.35
CA SER A 18 -45.15 2.15 -30.67
C SER A 18 -45.03 3.64 -30.39
N ILE A 19 -44.91 4.00 -29.12
CA ILE A 19 -44.67 5.40 -28.81
C ILE A 19 -43.28 5.83 -29.26
N PRO A 20 -42.26 4.98 -29.03
CA PRO A 20 -40.94 5.39 -29.55
C PRO A 20 -40.94 5.60 -31.07
N GLU A 21 -41.66 4.76 -31.82
CA GLU A 21 -41.75 4.97 -33.26
C GLU A 21 -42.26 6.37 -33.59
N GLN A 22 -43.24 6.84 -32.81
CA GLN A 22 -43.79 8.18 -33.01
C GLN A 22 -42.68 9.23 -32.83
N ALA A 23 -41.82 9.02 -31.84
CA ALA A 23 -40.70 9.92 -31.60
C ALA A 23 -39.74 9.91 -32.79
N ALA A 24 -39.39 8.71 -33.26
CA ALA A 24 -38.44 8.61 -34.37
C ALA A 24 -38.96 9.35 -35.60
N GLU A 25 -40.26 9.27 -35.85
CA GLU A 25 -40.86 9.96 -36.99
C GLU A 25 -40.77 11.48 -36.84
N ILE A 26 -41.00 11.98 -35.64
CA ILE A 26 -40.82 13.40 -35.37
C ILE A 26 -39.37 13.82 -35.63
N ALA A 27 -38.43 13.02 -35.15
CA ALA A 27 -37.02 13.33 -35.26
C ALA A 27 -36.56 13.27 -36.72
N GLU A 28 -37.04 12.27 -37.45
CA GLU A 28 -36.67 12.08 -38.84
C GLU A 28 -37.08 13.27 -39.70
N GLU A 29 -38.29 13.78 -39.48
CA GLU A 29 -38.79 14.95 -40.18
C GLU A 29 -37.96 16.19 -39.85
N LEU A 30 -37.55 16.33 -38.59
CA LEU A 30 -36.68 17.43 -38.21
C LEU A 30 -35.35 17.35 -38.97
N SER A 31 -34.76 16.16 -39.02
CA SER A 31 -33.48 15.95 -39.70
C SER A 31 -33.62 16.26 -41.20
N LYS A 32 -34.72 15.79 -41.78
CA LYS A 32 -34.99 15.99 -43.19
C LYS A 32 -35.14 17.48 -43.50
N GLN A 33 -35.16 18.30 -42.47
CA GLN A 33 -35.31 19.74 -42.62
C GLN A 33 -33.94 20.42 -42.71
N HIS A 34 -32.93 19.77 -42.18
CA HIS A 34 -31.56 20.28 -42.22
C HIS A 34 -30.58 19.13 -42.36
N PRO A 35 -30.56 18.48 -43.54
CA PRO A 35 -29.76 17.29 -43.79
C PRO A 35 -28.31 17.48 -43.37
N LEU A 36 -27.87 16.67 -42.42
CA LEU A 36 -26.52 16.81 -41.87
C LEU A 36 -25.45 16.55 -42.93
N PRO A 37 -24.30 17.23 -42.81
CA PRO A 37 -23.22 17.23 -43.80
C PRO A 37 -22.52 15.87 -43.91
N SER A 38 -21.53 15.80 -44.80
CA SER A 38 -20.77 14.57 -44.97
C SER A 38 -19.48 14.59 -44.16
N GLU A 39 -18.91 13.42 -43.94
CA GLU A 39 -17.63 13.27 -43.25
C GLU A 39 -16.62 14.32 -43.72
N GLU A 40 -15.95 14.97 -42.78
CA GLU A 40 -14.87 15.89 -43.12
C GLU A 40 -13.81 15.10 -43.89
N PRO A 41 -13.25 15.72 -44.95
CA PRO A 41 -12.27 15.04 -45.80
C PRO A 41 -11.04 14.64 -45.00
N LEU A 42 -10.40 13.54 -45.39
CA LEU A 42 -9.10 13.21 -44.84
C LEU A 42 -8.08 14.23 -45.31
N VAL A 43 -6.97 14.32 -44.59
CA VAL A 43 -5.89 15.23 -44.95
C VAL A 43 -4.54 14.57 -44.71
N HIS A 44 -3.56 14.86 -45.55
CA HIS A 44 -2.26 14.22 -45.43
C HIS A 44 -1.10 15.14 -45.79
N HIS A 45 0.11 14.66 -45.53
CA HIS A 45 1.32 15.38 -45.90
C HIS A 45 2.07 14.65 -46.99
N ASP A 46 2.48 15.39 -48.00
CA ASP A 46 3.30 14.86 -49.08
C ASP A 46 4.29 15.93 -49.54
N ALA A 47 5.56 15.68 -49.28
CA ALA A 47 6.62 16.56 -49.75
C ALA A 47 7.60 15.76 -50.61
N GLY A 48 7.09 14.71 -51.24
CA GLY A 48 7.85 13.93 -52.17
C GLY A 48 8.75 12.87 -51.55
N GLU A 49 8.67 12.70 -50.24
CA GLU A 49 9.53 11.73 -49.58
C GLU A 49 9.21 10.29 -49.98
N PHE A 50 8.04 10.08 -50.55
CA PHE A 50 7.65 8.74 -51.01
C PHE A 50 7.92 8.51 -52.51
N LYS A 51 8.34 9.56 -53.20
CA LYS A 51 8.73 9.41 -54.60
C LYS A 51 9.80 8.35 -54.70
N GLY A 52 9.67 7.47 -55.69
CA GLY A 52 10.62 6.37 -55.83
C GLY A 52 10.09 5.09 -55.23
N LEU A 53 9.01 5.22 -54.45
CA LEU A 53 8.27 4.06 -53.96
C LEU A 53 7.00 3.83 -54.79
N GLN A 54 6.85 2.62 -55.28
CA GLN A 54 5.73 2.27 -56.13
C GLN A 54 4.73 1.40 -55.36
N ARG A 55 3.48 1.85 -55.31
CA ARG A 55 2.43 1.12 -54.61
C ARG A 55 2.36 -0.35 -55.04
N HIS A 56 2.38 -1.25 -54.05
CA HIS A 56 2.34 -2.70 -54.28
C HIS A 56 3.57 -3.26 -54.99
N HIS A 57 4.63 -2.48 -55.08
CA HIS A 57 5.90 -2.96 -55.60
C HIS A 57 7.04 -2.54 -54.67
N THR A 58 6.70 -2.40 -53.40
CA THR A 58 7.62 -1.98 -52.36
C THR A 58 8.41 -3.14 -51.79
N SER A 59 9.56 -2.84 -51.20
CA SER A 59 10.43 -3.85 -50.59
C SER A 59 10.77 -3.44 -49.16
N ALA A 60 11.20 -4.40 -48.36
CA ALA A 60 11.60 -4.10 -47.00
C ALA A 60 12.78 -3.13 -47.02
N GLU A 61 13.70 -3.35 -47.95
CA GLU A 61 14.89 -2.52 -48.05
C GLU A 61 14.52 -1.06 -48.26
N GLU A 62 13.61 -0.81 -49.20
CA GLU A 62 13.16 0.54 -49.49
C GLU A 62 12.53 1.18 -48.27
N ALA A 63 11.69 0.42 -47.58
CA ALA A 63 11.04 0.91 -46.38
C ALA A 63 12.08 1.24 -45.32
N GLN A 64 12.99 0.31 -45.06
CA GLN A 64 14.04 0.55 -44.08
C GLN A 64 14.78 1.85 -44.36
N LYS A 65 15.03 2.12 -45.65
CA LYS A 65 15.72 3.35 -46.03
C LYS A 65 14.99 4.57 -45.46
N LEU A 66 13.67 4.64 -45.67
CA LEU A 66 12.86 5.72 -45.13
C LEU A 66 12.89 5.74 -43.59
N GLU A 67 12.69 4.58 -42.97
CA GLU A 67 12.69 4.49 -41.52
C GLU A 67 14.03 4.96 -40.95
N ASP A 68 15.11 4.69 -41.69
CA ASP A 68 16.46 5.05 -41.26
C ASP A 68 16.75 6.53 -41.51
N GLY A 69 15.92 7.14 -42.35
CA GLY A 69 16.12 8.52 -42.76
C GLY A 69 16.05 9.49 -41.60
N LYS A 70 16.23 10.77 -41.89
CA LYS A 70 16.24 11.79 -40.84
C LYS A 70 14.88 12.42 -40.66
N ILE A 71 14.12 12.50 -41.73
CA ILE A 71 12.80 13.12 -41.67
C ILE A 71 11.69 12.08 -41.87
N ASN A 72 10.67 12.16 -41.00
CA ASN A 72 9.52 11.25 -41.04
C ASN A 72 8.70 11.42 -42.32
N PRO A 73 8.62 10.38 -43.15
CA PRO A 73 7.94 10.45 -44.44
C PRO A 73 6.46 10.80 -44.34
N PHE A 74 5.77 10.31 -43.29
CA PHE A 74 4.34 10.54 -43.13
C PHE A 74 4.02 11.95 -42.65
N THR A 75 4.98 12.59 -41.98
CA THR A 75 4.84 13.99 -41.58
C THR A 75 5.95 14.76 -42.28
N GLY A 76 6.19 15.99 -41.86
CA GLY A 76 7.32 16.73 -42.39
C GLY A 76 8.47 16.79 -41.41
N ARG A 77 8.28 16.20 -40.23
CA ARG A 77 9.17 16.45 -39.10
C ARG A 77 10.37 15.54 -38.98
N GLU A 78 11.41 16.07 -38.34
CA GLU A 78 12.62 15.35 -38.03
C GLU A 78 12.29 14.17 -37.12
N PHE A 79 12.79 12.99 -37.46
CA PHE A 79 12.68 11.84 -36.57
C PHE A 79 13.39 12.12 -35.26
N THR A 80 12.78 11.74 -34.14
CA THR A 80 13.37 11.98 -32.83
C THR A 80 14.28 10.84 -32.40
N PRO A 81 15.16 11.11 -31.43
CA PRO A 81 16.03 10.07 -30.88
C PRO A 81 15.22 8.92 -30.30
N LYS A 82 14.13 9.25 -29.61
CA LYS A 82 13.22 8.25 -29.07
C LYS A 82 12.80 7.26 -30.15
N TYR A 83 12.43 7.74 -31.29
CA TYR A 83 12.08 6.98 -32.39
C TYR A 83 13.13 6.07 -32.80
N VAL A 84 14.37 6.43 -32.98
CA VAL A 84 15.46 5.58 -33.43
C VAL A 84 15.76 4.44 -32.44
N ASP A 85 15.63 4.72 -31.14
CA ASP A 85 15.86 3.71 -30.10
C ASP A 85 14.77 2.65 -30.15
N ILE A 86 13.53 3.11 -30.30
CA ILE A 86 12.41 2.20 -30.45
C ILE A 86 12.57 1.40 -31.74
N LEU A 87 13.02 2.09 -32.79
CA LEU A 87 13.18 1.48 -34.10
C LEU A 87 14.10 0.27 -34.09
N LYS A 88 15.28 0.39 -33.47
CA LYS A 88 16.23 -0.71 -33.50
C LYS A 88 15.74 -1.89 -32.65
N ILE A 89 14.96 -1.57 -31.62
CA ILE A 89 14.39 -2.59 -30.75
C ILE A 89 13.29 -3.42 -31.45
N ARG A 90 12.32 -2.74 -32.04
CA ARG A 90 11.21 -3.44 -32.69
C ARG A 90 11.66 -4.22 -33.91
N ARG A 91 12.81 -3.83 -34.48
CA ARG A 91 13.34 -4.53 -35.63
C ARG A 91 13.81 -5.93 -35.24
N GLU A 92 13.85 -6.18 -33.94
CA GLU A 92 14.21 -7.51 -33.44
C GLU A 92 13.02 -8.47 -33.42
N LEU A 93 11.80 -7.92 -33.54
CA LEU A 93 10.59 -8.75 -33.53
C LEU A 93 10.56 -9.74 -34.68
N PRO A 94 10.17 -11.00 -34.38
CA PRO A 94 10.18 -12.11 -35.34
C PRO A 94 9.54 -11.76 -36.68
N VAL A 95 8.57 -10.86 -36.66
CA VAL A 95 7.85 -10.50 -37.87
C VAL A 95 8.76 -9.84 -38.91
N HIS A 96 9.78 -9.12 -38.45
CA HIS A 96 10.70 -8.45 -39.37
C HIS A 96 11.51 -9.37 -40.26
N ALA A 97 11.81 -10.57 -39.76
CA ALA A 97 12.57 -11.52 -40.57
C ALA A 97 11.77 -11.98 -41.80
N GLN A 98 10.48 -11.71 -41.80
CA GLN A 98 9.61 -12.15 -42.88
C GLN A 98 8.92 -10.98 -43.58
N ARG A 99 9.42 -9.77 -43.35
CA ARG A 99 8.80 -8.58 -43.93
C ARG A 99 8.63 -8.70 -45.45
N ASP A 100 9.69 -9.10 -46.13
CA ASP A 100 9.65 -9.24 -47.59
C ASP A 100 8.66 -10.33 -48.03
N GLU A 101 8.66 -11.45 -47.33
CA GLU A 101 7.74 -12.53 -47.63
C GLU A 101 6.29 -12.06 -47.45
N PHE A 102 6.07 -11.23 -46.43
CA PHE A 102 4.74 -10.68 -46.19
C PHE A 102 4.32 -9.74 -47.31
N LEU A 103 5.22 -8.82 -47.67
CA LEU A 103 4.93 -7.87 -48.74
C LEU A 103 4.54 -8.60 -50.03
N LYS A 104 5.29 -9.63 -50.39
CA LYS A 104 5.01 -10.42 -51.58
C LYS A 104 3.55 -10.87 -51.55
N LEU A 105 3.16 -11.49 -50.44
CA LEU A 105 1.82 -12.06 -50.33
C LEU A 105 0.76 -10.95 -50.37
N TYR A 106 1.07 -9.83 -49.73
CA TYR A 106 0.16 -8.70 -49.70
C TYR A 106 -0.04 -8.14 -51.09
N GLN A 107 1.06 -8.05 -51.83
CA GLN A 107 1.03 -7.46 -53.17
C GLN A 107 0.26 -8.31 -54.19
N ASN A 108 0.25 -9.62 -54.00
CA ASN A 108 -0.31 -10.50 -55.01
C ASN A 108 -1.62 -11.19 -54.63
N ASN A 109 -2.21 -10.77 -53.52
CA ASN A 109 -3.48 -11.35 -53.07
C ASN A 109 -4.41 -10.30 -52.48
N GLN A 110 -5.69 -10.45 -52.72
CA GLN A 110 -6.66 -9.52 -52.17
C GLN A 110 -6.97 -9.86 -50.72
N ILE A 111 -6.93 -11.14 -50.38
CA ILE A 111 -7.13 -11.58 -49.00
C ILE A 111 -6.01 -12.52 -48.59
N MET A 112 -5.48 -12.31 -47.38
CA MET A 112 -4.47 -13.23 -46.86
C MET A 112 -4.66 -13.47 -45.37
N VAL A 113 -4.18 -14.63 -44.91
CA VAL A 113 -4.24 -14.96 -43.49
C VAL A 113 -2.82 -14.93 -42.95
N PHE A 114 -2.66 -14.40 -41.73
CA PHE A 114 -1.35 -14.18 -41.13
C PHE A 114 -1.39 -14.72 -39.72
N VAL A 115 -0.55 -15.71 -39.43
CA VAL A 115 -0.59 -16.36 -38.14
C VAL A 115 0.75 -16.26 -37.43
N GLY A 116 0.70 -16.03 -36.12
CA GLY A 116 1.90 -15.98 -35.30
C GLY A 116 1.60 -15.85 -33.81
N GLU A 117 2.46 -16.45 -32.99
CA GLU A 117 2.33 -16.40 -31.53
C GLU A 117 2.17 -14.97 -31.02
N THR A 118 1.49 -14.80 -29.88
CA THR A 118 1.38 -13.43 -29.39
C THR A 118 2.77 -12.96 -28.94
N GLY A 119 3.07 -11.71 -29.23
CA GLY A 119 4.38 -11.16 -28.93
C GLY A 119 5.26 -11.11 -30.16
N SER A 120 4.85 -11.77 -31.23
CA SER A 120 5.72 -11.90 -32.41
C SER A 120 5.74 -10.61 -33.26
N GLY A 121 4.81 -9.70 -32.96
CA GLY A 121 4.78 -8.41 -33.63
C GLY A 121 3.64 -8.16 -34.63
N LYS A 122 2.61 -8.99 -34.60
CA LYS A 122 1.50 -8.85 -35.56
C LYS A 122 0.81 -7.48 -35.53
N THR A 123 0.28 -7.10 -34.38
CA THR A 123 -0.54 -5.89 -34.29
C THR A 123 0.23 -4.59 -34.43
N THR A 124 1.46 -4.54 -33.92
CA THR A 124 2.22 -3.31 -33.99
C THR A 124 2.93 -3.12 -35.32
N GLN A 125 3.58 -4.15 -35.83
CA GLN A 125 4.42 -4.00 -37.03
C GLN A 125 3.66 -4.12 -38.35
N ILE A 126 2.86 -5.17 -38.51
CA ILE A 126 2.26 -5.46 -39.81
C ILE A 126 1.52 -4.25 -40.39
N PRO A 127 0.69 -3.57 -39.59
CA PRO A 127 -0.01 -2.43 -40.15
C PRO A 127 0.96 -1.35 -40.60
N GLN A 128 2.10 -1.26 -39.92
CA GLN A 128 3.12 -0.33 -40.39
C GLN A 128 3.75 -0.80 -41.70
N PHE A 129 3.96 -2.11 -41.86
CA PHE A 129 4.52 -2.62 -43.09
C PHE A 129 3.59 -2.26 -44.23
N VAL A 130 2.28 -2.32 -43.96
CA VAL A 130 1.28 -2.01 -44.97
C VAL A 130 1.28 -0.55 -45.37
N LEU A 131 1.49 0.35 -44.42
CA LEU A 131 1.57 1.77 -44.73
C LEU A 131 2.65 2.09 -45.76
N PHE A 132 3.80 1.44 -45.66
CA PHE A 132 4.87 1.70 -46.62
C PHE A 132 4.56 1.19 -48.03
N ASP A 133 4.03 -0.03 -48.13
CA ASP A 133 3.72 -0.60 -49.43
C ASP A 133 2.44 -0.04 -50.04
N GLU A 134 1.51 0.41 -49.19
CA GLU A 134 0.21 0.84 -49.65
C GLU A 134 0.10 2.35 -49.76
N MET A 135 0.93 3.05 -49.00
CA MET A 135 0.89 4.50 -48.95
C MET A 135 -0.55 5.06 -49.02
N PRO A 136 -1.43 4.57 -48.11
CA PRO A 136 -2.86 4.86 -48.12
C PRO A 136 -3.15 6.36 -48.12
N HIS A 137 -2.33 7.13 -47.42
CA HIS A 137 -2.58 8.56 -47.28
C HIS A 137 -2.49 9.32 -48.62
N LEU A 138 -1.65 8.84 -49.53
CA LEU A 138 -1.47 9.51 -50.81
C LEU A 138 -2.66 9.26 -51.75
N GLU A 139 -3.47 8.26 -51.43
CA GLU A 139 -4.63 7.92 -52.24
C GLU A 139 -5.91 8.20 -51.46
N ASN A 140 -5.79 9.02 -50.43
CA ASN A 140 -6.94 9.51 -49.67
C ASN A 140 -7.70 8.41 -48.92
N THR A 141 -6.97 7.50 -48.28
CA THR A 141 -7.59 6.42 -47.55
C THR A 141 -6.86 6.18 -46.23
N GLN A 142 -7.39 5.24 -45.44
CA GLN A 142 -6.76 4.82 -44.19
C GLN A 142 -6.61 3.31 -44.18
N VAL A 143 -5.91 2.77 -43.18
CA VAL A 143 -6.01 1.35 -42.95
C VAL A 143 -6.56 1.06 -41.55
N ALA A 144 -7.52 0.16 -41.48
CA ALA A 144 -8.12 -0.22 -40.21
C ALA A 144 -7.47 -1.47 -39.67
N CYS A 145 -7.30 -1.50 -38.35
CA CYS A 145 -6.84 -2.70 -37.68
C CYS A 145 -7.75 -2.94 -36.50
N THR A 146 -8.45 -4.06 -36.53
CA THR A 146 -9.57 -4.28 -35.63
C THR A 146 -9.18 -5.20 -34.45
N GLN A 147 -9.58 -4.80 -33.25
CA GLN A 147 -9.31 -5.57 -32.04
C GLN A 147 -10.61 -5.95 -31.34
N PRO A 148 -10.72 -7.19 -30.88
CA PRO A 148 -11.85 -7.58 -30.03
C PRO A 148 -11.85 -6.82 -28.72
N ARG A 149 -10.69 -6.38 -28.27
CA ARG A 149 -10.57 -5.77 -26.94
C ARG A 149 -10.22 -4.29 -26.92
N ARG A 150 -11.06 -3.51 -26.24
CA ARG A 150 -10.86 -2.07 -26.12
C ARG A 150 -9.44 -1.74 -25.69
N VAL A 151 -8.96 -2.42 -24.66
CA VAL A 151 -7.65 -2.10 -24.08
C VAL A 151 -6.52 -2.36 -25.08
N ALA A 152 -6.66 -3.41 -25.87
CA ALA A 152 -5.66 -3.73 -26.87
C ALA A 152 -5.65 -2.61 -27.91
N ALA A 153 -6.83 -2.22 -28.36
CA ALA A 153 -6.92 -1.15 -29.34
C ALA A 153 -6.31 0.16 -28.82
N MET A 154 -6.64 0.53 -27.59
CA MET A 154 -6.17 1.82 -27.04
C MET A 154 -4.66 1.81 -26.79
N SER A 155 -4.19 0.78 -26.09
CA SER A 155 -2.77 0.73 -25.72
C SER A 155 -1.86 0.52 -26.92
N VAL A 156 -2.32 -0.28 -27.88
CA VAL A 156 -1.47 -0.57 -29.02
C VAL A 156 -1.38 0.66 -29.93
N ALA A 157 -2.48 1.40 -30.05
CA ALA A 157 -2.42 2.63 -30.84
C ALA A 157 -1.45 3.62 -30.22
N GLN A 158 -1.48 3.71 -28.89
CA GLN A 158 -0.54 4.56 -28.17
C GLN A 158 0.91 4.16 -28.46
N ARG A 159 1.18 2.86 -28.42
CA ARG A 159 2.51 2.35 -28.73
C ARG A 159 2.89 2.62 -30.19
N VAL A 160 1.98 2.33 -31.11
CA VAL A 160 2.31 2.47 -32.53
C VAL A 160 2.53 3.93 -32.92
N ALA A 161 1.79 4.83 -32.30
CA ALA A 161 2.05 6.28 -32.46
C ALA A 161 3.49 6.65 -32.08
N GLU A 162 3.99 6.09 -31.00
CA GLU A 162 5.40 6.24 -30.60
C GLU A 162 6.35 5.60 -31.63
N GLU A 163 6.00 4.42 -32.12
CA GLU A 163 6.86 3.71 -33.06
C GLU A 163 6.94 4.45 -34.39
N MET A 164 5.93 5.26 -34.68
CA MET A 164 5.89 6.01 -35.93
C MET A 164 6.24 7.48 -35.71
N ASP A 165 6.63 7.80 -34.49
CA ASP A 165 7.01 9.16 -34.11
C ASP A 165 5.96 10.19 -34.50
N VAL A 166 4.71 9.88 -34.23
CA VAL A 166 3.60 10.79 -34.50
C VAL A 166 2.74 10.96 -33.24
N LYS A 167 1.86 11.95 -33.24
CA LYS A 167 1.03 12.20 -32.07
C LYS A 167 -0.22 11.30 -32.06
N LEU A 168 -0.57 10.76 -30.90
CA LEU A 168 -1.76 9.92 -30.79
C LEU A 168 -3.00 10.73 -31.11
N GLY A 169 -3.85 10.21 -31.98
CA GLY A 169 -5.03 10.96 -32.37
C GLY A 169 -4.79 11.65 -33.71
N GLU A 170 -3.52 11.74 -34.11
CA GLU A 170 -3.20 12.30 -35.42
C GLU A 170 -2.97 11.19 -36.46
N GLU A 171 -1.74 10.99 -36.94
CA GLU A 171 -1.52 9.96 -37.97
C GLU A 171 -1.91 8.56 -37.49
N VAL A 172 -1.65 8.26 -36.23
CA VAL A 172 -2.14 7.02 -35.63
C VAL A 172 -3.19 7.36 -34.58
N GLY A 173 -4.34 6.69 -34.67
CA GLY A 173 -5.43 6.92 -33.75
C GLY A 173 -6.18 5.66 -33.38
N TYR A 174 -7.13 5.78 -32.47
CA TYR A 174 -7.98 4.65 -32.13
C TYR A 174 -9.45 5.08 -32.07
N SER A 175 -10.33 4.12 -32.29
CA SER A 175 -11.77 4.35 -32.17
C SER A 175 -12.40 3.25 -31.36
N ILE A 176 -13.02 3.65 -30.25
CA ILE A 176 -13.73 2.77 -29.35
C ILE A 176 -15.12 3.35 -29.19
N ARG A 177 -16.06 2.51 -28.80
CA ARG A 177 -17.41 2.96 -28.54
C ARG A 177 -17.40 4.03 -27.44
N PHE A 178 -17.94 5.22 -27.73
CA PHE A 178 -17.96 6.34 -26.77
C PHE A 178 -16.60 7.01 -26.56
N GLU A 179 -15.54 6.45 -27.14
CA GLU A 179 -14.22 7.02 -26.95
C GLU A 179 -13.47 7.07 -28.25
N ASN A 180 -13.57 8.20 -28.95
CA ASN A 180 -12.86 8.38 -30.20
C ASN A 180 -11.57 9.18 -30.05
N LYS A 181 -10.50 8.71 -30.69
CA LYS A 181 -9.25 9.42 -30.67
C LYS A 181 -8.66 9.38 -32.07
N THR A 182 -9.36 10.02 -33.01
CA THR A 182 -8.90 10.14 -34.39
C THR A 182 -9.12 11.57 -34.87
N SER A 183 -8.68 11.87 -36.09
CA SER A 183 -8.85 13.19 -36.68
C SER A 183 -8.70 13.07 -38.18
N ASN A 184 -8.75 14.21 -38.88
CA ASN A 184 -8.61 14.22 -40.33
C ASN A 184 -7.23 13.76 -40.77
N LYS A 185 -6.29 13.72 -39.83
CA LYS A 185 -4.93 13.35 -40.17
C LYS A 185 -4.67 11.85 -39.99
N THR A 186 -5.62 11.11 -39.42
CA THR A 186 -5.32 9.72 -39.09
C THR A 186 -5.24 8.83 -40.32
N ILE A 187 -4.15 8.08 -40.41
CA ILE A 187 -3.88 7.19 -41.50
C ILE A 187 -4.12 5.76 -41.05
N LEU A 188 -3.59 5.44 -39.87
CA LEU A 188 -3.72 4.10 -39.31
C LEU A 188 -4.63 4.13 -38.12
N LYS A 189 -5.71 3.37 -38.20
CA LYS A 189 -6.76 3.43 -37.21
C LYS A 189 -6.97 2.08 -36.53
N TYR A 190 -6.52 1.97 -35.29
CA TYR A 190 -6.81 0.78 -34.51
C TYR A 190 -8.16 1.00 -33.88
N MET A 191 -8.96 -0.04 -33.82
CA MET A 191 -10.34 0.11 -33.37
C MET A 191 -10.91 -1.25 -32.95
N THR A 192 -11.97 -1.23 -32.16
CA THR A 192 -12.61 -2.50 -31.84
C THR A 192 -13.32 -3.01 -33.08
N ASP A 193 -13.54 -4.31 -33.15
CA ASP A 193 -14.27 -4.85 -34.30
C ASP A 193 -15.69 -4.30 -34.29
N GLY A 194 -16.25 -4.12 -33.10
CA GLY A 194 -17.57 -3.52 -32.98
C GLY A 194 -17.70 -2.18 -33.67
N MET A 195 -16.68 -1.33 -33.58
CA MET A 195 -16.72 0.02 -34.19
C MET A 195 -16.62 0.01 -35.71
N LEU A 196 -15.74 -0.83 -36.28
CA LEU A 196 -15.69 -0.97 -37.75
C LEU A 196 -17.02 -1.50 -38.26
N LEU A 197 -17.62 -2.41 -37.50
CA LEU A 197 -18.95 -2.88 -37.84
C LEU A 197 -19.87 -1.67 -37.93
N ARG A 198 -19.82 -0.79 -36.95
CA ARG A 198 -20.69 0.38 -36.96
C ARG A 198 -20.39 1.32 -38.13
N GLU A 199 -19.11 1.46 -38.48
CA GLU A 199 -18.78 2.25 -39.67
C GLU A 199 -19.41 1.63 -40.91
N ALA A 200 -19.39 0.29 -40.96
CA ALA A 200 -19.88 -0.41 -42.14
C ALA A 200 -21.36 -0.19 -42.28
N MET A 201 -22.05 -0.09 -41.15
CA MET A 201 -23.48 0.16 -41.16
C MET A 201 -23.83 1.48 -41.84
N GLU A 202 -22.92 2.46 -41.76
CA GLU A 202 -23.12 3.76 -42.40
C GLU A 202 -22.62 3.76 -43.84
N ASP A 203 -21.55 3.00 -44.08
CA ASP A 203 -20.95 2.90 -45.41
C ASP A 203 -20.65 1.43 -45.71
N HIS A 204 -21.55 0.78 -46.44
CA HIS A 204 -21.44 -0.66 -46.67
C HIS A 204 -20.16 -1.12 -47.37
N ASP A 205 -19.48 -0.22 -48.07
CA ASP A 205 -18.27 -0.59 -48.79
C ASP A 205 -17.00 -0.21 -48.04
N LEU A 206 -17.18 0.43 -46.87
CA LEU A 206 -16.05 0.88 -46.07
C LEU A 206 -15.03 1.61 -46.94
N SER A 207 -15.56 2.46 -47.81
CA SER A 207 -14.78 3.10 -48.86
C SER A 207 -13.60 3.92 -48.34
N ARG A 208 -13.62 4.27 -47.06
CA ARG A 208 -12.54 5.09 -46.53
C ARG A 208 -11.23 4.30 -46.38
N TYR A 209 -11.32 2.97 -46.31
CA TYR A 209 -10.13 2.14 -46.11
C TYR A 209 -9.65 1.45 -47.39
N SER A 210 -8.33 1.36 -47.54
CA SER A 210 -7.76 0.62 -48.67
C SER A 210 -7.28 -0.74 -48.19
N CYS A 211 -7.02 -0.84 -46.89
CA CYS A 211 -6.68 -2.11 -46.28
C CYS A 211 -7.42 -2.24 -44.96
N ILE A 212 -8.01 -3.42 -44.74
CA ILE A 212 -8.64 -3.72 -43.46
C ILE A 212 -7.99 -4.95 -42.85
N ILE A 213 -7.49 -4.80 -41.63
CA ILE A 213 -6.83 -5.89 -40.96
C ILE A 213 -7.68 -6.36 -39.78
N LEU A 214 -8.27 -7.56 -39.91
CA LEU A 214 -9.04 -8.14 -38.81
C LEU A 214 -8.12 -9.00 -37.93
N ASP A 215 -7.82 -8.60 -36.74
CA ASP A 215 -6.81 -9.09 -35.85
C ASP A 215 -7.34 -9.95 -34.80
N GLU A 216 -6.58 -10.82 -34.23
CA GLU A 216 -7.06 -11.70 -33.16
C GLU A 216 -8.31 -12.45 -33.62
N ALA A 217 -8.32 -12.90 -34.87
CA ALA A 217 -9.48 -13.59 -35.43
C ALA A 217 -9.83 -14.83 -34.61
N HIS A 218 -8.81 -15.48 -34.07
CA HIS A 218 -9.00 -16.68 -33.25
C HIS A 218 -9.96 -16.47 -32.06
N GLU A 219 -10.21 -15.24 -31.65
CA GLU A 219 -11.18 -15.05 -30.55
C GLU A 219 -12.59 -15.29 -31.06
N ARG A 220 -12.76 -15.20 -32.38
CA ARG A 220 -14.06 -15.46 -32.98
C ARG A 220 -15.23 -14.72 -32.28
N THR A 221 -15.06 -13.42 -32.05
CA THR A 221 -16.16 -12.61 -31.53
C THR A 221 -17.27 -12.48 -32.57
N LEU A 222 -18.44 -12.07 -32.10
CA LEU A 222 -19.58 -11.85 -32.98
C LEU A 222 -19.19 -10.83 -34.03
N ALA A 223 -18.67 -9.70 -33.57
CA ALA A 223 -18.33 -8.60 -34.47
C ALA A 223 -17.33 -9.01 -35.55
N THR A 224 -16.27 -9.74 -35.22
CA THR A 224 -15.35 -10.12 -36.29
C THR A 224 -15.97 -11.18 -37.22
N ASP A 225 -16.80 -12.07 -36.68
CA ASP A 225 -17.50 -13.01 -37.54
C ASP A 225 -18.37 -12.27 -38.55
N ILE A 226 -19.07 -11.24 -38.10
CA ILE A 226 -19.91 -10.46 -39.02
C ILE A 226 -19.03 -9.76 -40.04
N LEU A 227 -17.95 -9.11 -39.58
CA LEU A 227 -17.04 -8.43 -40.50
C LEU A 227 -16.44 -9.38 -41.54
N MET A 228 -16.04 -10.57 -41.13
CA MET A 228 -15.52 -11.56 -42.08
C MET A 228 -16.54 -11.86 -43.19
N GLY A 229 -17.81 -12.03 -42.80
CA GLY A 229 -18.88 -12.30 -43.76
C GLY A 229 -18.80 -11.08 -44.65
N LEU A 230 -19.19 -9.92 -44.14
CA LEU A 230 -19.35 -8.72 -44.95
C LEU A 230 -18.19 -8.54 -45.93
N LEU A 231 -16.97 -8.66 -45.42
CA LEU A 231 -15.82 -8.30 -46.23
C LEU A 231 -15.62 -9.29 -47.37
N LYS A 232 -16.06 -10.52 -47.17
CA LYS A 232 -15.99 -11.54 -48.20
C LYS A 232 -16.85 -11.12 -49.40
N GLN A 233 -17.84 -10.24 -49.17
CA GLN A 233 -18.64 -9.72 -50.29
C GLN A 233 -18.14 -8.36 -50.79
N VAL A 234 -17.70 -7.50 -49.87
CA VAL A 234 -17.26 -6.16 -50.24
C VAL A 234 -16.11 -6.30 -51.22
N VAL A 235 -15.34 -7.36 -51.02
CA VAL A 235 -14.14 -7.58 -51.77
C VAL A 235 -14.44 -7.87 -53.25
N LYS A 236 -15.63 -8.37 -53.53
CA LYS A 236 -16.10 -8.55 -54.92
C LYS A 236 -16.46 -7.21 -55.55
N ARG A 237 -16.89 -6.26 -54.73
CA ARG A 237 -17.33 -4.96 -55.22
C ARG A 237 -16.22 -3.91 -55.27
N ARG A 238 -15.15 -4.14 -54.51
CA ARG A 238 -13.98 -3.27 -54.65
C ARG A 238 -12.65 -4.00 -54.78
N PRO A 239 -12.09 -3.97 -55.99
CA PRO A 239 -10.79 -4.55 -56.29
C PRO A 239 -9.66 -3.80 -55.58
N ASP A 240 -9.92 -2.57 -55.16
CA ASP A 240 -8.91 -1.73 -54.52
C ASP A 240 -8.80 -1.99 -53.01
N LEU A 241 -9.58 -2.93 -52.50
CA LEU A 241 -9.56 -3.21 -51.07
C LEU A 241 -8.79 -4.47 -50.77
N LYS A 242 -7.85 -4.37 -49.84
CA LYS A 242 -7.10 -5.54 -49.40
C LYS A 242 -7.47 -5.91 -47.98
N ILE A 243 -7.39 -7.20 -47.69
CA ILE A 243 -7.86 -7.73 -46.43
C ILE A 243 -6.84 -8.69 -45.87
N ILE A 244 -6.50 -8.50 -44.61
CA ILE A 244 -5.58 -9.36 -43.88
C ILE A 244 -6.28 -9.91 -42.65
N ILE A 245 -6.26 -11.23 -42.49
CA ILE A 245 -6.82 -11.88 -41.31
C ILE A 245 -5.68 -12.35 -40.43
N MET A 246 -5.58 -11.79 -39.22
CA MET A 246 -4.49 -12.17 -38.32
C MET A 246 -5.00 -12.96 -37.12
N SER A 247 -4.22 -13.97 -36.74
CA SER A 247 -4.65 -14.91 -35.72
C SER A 247 -3.42 -15.46 -35.01
N ALA A 248 -3.62 -15.81 -33.75
CA ALA A 248 -2.56 -16.41 -32.96
C ALA A 248 -2.52 -17.93 -33.11
N THR A 249 -3.63 -18.54 -33.50
CA THR A 249 -3.66 -19.99 -33.62
C THR A 249 -3.00 -20.43 -34.91
N LEU A 250 -1.93 -21.21 -34.78
CA LEU A 250 -1.17 -21.67 -35.93
C LEU A 250 -2.04 -22.56 -36.83
N ASP A 251 -3.28 -22.75 -36.41
CA ASP A 251 -4.35 -23.31 -37.25
C ASP A 251 -4.86 -22.25 -38.22
N ALA A 252 -4.94 -22.59 -39.50
CA ALA A 252 -5.34 -21.63 -40.52
C ALA A 252 -6.27 -22.23 -41.57
N GLU A 253 -6.16 -23.55 -41.77
CA GLU A 253 -6.96 -24.27 -42.75
C GLU A 253 -8.39 -23.71 -42.90
N LYS A 254 -9.16 -23.82 -41.82
CA LYS A 254 -10.55 -23.38 -41.82
C LYS A 254 -10.73 -21.94 -42.33
N PHE A 255 -9.83 -21.05 -41.91
CA PHE A 255 -9.89 -19.66 -42.38
C PHE A 255 -9.57 -19.53 -43.85
N GLN A 256 -8.53 -20.25 -44.29
CA GLN A 256 -8.13 -20.18 -45.70
C GLN A 256 -9.23 -20.66 -46.61
N ARG A 257 -9.86 -21.77 -46.22
CA ARG A 257 -10.99 -22.30 -46.97
C ARG A 257 -12.11 -21.28 -47.04
N TYR A 258 -12.45 -20.72 -45.88
CA TYR A 258 -13.56 -19.78 -45.81
C TYR A 258 -13.32 -18.60 -46.74
N PHE A 259 -12.07 -18.16 -46.83
CA PHE A 259 -11.72 -17.03 -47.68
C PHE A 259 -11.18 -17.48 -49.05
N ASN A 260 -11.85 -18.47 -49.64
CA ASN A 260 -11.58 -18.87 -51.01
C ASN A 260 -10.13 -19.29 -51.25
N ASP A 261 -9.61 -20.15 -50.38
CA ASP A 261 -8.25 -20.66 -50.49
C ASP A 261 -7.19 -19.56 -50.43
N ALA A 262 -7.44 -18.55 -49.61
CA ALA A 262 -6.45 -17.50 -49.42
C ALA A 262 -5.14 -18.10 -48.95
N PRO A 263 -4.04 -17.43 -49.26
CA PRO A 263 -2.70 -17.88 -48.84
C PRO A 263 -2.42 -17.57 -47.38
N LEU A 264 -1.48 -18.31 -46.81
CA LEU A 264 -1.15 -18.20 -45.40
C LEU A 264 0.33 -17.89 -45.18
N LEU A 265 0.58 -16.92 -44.33
CA LEU A 265 1.94 -16.68 -43.85
C LEU A 265 2.00 -17.01 -42.36
N ALA A 266 2.91 -17.90 -41.99
CA ALA A 266 3.04 -18.31 -40.60
C ALA A 266 4.39 -17.87 -40.06
N VAL A 267 4.38 -17.27 -38.88
CA VAL A 267 5.61 -16.88 -38.20
C VAL A 267 6.04 -17.99 -37.26
N PRO A 268 7.28 -18.47 -37.42
CA PRO A 268 7.74 -19.54 -36.52
C PRO A 268 7.76 -19.08 -35.06
N GLY A 269 7.39 -19.98 -34.15
CA GLY A 269 7.34 -19.63 -32.74
C GLY A 269 8.73 -19.45 -32.16
N ARG A 270 8.87 -18.51 -31.23
CA ARG A 270 10.15 -18.29 -30.58
C ARG A 270 10.03 -18.36 -29.07
N THR A 271 9.07 -19.01 -28.53
CA THR A 271 8.86 -19.09 -27.14
C THR A 271 9.70 -19.95 -26.48
N TYR A 272 10.23 -19.50 -25.36
CA TYR A 272 11.13 -20.31 -24.54
C TYR A 272 10.36 -21.36 -23.75
N PRO A 273 11.07 -22.38 -23.27
CA PRO A 273 10.42 -23.43 -22.47
C PRO A 273 9.77 -22.81 -21.25
N VAL A 274 8.63 -23.36 -20.84
CA VAL A 274 7.93 -22.89 -19.66
C VAL A 274 7.64 -24.07 -18.76
N GLU A 275 8.21 -24.05 -17.55
CA GLU A 275 8.01 -25.14 -16.59
C GLU A 275 6.63 -24.99 -15.94
N LEU A 276 5.88 -26.10 -15.90
CA LEU A 276 4.51 -26.06 -15.42
C LEU A 276 4.40 -26.65 -14.03
N TYR A 277 3.79 -25.89 -13.11
CA TYR A 277 3.52 -26.38 -11.77
C TYR A 277 2.02 -26.56 -11.58
N TYR A 278 1.62 -27.69 -11.02
CA TYR A 278 0.21 -27.98 -10.78
C TYR A 278 -0.03 -28.18 -9.29
N THR A 279 -1.26 -27.95 -8.84
CA THR A 279 -1.64 -28.29 -7.47
C THR A 279 -1.91 -29.78 -7.38
N PRO A 280 -1.51 -30.41 -6.27
CA PRO A 280 -1.76 -31.85 -6.07
C PRO A 280 -3.24 -32.12 -5.91
N GLU A 281 -3.94 -31.22 -5.22
CA GLU A 281 -5.37 -31.38 -4.94
C GLU A 281 -6.19 -30.28 -5.61
N PHE A 282 -7.48 -30.54 -5.78
CA PHE A 282 -8.42 -29.51 -6.23
C PHE A 282 -8.37 -28.31 -5.29
N GLN A 283 -8.55 -27.12 -5.85
CA GLN A 283 -8.41 -25.88 -5.08
C GLN A 283 -9.76 -25.19 -4.98
N ARG A 284 -10.41 -25.30 -3.82
CA ARG A 284 -11.76 -24.78 -3.67
C ARG A 284 -11.79 -23.25 -3.74
N ASP A 285 -10.77 -22.60 -3.19
CA ASP A 285 -10.78 -21.16 -3.08
C ASP A 285 -9.53 -20.57 -3.74
N TYR A 286 -9.65 -20.17 -5.00
CA TYR A 286 -8.46 -19.79 -5.76
C TYR A 286 -7.84 -18.43 -5.46
N LEU A 287 -8.64 -17.45 -5.04
CA LEU A 287 -8.10 -16.10 -4.86
C LEU A 287 -6.93 -16.05 -3.88
N ASP A 288 -7.14 -16.59 -2.68
CA ASP A 288 -6.10 -16.59 -1.65
C ASP A 288 -4.93 -17.46 -2.05
N SER A 289 -5.21 -18.56 -2.74
CA SER A 289 -4.15 -19.39 -3.28
C SER A 289 -3.31 -18.63 -4.32
N ALA A 290 -3.97 -17.92 -5.23
CA ALA A 290 -3.27 -17.07 -6.18
C ALA A 290 -2.40 -16.01 -5.48
N ILE A 291 -2.96 -15.36 -4.47
CA ILE A 291 -2.23 -14.33 -3.73
C ILE A 291 -1.00 -14.91 -3.06
N ARG A 292 -1.18 -16.06 -2.43
CA ARG A 292 -0.10 -16.74 -1.75
C ARG A 292 1.03 -17.10 -2.72
N THR A 293 0.67 -17.59 -3.91
CA THR A 293 1.73 -17.99 -4.85
C THR A 293 2.47 -16.83 -5.51
N VAL A 294 1.80 -15.69 -5.72
CA VAL A 294 2.49 -14.49 -6.14
C VAL A 294 3.58 -14.06 -5.12
N LEU A 295 3.25 -14.04 -3.83
CA LEU A 295 4.18 -13.59 -2.80
C LEU A 295 5.35 -14.57 -2.65
N GLN A 296 5.04 -15.84 -2.76
CA GLN A 296 6.06 -16.88 -2.73
C GLN A 296 7.03 -16.73 -3.91
N ILE A 297 6.48 -16.56 -5.11
CA ILE A 297 7.32 -16.29 -6.28
C ILE A 297 8.27 -15.12 -6.00
N HIS A 298 7.72 -14.02 -5.50
CA HIS A 298 8.51 -12.82 -5.34
C HIS A 298 9.63 -13.00 -4.33
N ALA A 299 9.39 -13.80 -3.30
CA ALA A 299 10.34 -13.96 -2.20
C ALA A 299 11.40 -15.01 -2.51
N THR A 300 11.09 -15.92 -3.42
CA THR A 300 11.96 -17.07 -3.63
C THR A 300 12.54 -17.24 -5.04
N GLU A 301 11.93 -16.65 -6.07
CA GLU A 301 12.41 -16.85 -7.45
C GLU A 301 13.31 -15.70 -7.88
N GLU A 302 14.15 -15.93 -8.88
CA GLU A 302 15.00 -14.86 -9.36
C GLU A 302 14.25 -13.86 -10.22
N ALA A 303 14.89 -12.76 -10.55
CA ALA A 303 14.31 -11.66 -11.30
C ALA A 303 13.38 -12.15 -12.43
N GLY A 304 12.31 -11.41 -12.64
CA GLY A 304 11.30 -11.78 -13.63
C GLY A 304 9.96 -11.35 -13.11
N ASP A 305 9.16 -10.73 -13.97
CA ASP A 305 7.91 -10.17 -13.53
C ASP A 305 6.79 -11.20 -13.52
N ILE A 306 5.71 -10.89 -12.85
CA ILE A 306 4.63 -11.85 -12.66
C ILE A 306 3.35 -11.40 -13.33
N LEU A 307 2.71 -12.33 -14.03
CA LEU A 307 1.39 -12.09 -14.61
C LEU A 307 0.36 -13.00 -13.93
N LEU A 308 -0.58 -12.40 -13.21
CA LEU A 308 -1.64 -13.14 -12.56
C LEU A 308 -2.94 -12.93 -13.32
N PHE A 309 -3.60 -14.02 -13.70
CA PHE A 309 -4.87 -13.91 -14.41
C PHE A 309 -6.02 -14.01 -13.44
N LEU A 310 -6.81 -12.94 -13.35
CA LEU A 310 -8.06 -13.02 -12.63
C LEU A 310 -9.22 -12.79 -13.59
N THR A 311 -10.36 -12.44 -13.03
CA THR A 311 -11.63 -12.65 -13.69
C THR A 311 -12.46 -11.39 -13.97
N GLY A 312 -12.31 -10.38 -13.11
CA GLY A 312 -13.08 -9.14 -13.24
C GLY A 312 -12.52 -8.03 -12.38
N GLU A 313 -12.98 -6.81 -12.63
CA GLU A 313 -12.35 -5.64 -12.02
C GLU A 313 -12.41 -5.61 -10.48
N ASP A 314 -13.56 -5.94 -9.90
CA ASP A 314 -13.68 -5.94 -8.45
C ASP A 314 -12.70 -6.91 -7.80
N GLU A 315 -12.69 -8.14 -8.30
CA GLU A 315 -11.74 -9.16 -7.85
C GLU A 315 -10.31 -8.67 -8.04
N ILE A 316 -10.04 -8.06 -9.18
CA ILE A 316 -8.70 -7.59 -9.46
C ILE A 316 -8.28 -6.46 -8.50
N GLU A 317 -9.14 -5.47 -8.30
CA GLU A 317 -8.82 -4.37 -7.41
C GLU A 317 -8.60 -4.91 -6.00
N ASP A 318 -9.38 -5.92 -5.63
CA ASP A 318 -9.24 -6.53 -4.32
C ASP A 318 -7.86 -7.18 -4.17
N ALA A 319 -7.40 -7.83 -5.24
CA ALA A 319 -6.12 -8.52 -5.20
C ALA A 319 -4.98 -7.52 -5.27
N VAL A 320 -5.19 -6.41 -5.97
CA VAL A 320 -4.17 -5.38 -6.04
C VAL A 320 -3.89 -4.86 -4.62
N ARG A 321 -4.95 -4.58 -3.87
CA ARG A 321 -4.73 -4.05 -2.52
C ARG A 321 -4.13 -5.08 -1.56
N LYS A 322 -4.61 -6.33 -1.61
CA LYS A 322 -4.03 -7.38 -0.76
C LYS A 322 -2.56 -7.67 -1.09
N ILE A 323 -2.23 -7.78 -2.37
CA ILE A 323 -0.86 -8.12 -2.74
C ILE A 323 0.05 -6.93 -2.48
N SER A 324 -0.46 -5.73 -2.74
CA SER A 324 0.30 -4.51 -2.48
C SER A 324 0.63 -4.46 -0.99
N LEU A 325 -0.40 -4.63 -0.16
CA LEU A 325 -0.24 -4.53 1.28
C LEU A 325 0.72 -5.59 1.81
N GLU A 326 0.58 -6.82 1.33
CA GLU A 326 1.45 -7.89 1.81
C GLU A 326 2.87 -7.76 1.26
N GLY A 327 2.99 -7.18 0.07
CA GLY A 327 4.29 -6.92 -0.51
C GLY A 327 5.08 -5.96 0.36
N ASP A 328 4.46 -4.84 0.73
CA ASP A 328 5.06 -3.86 1.62
C ASP A 328 5.50 -4.51 2.92
N GLN A 329 4.65 -5.37 3.46
CA GLN A 329 4.96 -6.07 4.70
C GLN A 329 6.19 -6.96 4.54
N LEU A 330 6.36 -7.56 3.37
CA LEU A 330 7.52 -8.42 3.09
C LEU A 330 8.83 -7.65 2.98
N VAL A 331 8.77 -6.42 2.48
CA VAL A 331 9.97 -5.58 2.41
C VAL A 331 10.47 -5.30 3.82
N ARG A 332 9.57 -4.80 4.68
CA ARG A 332 9.95 -4.40 6.02
C ARG A 332 10.31 -5.58 6.92
N GLU A 333 9.59 -6.69 6.75
CA GLU A 333 9.75 -7.83 7.66
C GLU A 333 10.85 -8.80 7.23
N GLU A 334 10.95 -9.07 5.94
CA GLU A 334 11.88 -10.08 5.45
C GLU A 334 12.99 -9.52 4.57
N GLY A 335 12.90 -8.25 4.20
CA GLY A 335 13.89 -7.64 3.33
C GLY A 335 13.74 -8.00 1.86
N CYS A 336 12.52 -8.28 1.42
CA CYS A 336 12.30 -8.56 -0.01
C CYS A 336 12.53 -7.31 -0.83
N GLY A 337 12.71 -7.48 -2.14
CA GLY A 337 12.82 -6.34 -3.03
C GLY A 337 11.47 -5.69 -3.11
N PRO A 338 11.42 -4.45 -3.64
CA PRO A 338 10.13 -3.78 -3.81
C PRO A 338 9.25 -4.55 -4.80
N LEU A 339 7.93 -4.43 -4.65
CA LEU A 339 7.00 -5.13 -5.52
C LEU A 339 5.93 -4.17 -5.97
N SER A 340 5.96 -3.80 -7.24
CA SER A 340 4.92 -2.93 -7.78
C SER A 340 3.75 -3.79 -8.28
N VAL A 341 2.54 -3.25 -8.24
CA VAL A 341 1.35 -4.06 -8.53
C VAL A 341 0.41 -3.22 -9.36
N TYR A 342 -0.06 -3.77 -10.49
CA TYR A 342 -0.88 -3.00 -11.41
C TYR A 342 -2.11 -3.80 -11.81
N PRO A 343 -3.28 -3.15 -11.88
CA PRO A 343 -4.48 -3.80 -12.44
C PRO A 343 -4.52 -3.70 -13.97
N LEU A 344 -5.17 -4.66 -14.61
CA LEU A 344 -5.52 -4.57 -16.03
C LEU A 344 -6.89 -5.21 -16.28
N TYR A 345 -7.82 -4.41 -16.80
CA TYR A 345 -9.13 -4.91 -17.13
C TYR A 345 -9.84 -3.98 -18.08
N GLY A 346 -10.95 -4.46 -18.63
CA GLY A 346 -11.62 -3.82 -19.74
C GLY A 346 -11.90 -2.34 -19.64
N SER A 347 -12.17 -1.84 -18.42
CA SER A 347 -12.67 -0.49 -18.26
C SER A 347 -11.62 0.51 -17.80
N LEU A 348 -10.40 0.05 -17.60
CA LEU A 348 -9.33 0.93 -17.16
C LEU A 348 -9.14 2.12 -18.10
N PRO A 349 -9.01 3.32 -17.52
CA PRO A 349 -8.66 4.49 -18.34
C PRO A 349 -7.28 4.28 -18.96
N PRO A 350 -7.03 4.94 -20.10
CA PRO A 350 -5.78 4.77 -20.85
C PRO A 350 -4.53 5.05 -20.01
N HIS A 351 -4.53 6.13 -19.23
CA HIS A 351 -3.33 6.47 -18.48
C HIS A 351 -3.02 5.14 -17.76
N GLN A 352 -3.99 4.63 -17.01
CA GLN A 352 -3.73 3.52 -16.10
C GLN A 352 -3.30 2.26 -16.85
N GLN A 353 -3.90 2.02 -18.01
CA GLN A 353 -3.46 0.93 -18.89
C GLN A 353 -1.97 1.00 -19.12
N GLN A 354 -1.50 2.19 -19.44
CA GLN A 354 -0.11 2.43 -19.79
C GLN A 354 0.84 2.10 -18.64
N ARG A 355 0.31 2.08 -17.43
CA ARG A 355 1.13 1.80 -16.26
C ARG A 355 1.70 0.38 -16.22
N ILE A 356 1.00 -0.56 -16.86
CA ILE A 356 1.42 -1.95 -16.82
C ILE A 356 2.78 -2.14 -17.50
N PHE A 357 3.17 -1.19 -18.34
CA PHE A 357 4.42 -1.31 -19.09
C PHE A 357 5.64 -0.70 -18.39
N GLU A 358 5.44 -0.17 -17.19
CA GLU A 358 6.51 0.45 -16.43
C GLU A 358 7.54 -0.59 -15.98
N PRO A 359 8.81 -0.22 -16.00
CA PRO A 359 9.89 -1.09 -15.50
C PRO A 359 9.68 -1.44 -14.03
N ALA A 360 10.03 -2.67 -13.66
CA ALA A 360 9.99 -3.06 -12.26
C ALA A 360 10.86 -2.09 -11.48
N PRO A 361 10.49 -1.82 -10.22
CA PRO A 361 11.22 -0.89 -9.36
C PRO A 361 12.62 -1.42 -9.06
N GLU A 362 13.62 -0.54 -8.96
CA GLU A 362 14.95 -0.98 -8.57
C GLU A 362 14.99 -1.27 -7.07
N SER A 363 15.68 -2.34 -6.72
CA SER A 363 15.94 -2.67 -5.35
C SER A 363 17.23 -2.02 -4.85
N HIS A 364 17.18 -1.49 -3.64
CA HIS A 364 18.38 -0.97 -2.99
C HIS A 364 18.63 -1.90 -1.82
N ASN A 365 18.53 -3.19 -2.08
CA ASN A 365 18.30 -4.17 -1.04
C ASN A 365 19.15 -5.41 -1.23
N GLY A 366 19.51 -5.69 -2.47
CA GLY A 366 20.19 -6.92 -2.80
C GLY A 366 19.24 -8.03 -3.24
N ARG A 367 17.96 -7.85 -2.94
CA ARG A 367 16.94 -8.77 -3.43
C ARG A 367 16.15 -8.13 -4.57
N PRO A 368 15.72 -8.93 -5.56
CA PRO A 368 15.16 -8.36 -6.79
C PRO A 368 13.89 -7.54 -6.58
N GLY A 369 13.84 -6.39 -7.23
CA GLY A 369 12.62 -5.61 -7.37
C GLY A 369 11.81 -6.35 -8.43
N ARG A 370 10.51 -6.11 -8.50
CA ARG A 370 9.69 -6.95 -9.34
C ARG A 370 8.32 -6.33 -9.57
N LYS A 371 7.76 -6.58 -10.75
CA LYS A 371 6.41 -6.11 -11.07
C LYS A 371 5.42 -7.26 -11.09
N VAL A 372 4.20 -6.99 -10.63
CA VAL A 372 3.08 -7.93 -10.80
C VAL A 372 1.97 -7.23 -11.58
N VAL A 373 1.56 -7.83 -12.69
CA VAL A 373 0.38 -7.34 -13.40
C VAL A 373 -0.77 -8.30 -13.14
N ILE A 374 -1.87 -7.76 -12.64
CA ILE A 374 -3.02 -8.58 -12.30
C ILE A 374 -4.09 -8.31 -13.34
N SER A 375 -4.29 -9.28 -14.22
CA SER A 375 -5.00 -9.04 -15.45
C SER A 375 -6.15 -10.00 -15.68
N THR A 376 -7.14 -9.52 -16.40
CA THR A 376 -8.14 -10.38 -17.00
C THR A 376 -7.50 -11.06 -18.24
N ASN A 377 -8.27 -11.87 -18.96
CA ASN A 377 -7.71 -12.55 -20.13
C ASN A 377 -7.38 -11.64 -21.32
N ILE A 378 -7.41 -10.33 -21.09
CA ILE A 378 -6.83 -9.41 -22.05
C ILE A 378 -5.39 -9.79 -22.33
N ALA A 379 -4.68 -10.22 -21.28
CA ALA A 379 -3.25 -10.52 -21.39
C ALA A 379 -3.00 -11.95 -21.88
N GLU A 380 -4.05 -12.64 -22.31
CA GLU A 380 -3.91 -13.99 -22.83
C GLU A 380 -3.28 -13.98 -24.23
N THR A 381 -3.88 -13.26 -25.17
CA THR A 381 -3.27 -13.13 -26.50
C THR A 381 -3.26 -11.70 -27.05
N SER A 382 -3.96 -10.78 -26.40
CA SER A 382 -4.23 -9.46 -26.98
C SER A 382 -3.07 -8.47 -26.94
N LEU A 383 -2.17 -8.64 -25.98
CA LEU A 383 -1.02 -7.76 -25.87
C LEU A 383 0.08 -8.43 -25.07
N THR A 384 1.28 -7.85 -25.05
CA THR A 384 2.32 -8.42 -24.20
C THR A 384 3.01 -7.36 -23.37
N ILE A 385 3.34 -7.77 -22.17
CA ILE A 385 4.10 -6.96 -21.24
C ILE A 385 5.49 -7.56 -21.21
N ASP A 386 6.46 -6.83 -21.74
CA ASP A 386 7.83 -7.32 -21.75
C ASP A 386 8.29 -7.60 -20.33
N GLY A 387 8.96 -8.73 -20.13
CA GLY A 387 9.65 -8.97 -18.87
C GLY A 387 8.95 -9.94 -17.94
N ILE A 388 7.76 -10.36 -18.34
CA ILE A 388 7.04 -11.42 -17.63
C ILE A 388 7.85 -12.73 -17.71
N VAL A 389 8.02 -13.41 -16.60
CA VAL A 389 8.72 -14.68 -16.57
C VAL A 389 7.90 -15.71 -15.77
N TYR A 390 6.95 -15.22 -14.98
CA TYR A 390 6.11 -16.09 -14.16
C TYR A 390 4.64 -15.80 -14.38
N VAL A 391 3.86 -16.84 -14.66
CA VAL A 391 2.41 -16.72 -14.79
C VAL A 391 1.72 -17.50 -13.67
N VAL A 392 0.68 -16.92 -13.11
CA VAL A 392 -0.16 -17.64 -12.15
C VAL A 392 -1.54 -17.81 -12.79
N ASP A 393 -1.98 -19.06 -12.94
CA ASP A 393 -3.22 -19.35 -13.67
C ASP A 393 -4.25 -20.07 -12.82
N PRO A 394 -5.21 -19.31 -12.25
CA PRO A 394 -6.29 -19.88 -11.44
C PRO A 394 -7.21 -20.75 -12.28
N GLY A 395 -7.25 -20.51 -13.59
CA GLY A 395 -8.02 -21.34 -14.50
C GLY A 395 -9.44 -20.89 -14.83
N PHE A 396 -9.74 -19.61 -14.58
CA PHE A 396 -11.10 -19.09 -14.72
C PHE A 396 -11.15 -17.83 -15.55
N SER A 397 -12.29 -17.58 -16.19
CA SER A 397 -12.53 -16.32 -16.87
C SER A 397 -14.01 -16.02 -16.89
N LYS A 398 -14.36 -14.77 -17.16
CA LYS A 398 -15.77 -14.41 -17.28
C LYS A 398 -16.18 -14.70 -18.71
N GLN A 399 -17.14 -15.62 -18.89
CA GLN A 399 -17.56 -16.03 -20.23
C GLN A 399 -19.05 -15.87 -20.47
N LYS A 400 -19.40 -15.42 -21.67
CA LYS A 400 -20.79 -15.27 -22.05
C LYS A 400 -21.38 -16.66 -22.28
N VAL A 401 -22.54 -16.90 -21.71
CA VAL A 401 -23.22 -18.16 -21.89
C VAL A 401 -24.66 -17.88 -22.33
N TYR A 402 -25.17 -18.70 -23.24
CA TYR A 402 -26.54 -18.53 -23.71
C TYR A 402 -27.36 -19.77 -23.38
N ASN A 403 -28.64 -19.57 -23.10
CA ASN A 403 -29.52 -20.70 -22.84
C ASN A 403 -30.72 -20.67 -23.78
N PRO A 404 -30.73 -21.57 -24.78
CA PRO A 404 -31.76 -21.60 -25.82
C PRO A 404 -33.16 -21.94 -25.28
N ARG A 405 -33.20 -22.76 -24.24
CA ARG A 405 -34.46 -23.24 -23.70
C ARG A 405 -35.15 -22.18 -22.84
N ILE A 406 -34.36 -21.26 -22.31
CA ILE A 406 -34.89 -20.15 -21.52
C ILE A 406 -34.69 -18.82 -22.25
N ARG A 407 -33.91 -18.86 -23.32
CA ARG A 407 -33.71 -17.71 -24.19
C ARG A 407 -33.09 -16.54 -23.44
N VAL A 408 -31.87 -16.72 -22.92
CA VAL A 408 -31.21 -15.66 -22.18
C VAL A 408 -29.69 -15.81 -22.06
N GLU A 409 -29.00 -14.69 -22.26
CA GLU A 409 -27.58 -14.62 -22.01
C GLU A 409 -27.33 -14.44 -20.51
N SER A 410 -26.10 -14.70 -20.10
CA SER A 410 -25.61 -14.37 -18.77
C SER A 410 -24.09 -14.53 -18.77
N LEU A 411 -23.41 -13.58 -18.13
CA LEU A 411 -21.96 -13.64 -17.97
C LEU A 411 -21.62 -14.40 -16.69
N LEU A 412 -20.93 -15.54 -16.84
CA LEU A 412 -20.59 -16.38 -15.72
C LEU A 412 -19.08 -16.57 -15.61
N VAL A 413 -18.58 -16.65 -14.39
CA VAL A 413 -17.19 -17.05 -14.14
C VAL A 413 -17.07 -18.56 -14.29
N SER A 414 -16.26 -18.99 -15.25
CA SER A 414 -16.21 -20.41 -15.62
C SER A 414 -14.78 -20.87 -15.90
N PRO A 415 -14.55 -22.18 -15.79
CA PRO A 415 -13.25 -22.78 -16.13
C PRO A 415 -12.87 -22.44 -17.56
N ILE A 416 -11.59 -22.14 -17.80
CA ILE A 416 -11.13 -21.80 -19.13
C ILE A 416 -10.89 -23.03 -19.98
N SER A 417 -10.72 -22.82 -21.28
CA SER A 417 -10.40 -23.91 -22.18
C SER A 417 -8.94 -24.31 -22.04
N LYS A 418 -8.61 -25.48 -22.55
CA LYS A 418 -7.25 -25.96 -22.54
C LYS A 418 -6.39 -25.05 -23.41
N ALA A 419 -6.93 -24.66 -24.56
CA ALA A 419 -6.21 -23.72 -25.42
C ALA A 419 -5.87 -22.43 -24.67
N SER A 420 -6.83 -21.90 -23.91
CA SER A 420 -6.58 -20.69 -23.14
C SER A 420 -5.48 -20.95 -22.12
N ALA A 421 -5.55 -22.10 -21.47
CA ALA A 421 -4.55 -22.45 -20.45
C ALA A 421 -3.17 -22.48 -21.09
N GLN A 422 -3.09 -23.02 -22.30
CA GLN A 422 -1.85 -23.05 -23.06
C GLN A 422 -1.35 -21.65 -23.38
N GLN A 423 -2.25 -20.77 -23.82
CA GLN A 423 -1.89 -19.39 -24.13
C GLN A 423 -1.36 -18.64 -22.90
N ARG A 424 -2.02 -18.81 -21.77
CA ARG A 424 -1.59 -18.17 -20.52
C ARG A 424 -0.16 -18.58 -20.17
N ALA A 425 0.12 -19.88 -20.28
CA ALA A 425 1.42 -20.41 -19.90
C ALA A 425 2.48 -19.86 -20.81
N GLY A 426 2.11 -19.74 -22.09
CA GLY A 426 2.99 -19.20 -23.10
C GLY A 426 3.53 -17.80 -22.79
N ARG A 427 2.72 -16.97 -22.13
CA ARG A 427 3.13 -15.61 -21.81
C ARG A 427 4.39 -15.60 -20.93
N ALA A 428 4.65 -16.70 -20.25
CA ALA A 428 5.83 -16.79 -19.37
C ALA A 428 7.14 -17.02 -20.13
N GLY A 429 7.05 -17.35 -21.42
CA GLY A 429 8.25 -17.73 -22.15
C GLY A 429 8.69 -16.78 -23.24
N ARG A 430 8.24 -15.53 -23.18
CA ARG A 430 8.53 -14.60 -24.28
C ARG A 430 9.98 -14.13 -24.26
N THR A 431 10.53 -13.91 -23.07
CA THR A 431 11.85 -13.30 -22.99
C THR A 431 12.94 -14.31 -22.61
N ARG A 432 12.59 -15.27 -21.75
CA ARG A 432 13.53 -16.30 -21.29
C ARG A 432 12.71 -17.46 -20.73
N PRO A 433 13.38 -18.58 -20.40
CA PRO A 433 12.70 -19.73 -19.81
C PRO A 433 11.89 -19.34 -18.58
N GLY A 434 10.62 -19.71 -18.55
CA GLY A 434 9.72 -19.22 -17.52
C GLY A 434 9.02 -20.31 -16.74
N LYS A 435 8.06 -19.90 -15.91
CA LYS A 435 7.30 -20.83 -15.12
C LYS A 435 5.83 -20.44 -15.13
N CYS A 436 4.95 -21.44 -15.12
CA CYS A 436 3.52 -21.19 -15.00
C CYS A 436 2.93 -22.02 -13.89
N PHE A 437 2.27 -21.35 -12.95
CA PHE A 437 1.70 -22.00 -11.78
C PHE A 437 0.18 -22.13 -11.97
N ARG A 438 -0.27 -23.35 -12.25
CA ARG A 438 -1.69 -23.60 -12.48
C ARG A 438 -2.35 -24.04 -11.20
N LEU A 439 -3.41 -23.34 -10.80
CA LEU A 439 -4.04 -23.61 -9.51
C LEU A 439 -5.06 -24.74 -9.64
N TYR A 440 -4.64 -25.79 -10.31
CA TYR A 440 -5.48 -26.96 -10.54
C TYR A 440 -4.61 -28.17 -10.87
N THR A 441 -5.23 -29.34 -10.98
CA THR A 441 -4.47 -30.58 -11.13
C THR A 441 -4.07 -30.84 -12.57
N GLU A 442 -2.99 -31.60 -12.74
CA GLU A 442 -2.59 -32.02 -14.09
C GLU A 442 -3.72 -32.81 -14.75
N GLU A 443 -4.42 -33.60 -13.95
CA GLU A 443 -5.54 -34.37 -14.46
C GLU A 443 -6.61 -33.45 -15.02
N ALA A 444 -6.98 -32.44 -14.21
CA ALA A 444 -7.99 -31.47 -14.63
C ALA A 444 -7.62 -30.81 -15.96
N PHE A 445 -6.35 -30.48 -16.11
CA PHE A 445 -5.89 -29.86 -17.35
C PHE A 445 -6.01 -30.84 -18.52
N GLN A 446 -5.70 -32.11 -18.26
CA GLN A 446 -5.68 -33.08 -19.34
C GLN A 446 -7.07 -33.62 -19.70
N LYS A 447 -7.96 -33.71 -18.72
CA LYS A 447 -9.24 -34.38 -18.95
C LYS A 447 -10.49 -33.54 -18.71
N GLU A 448 -10.40 -32.55 -17.82
CA GLU A 448 -11.58 -31.74 -17.47
C GLU A 448 -11.83 -30.54 -18.38
N LEU A 449 -10.81 -29.71 -18.59
CA LEU A 449 -10.98 -28.48 -19.37
C LEU A 449 -11.43 -28.80 -20.80
N ILE A 450 -12.46 -28.13 -21.29
CA ILE A 450 -12.85 -28.27 -22.68
C ILE A 450 -11.70 -27.83 -23.59
N GLU A 451 -11.62 -28.42 -24.77
CA GLU A 451 -10.52 -28.16 -25.68
C GLU A 451 -10.48 -26.71 -26.11
N GLN A 452 -11.61 -26.24 -26.64
CA GLN A 452 -11.72 -24.92 -27.23
C GLN A 452 -13.08 -24.35 -26.87
N SER A 453 -13.14 -23.04 -26.65
CA SER A 453 -14.42 -22.36 -26.42
C SER A 453 -15.18 -22.22 -27.74
N TYR A 454 -16.50 -22.18 -27.66
CA TYR A 454 -17.34 -21.97 -28.83
C TYR A 454 -17.33 -20.50 -29.30
N PRO A 455 -17.42 -20.28 -30.61
CA PRO A 455 -17.50 -18.91 -31.12
C PRO A 455 -18.68 -18.15 -30.52
N GLU A 456 -18.48 -16.87 -30.24
CA GLU A 456 -19.47 -16.04 -29.56
C GLU A 456 -20.85 -16.13 -30.20
N ILE A 457 -20.90 -16.25 -31.52
CA ILE A 457 -22.19 -16.23 -32.21
C ILE A 457 -23.11 -17.37 -31.78
N LEU A 458 -22.54 -18.44 -31.24
CA LEU A 458 -23.32 -19.62 -30.85
C LEU A 458 -23.70 -19.54 -29.37
N ARG A 459 -23.35 -18.44 -28.73
CA ARG A 459 -23.55 -18.25 -27.31
C ARG A 459 -24.17 -16.89 -27.12
N SER A 460 -24.99 -16.49 -28.08
CA SER A 460 -25.48 -15.12 -28.12
C SER A 460 -26.97 -15.00 -28.40
N ASN A 461 -27.58 -14.04 -27.73
CA ASN A 461 -28.85 -13.49 -28.16
C ASN A 461 -28.52 -12.60 -29.38
N LEU A 462 -29.34 -12.64 -30.42
CA LEU A 462 -28.92 -12.08 -31.69
C LEU A 462 -29.73 -10.82 -32.08
N SER A 463 -30.36 -10.17 -31.11
CA SER A 463 -31.25 -9.03 -31.46
C SER A 463 -30.43 -7.84 -31.95
N SER A 464 -29.33 -7.55 -31.28
CA SER A 464 -28.42 -6.53 -31.77
C SER A 464 -27.87 -6.89 -33.15
N THR A 465 -27.47 -8.15 -33.32
CA THR A 465 -26.86 -8.63 -34.56
C THR A 465 -27.81 -8.51 -35.75
N VAL A 466 -29.08 -8.82 -35.52
CA VAL A 466 -30.08 -8.73 -36.56
C VAL A 466 -30.32 -7.29 -37.01
N LEU A 467 -30.45 -6.37 -36.05
CA LEU A 467 -30.63 -4.96 -36.38
C LEU A 467 -29.45 -4.47 -37.22
N GLU A 468 -28.24 -4.88 -36.83
CA GLU A 468 -27.01 -4.53 -37.55
C GLU A 468 -27.02 -5.07 -38.98
N LEU A 469 -27.31 -6.36 -39.12
CA LEU A 469 -27.36 -6.97 -40.44
C LEU A 469 -28.41 -6.27 -41.32
N LYS A 470 -29.57 -5.96 -40.73
CA LYS A 470 -30.62 -5.25 -41.46
C LYS A 470 -30.12 -3.88 -41.90
N LYS A 471 -29.39 -3.21 -41.02
CA LYS A 471 -28.86 -1.90 -41.35
C LYS A 471 -27.83 -2.02 -42.48
N LEU A 472 -27.15 -3.16 -42.51
CA LEU A 472 -26.15 -3.40 -43.55
C LEU A 472 -26.82 -3.79 -44.86
N GLY A 473 -28.15 -3.83 -44.86
CA GLY A 473 -28.90 -4.14 -46.07
C GLY A 473 -28.92 -5.62 -46.41
N ILE A 474 -28.80 -6.46 -45.39
CA ILE A 474 -28.85 -7.91 -45.59
C ILE A 474 -30.27 -8.41 -45.39
N ASP A 475 -30.88 -8.91 -46.46
CA ASP A 475 -32.28 -9.35 -46.38
C ASP A 475 -32.43 -10.80 -45.96
N ASP A 476 -31.63 -11.69 -46.58
CA ASP A 476 -31.66 -13.11 -46.29
C ASP A 476 -30.78 -13.44 -45.08
N LEU A 477 -31.32 -13.26 -43.88
CA LEU A 477 -30.55 -13.43 -42.65
C LEU A 477 -30.10 -14.87 -42.42
N VAL A 478 -30.92 -15.80 -42.90
CA VAL A 478 -30.67 -17.22 -42.71
C VAL A 478 -29.45 -17.66 -43.48
N HIS A 479 -29.26 -17.11 -44.67
CA HIS A 479 -28.17 -17.52 -45.55
C HIS A 479 -26.99 -16.54 -45.54
N PHE A 480 -26.89 -15.69 -44.53
CA PHE A 480 -25.71 -14.86 -44.40
C PHE A 480 -24.51 -15.77 -44.21
N ASP A 481 -23.43 -15.50 -44.93
CA ASP A 481 -22.32 -16.42 -44.97
C ASP A 481 -21.47 -16.40 -43.69
N PHE A 482 -22.05 -16.85 -42.58
CA PHE A 482 -21.31 -16.94 -41.31
C PHE A 482 -20.34 -18.11 -41.38
N MET A 483 -19.18 -17.95 -40.76
CA MET A 483 -18.20 -19.04 -40.70
C MET A 483 -18.76 -20.19 -39.87
N ASP A 484 -19.50 -19.85 -38.82
CA ASP A 484 -20.27 -20.80 -38.04
C ASP A 484 -21.67 -20.22 -37.86
N PRO A 485 -22.65 -20.71 -38.63
CA PRO A 485 -24.04 -20.24 -38.57
C PRO A 485 -24.64 -20.44 -37.19
N PRO A 486 -25.44 -19.48 -36.71
CA PRO A 486 -26.20 -19.68 -35.47
C PRO A 486 -27.42 -20.55 -35.76
N ALA A 487 -28.04 -21.11 -34.73
CA ALA A 487 -29.30 -21.83 -34.93
C ALA A 487 -30.34 -20.87 -35.47
N PRO A 488 -31.03 -21.26 -36.55
CA PRO A 488 -32.08 -20.47 -37.20
C PRO A 488 -33.11 -19.93 -36.21
N GLU A 489 -33.32 -20.65 -35.11
CA GLU A 489 -34.38 -20.31 -34.17
C GLU A 489 -34.00 -19.11 -33.32
N THR A 490 -32.71 -18.98 -33.01
CA THR A 490 -32.27 -17.80 -32.29
C THR A 490 -32.48 -16.57 -33.18
N MET A 491 -32.19 -16.71 -34.46
CA MET A 491 -32.41 -15.64 -35.42
C MET A 491 -33.89 -15.27 -35.56
N MET A 492 -34.75 -16.27 -35.68
CA MET A 492 -36.17 -16.01 -35.79
C MET A 492 -36.67 -15.25 -34.57
N ARG A 493 -36.33 -15.74 -33.38
CA ARG A 493 -36.73 -15.06 -32.14
C ARG A 493 -36.26 -13.61 -32.11
N ALA A 494 -35.06 -13.36 -32.63
CA ALA A 494 -34.53 -11.99 -32.65
C ALA A 494 -35.36 -11.09 -33.57
N LEU A 495 -35.69 -11.60 -34.76
CA LEU A 495 -36.57 -10.87 -35.68
C LEU A 495 -37.90 -10.50 -35.03
N GLU A 496 -38.53 -11.48 -34.37
CA GLU A 496 -39.80 -11.26 -33.68
C GLU A 496 -39.67 -10.18 -32.60
N GLU A 497 -38.63 -10.28 -31.78
CA GLU A 497 -38.41 -9.29 -30.75
C GLU A 497 -38.30 -7.89 -31.33
N LEU A 498 -37.52 -7.76 -32.40
CA LEU A 498 -37.31 -6.46 -33.04
C LEU A 498 -38.61 -5.93 -33.63
N ASN A 499 -39.46 -6.85 -34.07
CA ASN A 499 -40.78 -6.46 -34.58
C ASN A 499 -41.65 -5.90 -33.45
N TYR A 500 -41.72 -6.63 -32.33
CA TYR A 500 -42.44 -6.12 -31.17
C TYR A 500 -41.88 -4.77 -30.73
N LEU A 501 -40.56 -4.61 -30.79
CA LEU A 501 -39.94 -3.33 -30.44
C LEU A 501 -40.22 -2.26 -31.49
N ALA A 502 -40.78 -2.68 -32.62
CA ALA A 502 -41.11 -1.78 -33.72
C ALA A 502 -39.87 -1.23 -34.44
N CYS A 503 -38.75 -1.93 -34.29
CA CYS A 503 -37.54 -1.61 -35.05
C CYS A 503 -37.60 -2.20 -36.44
N LEU A 504 -38.31 -3.32 -36.58
CA LEU A 504 -38.59 -3.92 -37.88
C LEU A 504 -40.10 -4.05 -38.04
N ASP A 505 -40.59 -3.97 -39.26
CA ASP A 505 -42.00 -4.25 -39.50
C ASP A 505 -42.20 -5.75 -39.69
N ASP A 506 -43.44 -6.17 -39.90
CA ASP A 506 -43.75 -7.59 -39.99
C ASP A 506 -43.18 -8.27 -41.24
N GLU A 507 -42.67 -7.49 -42.19
CA GLU A 507 -41.97 -8.09 -43.31
C GLU A 507 -40.45 -7.96 -43.21
N GLY A 508 -39.96 -7.64 -42.02
CA GLY A 508 -38.53 -7.68 -41.73
C GLY A 508 -37.78 -6.46 -42.21
N ASN A 509 -38.51 -5.40 -42.53
CA ASN A 509 -37.86 -4.17 -42.95
C ASN A 509 -37.75 -3.13 -41.85
N LEU A 510 -36.63 -2.41 -41.87
CA LEU A 510 -36.34 -1.31 -40.97
C LEU A 510 -37.46 -0.28 -40.94
N THR A 511 -37.80 0.19 -39.75
CA THR A 511 -38.75 1.27 -39.57
C THR A 511 -37.95 2.53 -39.29
N PRO A 512 -38.63 3.69 -39.28
CA PRO A 512 -37.93 4.90 -38.85
C PRO A 512 -37.24 4.67 -37.49
N LEU A 513 -37.92 3.93 -36.60
CA LEU A 513 -37.37 3.66 -35.27
C LEU A 513 -36.13 2.77 -35.37
N GLY A 514 -36.21 1.72 -36.17
CA GLY A 514 -35.09 0.80 -36.34
C GLY A 514 -33.88 1.52 -36.90
N ARG A 515 -34.13 2.40 -37.85
CA ARG A 515 -33.08 3.14 -38.52
C ARG A 515 -32.37 4.04 -37.51
N LEU A 516 -33.16 4.70 -36.67
CA LEU A 516 -32.63 5.60 -35.65
C LEU A 516 -31.94 4.84 -34.53
N ALA A 517 -32.55 3.75 -34.07
CA ALA A 517 -31.94 2.91 -33.04
C ALA A 517 -30.57 2.40 -33.48
N SER A 518 -30.38 2.23 -34.79
CA SER A 518 -29.14 1.66 -35.29
C SER A 518 -28.05 2.71 -35.25
N GLN A 519 -28.44 3.94 -34.97
CA GLN A 519 -27.49 5.05 -34.87
C GLN A 519 -26.91 5.16 -33.46
N PHE A 520 -27.44 4.38 -32.52
CA PHE A 520 -26.97 4.40 -31.13
C PHE A 520 -26.24 3.11 -30.82
N PRO A 521 -25.06 3.20 -30.21
CA PRO A 521 -24.27 2.02 -29.86
C PRO A 521 -24.85 1.36 -28.60
N LEU A 522 -26.11 0.92 -28.69
CA LEU A 522 -26.82 0.37 -27.54
C LEU A 522 -27.65 -0.83 -27.95
N ASP A 523 -27.85 -1.75 -27.02
CA ASP A 523 -28.84 -2.80 -27.18
C ASP A 523 -30.19 -2.19 -27.62
N PRO A 524 -30.92 -2.87 -28.51
CA PRO A 524 -32.19 -2.34 -29.01
C PRO A 524 -33.17 -1.86 -27.93
N MET A 525 -33.36 -2.64 -26.88
CA MET A 525 -34.26 -2.22 -25.79
C MET A 525 -33.84 -0.87 -25.21
N LEU A 526 -32.55 -0.66 -25.01
CA LEU A 526 -32.06 0.60 -24.47
C LEU A 526 -32.24 1.77 -25.45
N ALA A 527 -31.90 1.54 -26.71
CA ALA A 527 -32.00 2.58 -27.73
C ALA A 527 -33.45 3.00 -27.92
N VAL A 528 -34.35 2.04 -27.92
CA VAL A 528 -35.78 2.33 -28.06
C VAL A 528 -36.32 3.13 -26.86
N MET A 529 -35.98 2.70 -25.66
CA MET A 529 -36.32 3.42 -24.44
C MET A 529 -35.85 4.87 -24.52
N LEU A 530 -34.60 5.07 -24.95
CA LEU A 530 -34.04 6.41 -25.08
C LEU A 530 -34.75 7.22 -26.15
N ILE A 531 -34.99 6.59 -27.30
CA ILE A 531 -35.62 7.28 -28.43
C ILE A 531 -37.00 7.80 -28.06
N GLY A 532 -37.78 6.99 -27.36
CA GLY A 532 -39.14 7.36 -27.04
C GLY A 532 -39.29 8.39 -25.93
N SER A 533 -38.24 8.54 -25.13
CA SER A 533 -38.38 9.24 -23.85
C SER A 533 -38.94 10.66 -23.95
N PHE A 534 -38.59 11.41 -24.99
CA PHE A 534 -39.13 12.77 -25.05
C PHE A 534 -40.64 12.78 -25.22
N GLU A 535 -41.19 11.68 -25.71
CA GLU A 535 -42.64 11.52 -25.81
C GLU A 535 -43.27 11.27 -24.44
N PHE A 536 -42.43 10.89 -23.48
CA PHE A 536 -42.88 10.69 -22.10
C PHE A 536 -42.44 11.87 -21.23
N GLN A 537 -41.93 12.91 -21.90
CA GLN A 537 -41.50 14.12 -21.22
C GLN A 537 -40.42 13.89 -20.14
N CYS A 538 -39.47 13.00 -20.41
CA CYS A 538 -38.41 12.74 -19.43
C CYS A 538 -37.11 12.26 -20.07
N SER A 539 -36.79 12.78 -21.25
CA SER A 539 -35.63 12.29 -21.97
C SER A 539 -34.32 12.61 -21.27
N GLN A 540 -34.30 13.68 -20.49
CA GLN A 540 -33.12 13.98 -19.69
C GLN A 540 -32.87 12.91 -18.63
N GLU A 541 -33.92 12.50 -17.93
CA GLU A 541 -33.78 11.45 -16.92
C GLU A 541 -33.54 10.06 -17.52
N ILE A 542 -34.17 9.77 -18.66
CA ILE A 542 -33.94 8.48 -19.33
C ILE A 542 -32.52 8.43 -19.89
N LEU A 543 -32.09 9.56 -20.45
CA LEU A 543 -30.69 9.72 -20.83
C LEU A 543 -29.78 9.24 -19.72
N THR A 544 -29.94 9.77 -18.50
CA THR A 544 -28.99 9.37 -17.47
C THR A 544 -29.15 7.90 -17.09
N ILE A 545 -30.39 7.41 -17.06
CA ILE A 545 -30.62 6.01 -16.70
C ILE A 545 -29.96 5.08 -17.71
N VAL A 546 -30.09 5.41 -19.00
CA VAL A 546 -29.49 4.58 -20.04
C VAL A 546 -27.96 4.57 -19.91
N ALA A 547 -27.40 5.75 -19.64
CA ALA A 547 -25.97 5.85 -19.37
C ALA A 547 -25.57 5.00 -18.16
N MET A 548 -26.37 5.09 -17.09
CA MET A 548 -26.06 4.33 -15.88
C MET A 548 -26.19 2.82 -16.13
N LEU A 549 -27.10 2.42 -17.01
CA LEU A 549 -27.28 1.00 -17.27
C LEU A 549 -26.15 0.49 -18.17
N SER A 550 -25.42 1.41 -18.78
CA SER A 550 -24.38 1.03 -19.74
C SER A 550 -23.03 0.83 -19.07
N VAL A 551 -23.06 0.60 -17.77
CA VAL A 551 -21.88 0.66 -16.95
C VAL A 551 -22.10 -0.29 -15.76
N PRO A 552 -21.02 -0.77 -15.14
CA PRO A 552 -21.19 -1.72 -14.03
C PRO A 552 -21.92 -1.18 -12.79
N ASN A 553 -22.41 -2.08 -11.95
CA ASN A 553 -23.01 -1.73 -10.67
C ASN A 553 -22.06 -0.73 -10.03
N VAL A 554 -22.62 0.40 -9.62
CA VAL A 554 -21.83 1.51 -9.09
C VAL A 554 -21.64 1.41 -7.57
N PHE A 555 -22.49 0.65 -6.89
CA PHE A 555 -22.46 0.59 -5.44
C PHE A 555 -21.44 -0.40 -4.91
N ILE A 556 -20.58 0.07 -4.00
CA ILE A 556 -19.54 -0.75 -3.39
C ILE A 556 -20.06 -1.36 -2.10
N ARG A 557 -19.91 -2.67 -1.97
CA ARG A 557 -20.42 -3.40 -0.81
C ARG A 557 -19.38 -4.38 -0.31
N PRO A 558 -18.40 -3.90 0.48
CA PRO A 558 -17.38 -4.78 1.03
C PRO A 558 -18.04 -5.84 1.89
N THR A 559 -17.58 -7.08 1.80
CA THR A 559 -18.20 -8.18 2.55
C THR A 559 -18.15 -7.93 4.05
N LYS A 560 -17.11 -7.24 4.49
CA LYS A 560 -16.90 -6.97 5.91
C LYS A 560 -17.43 -5.61 6.33
N ASP A 561 -18.18 -4.95 5.45
CA ASP A 561 -18.66 -3.60 5.72
C ASP A 561 -20.06 -3.37 5.12
N LYS A 562 -20.86 -4.43 5.12
CA LYS A 562 -22.16 -4.38 4.47
C LYS A 562 -23.10 -3.31 5.02
N LYS A 563 -23.14 -3.17 6.34
CA LYS A 563 -24.11 -2.29 6.98
C LYS A 563 -23.94 -0.83 6.57
N ARG A 564 -22.71 -0.33 6.64
CA ARG A 564 -22.44 1.05 6.25
C ARG A 564 -22.59 1.25 4.74
N ALA A 565 -22.23 0.23 3.96
CA ALA A 565 -22.37 0.30 2.52
C ALA A 565 -23.84 0.47 2.16
N ASP A 566 -24.69 -0.31 2.81
CA ASP A 566 -26.13 -0.23 2.63
C ASP A 566 -26.69 1.11 3.11
N ASP A 567 -26.28 1.53 4.30
CA ASP A 567 -26.67 2.85 4.80
C ASP A 567 -26.44 3.89 3.71
N ALA A 568 -25.26 3.83 3.11
CA ALA A 568 -24.86 4.80 2.10
C ALA A 568 -25.75 4.73 0.87
N LYS A 569 -26.01 3.50 0.40
CA LYS A 569 -26.86 3.31 -0.77
C LYS A 569 -28.27 3.85 -0.55
N ASN A 570 -28.82 3.63 0.65
CA ASN A 570 -30.18 4.05 0.94
C ASN A 570 -30.39 5.56 0.83
N ILE A 571 -29.31 6.32 0.92
CA ILE A 571 -29.36 7.76 0.67
C ILE A 571 -29.98 8.03 -0.70
N PHE A 572 -29.67 7.16 -1.66
CA PHE A 572 -30.08 7.36 -3.04
C PHE A 572 -31.23 6.43 -3.47
N ALA A 573 -31.45 5.37 -2.69
CA ALA A 573 -32.36 4.31 -3.09
C ALA A 573 -33.80 4.78 -3.18
N HIS A 574 -34.48 4.37 -4.25
CA HIS A 574 -35.89 4.69 -4.46
C HIS A 574 -36.68 3.39 -4.34
N PRO A 575 -37.67 3.36 -3.44
CA PRO A 575 -38.51 2.19 -3.18
C PRO A 575 -39.21 1.74 -4.45
N ASP A 576 -39.26 0.43 -4.67
CA ASP A 576 -39.87 -0.12 -5.87
C ASP A 576 -39.34 0.56 -7.14
N GLY A 577 -38.09 1.00 -7.12
CA GLY A 577 -37.52 1.64 -8.30
C GLY A 577 -36.00 1.69 -8.41
N ASP A 578 -35.35 0.55 -8.62
CA ASP A 578 -33.89 0.52 -8.78
C ASP A 578 -33.41 1.42 -9.91
N HIS A 579 -34.21 1.54 -10.96
CA HIS A 579 -33.84 2.37 -12.10
C HIS A 579 -33.78 3.84 -11.70
N ILE A 580 -34.68 4.25 -10.83
CA ILE A 580 -34.68 5.61 -10.29
C ILE A 580 -33.46 5.83 -9.38
N THR A 581 -33.06 4.77 -8.68
CA THR A 581 -31.88 4.84 -7.83
C THR A 581 -30.68 5.30 -8.63
N LEU A 582 -30.52 4.72 -9.81
CA LEU A 582 -29.43 5.09 -10.73
C LEU A 582 -29.45 6.58 -11.06
N LEU A 583 -30.66 7.10 -11.29
CA LEU A 583 -30.83 8.51 -11.57
C LEU A 583 -30.39 9.34 -10.34
N ASN A 584 -30.81 8.94 -9.15
CA ASN A 584 -30.42 9.68 -7.94
C ASN A 584 -28.91 9.75 -7.77
N VAL A 585 -28.27 8.60 -7.82
CA VAL A 585 -26.82 8.52 -7.59
C VAL A 585 -26.08 9.36 -8.61
N TYR A 586 -26.50 9.31 -9.87
CA TYR A 586 -25.79 10.07 -10.89
C TYR A 586 -25.97 11.56 -10.67
N HIS A 587 -27.20 11.96 -10.35
CA HIS A 587 -27.49 13.36 -10.06
C HIS A 587 -26.66 13.86 -8.88
N ALA A 588 -26.49 13.03 -7.86
CA ALA A 588 -25.69 13.41 -6.70
C ALA A 588 -24.23 13.46 -7.09
N PHE A 589 -23.79 12.48 -7.86
CA PHE A 589 -22.42 12.42 -8.35
C PHE A 589 -22.07 13.67 -9.13
N LYS A 590 -23.06 14.25 -9.81
CA LYS A 590 -22.83 15.49 -10.55
C LYS A 590 -23.06 16.77 -9.73
N SER A 591 -23.46 16.63 -8.46
CA SER A 591 -23.86 17.79 -7.62
C SER A 591 -22.71 18.70 -7.26
N ASP A 592 -23.02 19.94 -6.93
CA ASP A 592 -22.01 20.89 -6.48
C ASP A 592 -21.42 20.45 -5.15
N GLU A 593 -22.26 19.90 -4.26
CA GLU A 593 -21.79 19.40 -2.97
C GLU A 593 -20.68 18.37 -3.18
N ALA A 594 -20.94 17.38 -4.03
CA ALA A 594 -19.97 16.31 -4.30
C ALA A 594 -18.66 16.89 -4.82
N TYR A 595 -18.74 17.81 -5.76
CA TYR A 595 -17.56 18.44 -6.32
C TYR A 595 -16.82 19.24 -5.25
N GLU A 596 -17.56 20.00 -4.45
CA GLU A 596 -16.99 20.80 -3.38
C GLU A 596 -16.25 19.91 -2.40
N TYR A 597 -16.91 18.81 -2.06
CA TYR A 597 -16.42 17.81 -1.12
C TYR A 597 -15.10 17.19 -1.56
N GLY A 598 -14.88 17.13 -2.87
CA GLY A 598 -13.75 16.40 -3.43
C GLY A 598 -14.27 15.09 -4.01
N ILE A 599 -14.49 15.08 -5.32
CA ILE A 599 -15.26 14.02 -5.96
C ILE A 599 -14.76 12.60 -5.64
N HIS A 600 -13.46 12.39 -5.66
CA HIS A 600 -12.93 11.05 -5.41
C HIS A 600 -13.16 10.62 -3.96
N LYS A 601 -12.94 11.54 -3.03
CA LYS A 601 -13.23 11.24 -1.64
C LYS A 601 -14.73 11.05 -1.48
N TRP A 602 -15.51 11.85 -2.21
CA TRP A 602 -16.95 11.76 -2.10
C TRP A 602 -17.44 10.35 -2.46
N CYS A 603 -16.93 9.82 -3.57
CA CYS A 603 -17.34 8.47 -3.99
C CYS A 603 -16.91 7.42 -2.97
N ARG A 604 -15.67 7.52 -2.49
CA ARG A 604 -15.16 6.59 -1.50
C ARG A 604 -16.02 6.59 -0.23
N ASP A 605 -16.27 7.77 0.31
CA ASP A 605 -17.05 7.88 1.53
C ASP A 605 -18.50 7.43 1.33
N HIS A 606 -18.98 7.48 0.09
CA HIS A 606 -20.36 7.10 -0.19
C HIS A 606 -20.45 5.67 -0.73
N TYR A 607 -19.34 4.94 -0.70
CA TYR A 607 -19.32 3.56 -1.19
C TYR A 607 -19.74 3.46 -2.66
N LEU A 608 -19.15 4.34 -3.47
CA LEU A 608 -19.49 4.45 -4.89
C LEU A 608 -18.23 4.31 -5.75
N ASN A 609 -18.36 3.62 -6.86
CA ASN A 609 -17.25 3.42 -7.78
C ASN A 609 -17.06 4.61 -8.71
N TYR A 610 -16.04 5.41 -8.45
CA TYR A 610 -15.79 6.59 -9.26
C TYR A 610 -15.58 6.23 -10.74
N ARG A 611 -14.90 5.13 -10.99
CA ARG A 611 -14.59 4.71 -12.35
C ARG A 611 -15.84 4.45 -13.17
N SER A 612 -16.82 3.80 -12.57
CA SER A 612 -18.07 3.52 -13.25
C SER A 612 -18.90 4.78 -13.45
N LEU A 613 -18.92 5.65 -12.45
CA LEU A 613 -19.70 6.88 -12.53
C LEU A 613 -19.12 7.79 -13.61
N SER A 614 -17.80 7.87 -13.66
CA SER A 614 -17.12 8.71 -14.63
C SER A 614 -17.38 8.19 -16.03
N ALA A 615 -17.38 6.87 -16.19
CA ALA A 615 -17.68 6.26 -17.49
C ALA A 615 -19.12 6.54 -17.87
N ALA A 616 -20.03 6.51 -16.90
CA ALA A 616 -21.41 6.83 -17.19
C ALA A 616 -21.52 8.29 -17.62
N ASP A 617 -20.75 9.15 -16.97
CA ASP A 617 -20.72 10.57 -17.29
C ASP A 617 -20.32 10.77 -18.76
N ASN A 618 -19.24 10.14 -19.20
CA ASN A 618 -18.82 10.27 -20.59
C ASN A 618 -19.86 9.73 -21.56
N ILE A 619 -20.42 8.57 -21.24
CA ILE A 619 -21.45 7.96 -22.07
C ILE A 619 -22.68 8.89 -22.20
N ARG A 620 -23.11 9.48 -21.10
CA ARG A 620 -24.21 10.42 -21.15
C ARG A 620 -23.88 11.55 -22.12
N SER A 621 -22.67 12.09 -22.03
CA SER A 621 -22.25 13.17 -22.94
C SER A 621 -22.32 12.72 -24.40
N GLN A 622 -21.79 11.55 -24.69
CA GLN A 622 -21.77 11.06 -26.07
C GLN A 622 -23.18 10.79 -26.59
N LEU A 623 -24.03 10.26 -25.71
CA LEU A 623 -25.43 10.00 -26.05
C LEU A 623 -26.20 11.28 -26.32
N GLU A 624 -25.92 12.31 -25.51
CA GLU A 624 -26.55 13.61 -25.69
C GLU A 624 -26.21 14.15 -27.08
N ARG A 625 -24.95 14.03 -27.46
CA ARG A 625 -24.51 14.49 -28.77
C ARG A 625 -25.26 13.75 -29.87
N LEU A 626 -25.45 12.45 -29.72
CA LEU A 626 -26.23 11.70 -30.68
C LEU A 626 -27.65 12.22 -30.71
N MET A 627 -28.20 12.53 -29.54
CA MET A 627 -29.57 13.01 -29.49
C MET A 627 -29.69 14.37 -30.18
N ASN A 628 -28.73 15.26 -29.97
CA ASN A 628 -28.71 16.54 -30.68
C ASN A 628 -28.53 16.31 -32.19
N ARG A 629 -27.65 15.39 -32.55
CA ARG A 629 -27.37 15.11 -33.95
C ARG A 629 -28.59 14.59 -34.71
N TYR A 630 -29.38 13.75 -34.06
CA TYR A 630 -30.55 13.15 -34.72
C TYR A 630 -31.87 13.77 -34.31
N ASN A 631 -31.81 14.92 -33.64
CA ASN A 631 -33.01 15.68 -33.34
C ASN A 631 -33.99 14.99 -32.40
N LEU A 632 -33.46 14.39 -31.34
CA LEU A 632 -34.29 13.90 -30.24
C LEU A 632 -34.23 14.94 -29.14
N GLU A 633 -35.31 15.70 -29.00
CA GLU A 633 -35.39 16.76 -28.00
C GLU A 633 -35.02 16.29 -26.59
N LEU A 634 -34.36 17.16 -25.83
CA LEU A 634 -34.05 16.90 -24.43
C LEU A 634 -35.13 17.44 -23.51
N ASN A 635 -35.88 16.53 -22.91
CA ASN A 635 -37.09 16.85 -22.15
C ASN A 635 -36.97 16.58 -20.66
N THR A 636 -37.76 17.31 -19.88
CA THR A 636 -37.90 17.03 -18.45
C THR A 636 -39.21 17.61 -17.95
N THR A 637 -39.71 17.08 -16.84
CA THR A 637 -40.87 17.69 -16.17
C THR A 637 -40.49 18.03 -14.74
N ASP A 638 -41.23 18.98 -14.17
CA ASP A 638 -41.02 19.41 -12.79
C ASP A 638 -41.05 18.20 -11.86
N TYR A 639 -40.02 18.07 -11.03
CA TYR A 639 -39.97 17.04 -10.00
C TYR A 639 -41.19 17.05 -9.06
N GLU A 640 -41.83 18.20 -8.91
CA GLU A 640 -42.98 18.33 -8.01
C GLU A 640 -44.26 17.74 -8.60
N SER A 641 -44.22 17.43 -9.89
CA SER A 641 -45.38 16.89 -10.60
C SER A 641 -45.79 15.43 -10.41
N PRO A 642 -47.03 15.20 -9.97
CA PRO A 642 -47.49 13.86 -9.60
C PRO A 642 -47.19 12.84 -10.69
N LYS A 643 -46.83 13.32 -11.89
CA LYS A 643 -46.53 12.42 -13.00
C LYS A 643 -45.03 12.14 -13.18
N TYR A 644 -44.20 12.81 -12.38
CA TYR A 644 -42.76 12.75 -12.55
C TYR A 644 -42.38 11.28 -12.70
N PHE A 645 -42.52 10.52 -11.62
CA PHE A 645 -42.04 9.15 -11.59
C PHE A 645 -42.83 8.26 -12.55
N ASP A 646 -44.09 8.61 -12.78
CA ASP A 646 -44.90 7.87 -13.72
C ASP A 646 -44.25 7.87 -15.11
N ASN A 647 -43.91 9.06 -15.59
CA ASN A 647 -43.34 9.21 -16.91
C ASN A 647 -42.10 8.35 -17.09
N ILE A 648 -41.26 8.29 -16.06
CA ILE A 648 -40.03 7.54 -16.11
C ILE A 648 -40.30 6.05 -16.20
N ARG A 649 -41.24 5.58 -15.39
CA ARG A 649 -41.58 4.17 -15.40
C ARG A 649 -42.15 3.76 -16.76
N LYS A 650 -42.88 4.68 -17.38
CA LYS A 650 -43.52 4.40 -18.68
C LYS A 650 -42.47 4.32 -19.79
N ALA A 651 -41.56 5.28 -19.80
CA ALA A 651 -40.45 5.26 -20.75
C ALA A 651 -39.63 3.98 -20.61
N LEU A 652 -39.33 3.57 -19.38
CA LEU A 652 -38.67 2.30 -19.13
C LEU A 652 -39.47 1.20 -19.81
N ALA A 653 -40.78 1.18 -19.55
CA ALA A 653 -41.67 0.18 -20.11
C ALA A 653 -41.62 0.14 -21.64
N SER A 654 -41.58 1.30 -22.28
CA SER A 654 -41.61 1.34 -23.74
C SER A 654 -40.47 0.51 -24.34
N GLY A 655 -39.37 0.41 -23.60
CA GLY A 655 -38.24 -0.38 -24.07
C GLY A 655 -38.16 -1.79 -23.48
N PHE A 656 -38.60 -1.95 -22.23
CA PHE A 656 -38.40 -3.21 -21.53
C PHE A 656 -39.65 -4.00 -21.22
N PHE A 657 -40.73 -3.73 -21.96
CA PHE A 657 -42.02 -4.41 -21.74
C PHE A 657 -41.95 -5.92 -21.94
N MET A 658 -40.89 -6.42 -22.58
CA MET A 658 -40.72 -7.87 -22.72
C MET A 658 -39.89 -8.46 -21.57
N GLN A 659 -39.41 -7.60 -20.68
CA GLN A 659 -38.71 -8.07 -19.50
C GLN A 659 -39.50 -7.62 -18.27
N VAL A 660 -40.66 -8.25 -18.12
CA VAL A 660 -41.59 -7.93 -17.05
C VAL A 660 -41.88 -9.18 -16.25
N ALA A 661 -42.02 -9.00 -14.94
CA ALA A 661 -42.35 -10.11 -14.06
C ALA A 661 -43.54 -9.74 -13.19
N LYS A 662 -44.40 -10.71 -12.95
CA LYS A 662 -45.57 -10.46 -12.13
C LYS A 662 -45.47 -11.24 -10.83
N LYS A 663 -45.90 -10.61 -9.75
CA LYS A 663 -45.88 -11.23 -8.43
C LYS A 663 -46.77 -12.46 -8.37
N ARG A 664 -46.17 -13.59 -8.03
CA ARG A 664 -46.91 -14.83 -7.77
C ARG A 664 -47.84 -14.67 -6.58
N SER A 665 -49.13 -14.87 -6.81
CA SER A 665 -50.13 -14.72 -5.76
C SER A 665 -50.01 -15.81 -4.69
N GLY A 666 -49.88 -17.06 -5.13
CA GLY A 666 -49.82 -18.18 -4.21
C GLY A 666 -48.43 -18.57 -3.73
N ALA A 667 -47.46 -18.55 -4.63
CA ALA A 667 -46.10 -18.98 -4.31
C ALA A 667 -45.23 -17.87 -3.74
N LYS A 668 -45.80 -16.67 -3.64
CA LYS A 668 -45.08 -15.52 -3.11
C LYS A 668 -43.71 -15.31 -3.76
N GLY A 669 -43.60 -15.70 -5.02
CA GLY A 669 -42.42 -15.43 -5.82
C GLY A 669 -42.82 -14.56 -7.01
N TYR A 670 -42.06 -14.65 -8.10
CA TYR A 670 -42.40 -13.91 -9.31
C TYR A 670 -42.39 -14.78 -10.56
N ILE A 671 -43.19 -14.38 -11.54
CA ILE A 671 -43.28 -15.11 -12.80
C ILE A 671 -43.08 -14.13 -13.97
N THR A 672 -42.28 -14.50 -14.95
CA THR A 672 -41.99 -13.60 -16.07
C THR A 672 -43.03 -13.71 -17.19
N VAL A 673 -43.36 -12.56 -17.77
CA VAL A 673 -44.29 -12.52 -18.89
C VAL A 673 -43.84 -13.39 -20.06
N LYS A 674 -42.57 -13.24 -20.43
CA LYS A 674 -42.01 -14.00 -21.54
C LYS A 674 -41.43 -15.33 -21.07
N ASP A 675 -41.93 -16.42 -21.66
CA ASP A 675 -41.46 -17.78 -21.35
C ASP A 675 -42.02 -18.34 -20.04
N ASN A 676 -42.76 -17.51 -19.31
CA ASN A 676 -43.39 -17.94 -18.07
C ASN A 676 -42.42 -18.58 -17.09
N GLN A 677 -41.41 -17.82 -16.68
CA GLN A 677 -40.37 -18.36 -15.82
C GLN A 677 -40.64 -17.97 -14.38
N ASP A 678 -40.43 -18.90 -13.47
CA ASP A 678 -40.46 -18.59 -12.04
C ASP A 678 -39.10 -17.99 -11.65
N VAL A 679 -39.15 -16.86 -10.97
CA VAL A 679 -37.94 -16.15 -10.60
C VAL A 679 -38.12 -15.48 -9.25
N LEU A 680 -37.01 -15.17 -8.60
CA LEU A 680 -37.03 -14.41 -7.36
C LEU A 680 -36.41 -13.05 -7.60
N ILE A 681 -36.92 -12.03 -6.92
CA ILE A 681 -36.28 -10.72 -6.91
C ILE A 681 -34.88 -10.89 -6.33
N HIS A 682 -33.86 -10.46 -7.07
CA HIS A 682 -32.49 -10.59 -6.60
C HIS A 682 -32.34 -9.97 -5.22
N PRO A 683 -31.59 -10.64 -4.33
CA PRO A 683 -31.42 -10.20 -2.93
C PRO A 683 -31.05 -8.72 -2.80
N SER A 684 -30.45 -8.15 -3.84
CA SER A 684 -29.95 -6.77 -3.76
C SER A 684 -31.04 -5.69 -3.69
N THR A 685 -32.33 -5.98 -3.87
CA THR A 685 -33.49 -5.10 -3.75
C THR A 685 -34.65 -5.58 -2.92
N VAL A 686 -35.25 -4.73 -2.12
CA VAL A 686 -36.42 -5.13 -1.32
C VAL A 686 -37.76 -4.69 -1.92
N LEU A 687 -38.56 -5.68 -2.32
CA LEU A 687 -39.86 -5.44 -2.93
C LEU A 687 -40.85 -4.78 -1.96
N GLY A 688 -41.61 -3.81 -2.44
CA GLY A 688 -42.67 -3.21 -1.66
C GLY A 688 -44.00 -3.91 -1.90
N HIS A 689 -44.99 -3.62 -1.07
CA HIS A 689 -46.27 -4.33 -1.12
C HIS A 689 -47.08 -4.06 -2.39
N ASP A 690 -47.05 -2.83 -2.88
CA ASP A 690 -47.85 -2.44 -4.04
C ASP A 690 -47.19 -2.79 -5.38
N ALA A 691 -46.04 -3.47 -5.32
CA ALA A 691 -45.27 -3.80 -6.52
C ALA A 691 -45.65 -5.16 -7.12
N GLU A 692 -46.89 -5.26 -7.60
CA GLU A 692 -47.36 -6.50 -8.18
C GLU A 692 -46.66 -6.78 -9.52
N TRP A 693 -46.47 -5.73 -10.31
CA TRP A 693 -45.76 -5.87 -11.58
C TRP A 693 -44.44 -5.10 -11.60
N VAL A 694 -43.38 -5.76 -12.06
CA VAL A 694 -42.08 -5.11 -12.15
C VAL A 694 -41.40 -5.27 -13.52
N ILE A 695 -40.67 -4.25 -13.92
CA ILE A 695 -39.77 -4.34 -15.06
C ILE A 695 -38.37 -4.65 -14.55
N TYR A 696 -37.73 -5.63 -15.16
CA TYR A 696 -36.38 -6.01 -14.72
C TYR A 696 -35.33 -5.82 -15.81
N ASN A 697 -34.13 -5.46 -15.39
CA ASN A 697 -33.05 -5.21 -16.34
C ASN A 697 -32.32 -6.48 -16.73
N GLU A 698 -32.24 -7.43 -15.81
CA GLU A 698 -31.29 -8.53 -15.99
C GLU A 698 -31.77 -9.86 -15.40
N PHE A 699 -31.33 -10.94 -16.02
CA PHE A 699 -31.66 -12.29 -15.59
C PHE A 699 -30.36 -12.90 -15.10
N VAL A 700 -30.28 -13.19 -13.80
CA VAL A 700 -29.07 -13.77 -13.23
C VAL A 700 -29.26 -15.22 -12.81
N LEU A 701 -28.33 -16.07 -13.23
CA LEU A 701 -28.45 -17.53 -13.08
C LEU A 701 -27.32 -18.12 -12.25
N THR A 702 -27.47 -18.09 -10.93
CA THR A 702 -26.50 -18.73 -10.05
C THR A 702 -26.88 -20.19 -9.83
N SER A 703 -27.67 -20.44 -8.80
CA SER A 703 -28.24 -21.77 -8.61
C SER A 703 -29.74 -21.67 -8.78
N LYS A 704 -30.27 -20.50 -8.44
CA LYS A 704 -31.68 -20.21 -8.67
C LYS A 704 -31.81 -19.17 -9.80
N ASN A 705 -33.04 -18.88 -10.18
CA ASN A 705 -33.32 -17.86 -11.18
C ASN A 705 -33.69 -16.51 -10.56
N TYR A 706 -32.83 -15.52 -10.74
CA TYR A 706 -33.08 -14.22 -10.14
C TYR A 706 -33.36 -13.14 -11.19
N ILE A 707 -34.07 -12.13 -10.75
CA ILE A 707 -34.38 -10.96 -11.56
C ILE A 707 -33.78 -9.73 -10.87
N ARG A 708 -32.91 -9.01 -11.56
CA ARG A 708 -32.10 -7.96 -10.94
C ARG A 708 -32.31 -6.57 -11.55
N THR A 709 -32.27 -5.56 -10.69
CA THR A 709 -32.54 -4.18 -11.09
C THR A 709 -34.00 -4.03 -11.56
N VAL A 710 -34.89 -3.94 -10.58
CA VAL A 710 -36.31 -3.97 -10.86
C VAL A 710 -36.95 -2.64 -10.53
N THR A 711 -37.99 -2.30 -11.29
CA THR A 711 -38.81 -1.13 -11.01
C THR A 711 -40.28 -1.47 -11.19
N SER A 712 -41.11 -1.07 -10.23
CA SER A 712 -42.54 -1.37 -10.31
C SER A 712 -43.17 -0.64 -11.46
N VAL A 713 -44.18 -1.27 -12.05
CA VAL A 713 -44.91 -0.68 -13.15
C VAL A 713 -46.39 -1.06 -13.04
N ARG A 714 -47.28 -0.13 -13.37
CA ARG A 714 -48.70 -0.45 -13.46
C ARG A 714 -49.01 -1.27 -14.71
N PRO A 715 -49.69 -2.40 -14.54
CA PRO A 715 -50.04 -3.33 -15.63
C PRO A 715 -50.80 -2.62 -16.76
N GLU A 716 -51.69 -1.70 -16.42
CA GLU A 716 -52.45 -0.98 -17.44
C GLU A 716 -51.51 -0.24 -18.38
N TRP A 717 -50.34 0.13 -17.86
CA TRP A 717 -49.34 0.83 -18.65
C TRP A 717 -48.75 -0.07 -19.70
N LEU A 718 -48.44 -1.31 -19.30
CA LEU A 718 -47.91 -2.30 -20.21
C LEU A 718 -48.87 -2.52 -21.38
N ILE A 719 -50.15 -2.69 -21.07
CA ILE A 719 -51.17 -2.92 -22.08
C ILE A 719 -51.32 -1.69 -22.97
N GLU A 720 -51.27 -0.51 -22.36
CA GLU A 720 -51.40 0.74 -23.10
C GLU A 720 -50.17 1.00 -24.00
N ILE A 721 -49.00 0.56 -23.55
CA ILE A 721 -47.75 0.90 -24.21
C ILE A 721 -47.33 -0.13 -25.27
N ALA A 722 -47.64 -1.40 -25.01
CA ALA A 722 -47.29 -2.49 -25.91
C ALA A 722 -48.49 -3.43 -26.17
N PRO A 723 -49.55 -2.91 -26.78
CA PRO A 723 -50.77 -3.66 -27.04
C PRO A 723 -50.52 -4.94 -27.84
N ALA A 724 -49.59 -4.90 -28.78
CA ALA A 724 -49.32 -6.06 -29.61
C ALA A 724 -48.71 -7.20 -28.79
N TYR A 725 -47.90 -6.84 -27.79
CA TYR A 725 -47.25 -7.86 -26.98
C TYR A 725 -48.20 -8.36 -25.90
N TYR A 726 -48.96 -7.45 -25.32
CA TYR A 726 -49.87 -7.83 -24.24
C TYR A 726 -51.27 -8.16 -24.75
N ASP A 727 -51.30 -9.02 -25.77
CA ASP A 727 -52.51 -9.50 -26.40
C ASP A 727 -52.70 -10.94 -25.96
N LEU A 728 -53.74 -11.18 -25.17
CA LEU A 728 -53.91 -12.46 -24.49
C LEU A 728 -53.86 -13.67 -25.43
N SER A 729 -54.14 -13.44 -26.71
CA SER A 729 -54.13 -14.51 -27.70
C SER A 729 -52.83 -15.29 -27.73
N ASN A 730 -51.70 -14.57 -27.64
CA ASN A 730 -50.40 -15.23 -27.67
C ASN A 730 -49.90 -15.62 -26.28
N PHE A 731 -50.76 -15.45 -25.28
CA PHE A 731 -50.43 -15.83 -23.91
C PHE A 731 -50.85 -17.26 -23.58
N GLN A 732 -49.90 -18.03 -23.05
CA GLN A 732 -50.14 -19.42 -22.68
C GLN A 732 -51.10 -19.49 -21.51
N LYS A 733 -51.59 -20.69 -21.22
CA LYS A 733 -52.70 -20.86 -20.27
C LYS A 733 -52.84 -20.72 -18.75
N GLY A 734 -53.17 -19.50 -18.34
CA GLY A 734 -53.38 -19.28 -16.92
C GLY A 734 -52.69 -19.01 -15.60
N ASP A 735 -51.45 -19.51 -15.45
CA ASP A 735 -50.81 -19.70 -14.16
C ASP A 735 -51.30 -18.57 -13.25
N VAL A 736 -50.85 -17.36 -13.53
CA VAL A 736 -51.39 -16.17 -12.88
C VAL A 736 -51.48 -15.04 -13.91
N LYS A 737 -50.55 -15.07 -14.86
CA LYS A 737 -50.36 -13.98 -15.82
C LYS A 737 -51.53 -13.74 -16.74
N LEU A 738 -51.86 -14.72 -17.59
CA LEU A 738 -53.01 -14.59 -18.47
C LEU A 738 -54.21 -14.26 -17.60
N SER A 739 -54.44 -15.09 -16.59
CA SER A 739 -55.59 -14.92 -15.71
C SER A 739 -55.74 -13.47 -15.25
N LEU A 740 -54.70 -12.93 -14.62
CA LEU A 740 -54.82 -11.59 -14.05
C LEU A 740 -54.65 -10.50 -15.11
N GLU A 741 -54.16 -10.89 -16.28
CA GLU A 741 -54.16 -10.02 -17.44
C GLU A 741 -55.60 -9.76 -17.88
N ARG A 742 -56.38 -10.84 -18.02
CA ARG A 742 -57.79 -10.70 -18.34
C ARG A 742 -58.41 -9.75 -17.34
N ILE A 743 -58.17 -10.02 -16.07
CA ILE A 743 -58.76 -9.22 -15.00
C ILE A 743 -58.42 -7.74 -15.18
N LYS A 744 -57.17 -7.46 -15.54
CA LYS A 744 -56.74 -6.07 -15.78
C LYS A 744 -57.56 -5.44 -16.89
N GLU A 745 -57.69 -6.14 -18.02
CA GLU A 745 -58.43 -5.61 -19.15
C GLU A 745 -59.91 -5.42 -18.81
N LYS A 746 -60.51 -6.41 -18.16
CA LYS A 746 -61.90 -6.28 -17.68
C LYS A 746 -62.04 -5.00 -16.87
N VAL A 747 -61.21 -4.86 -15.84
CA VAL A 747 -61.22 -3.69 -14.98
C VAL A 747 -61.12 -2.41 -15.78
N ASP A 748 -60.28 -2.43 -16.82
CA ASP A 748 -60.03 -1.24 -17.63
C ASP A 748 -61.24 -0.87 -18.49
N ARG A 749 -61.85 -1.87 -19.13
CA ARG A 749 -63.06 -1.64 -19.91
C ARG A 749 -64.16 -1.10 -19.00
N LEU A 750 -64.43 -1.85 -17.93
CA LEU A 750 -65.44 -1.46 -16.93
C LEU A 750 -65.41 0.02 -16.59
N ASN A 751 -64.23 0.62 -16.66
CA ASN A 751 -64.06 2.03 -16.28
C ASN A 751 -64.51 3.01 -17.37
N GLU A 752 -64.44 2.56 -18.62
CA GLU A 752 -64.79 3.43 -19.74
C GLU A 752 -66.28 3.80 -19.74
N LEU A 753 -67.15 2.80 -19.63
CA LEU A 753 -68.59 3.01 -19.82
C LEU A 753 -69.23 4.02 -18.85
N LYS A 754 -68.85 3.97 -17.58
CA LYS A 754 -69.50 4.77 -16.55
C LYS A 754 -69.66 6.25 -16.91
N GLN A 755 -68.54 6.88 -17.27
CA GLN A 755 -68.52 8.31 -17.56
C GLN A 755 -69.46 8.68 -18.71
N MET B 1 22.89 7.98 59.54
CA MET B 1 24.08 7.92 58.70
C MET B 1 25.32 8.48 59.39
N GLY B 2 25.14 9.48 60.25
CA GLY B 2 26.22 10.02 61.04
C GLY B 2 26.98 9.11 61.98
N SER B 3 26.28 8.57 62.98
CA SER B 3 26.64 7.35 63.68
C SER B 3 26.03 6.20 62.90
N LYS B 4 26.56 5.00 63.10
CA LYS B 4 26.07 3.81 62.42
C LYS B 4 24.61 3.55 62.76
N ARG B 5 23.76 3.42 61.75
CA ARG B 5 22.36 3.13 61.99
C ARG B 5 22.21 1.80 62.72
N ARG B 6 21.34 1.78 63.72
CA ARG B 6 21.04 0.55 64.44
C ARG B 6 19.87 -0.15 63.77
N PHE B 7 19.89 -1.48 63.73
CA PHE B 7 18.76 -2.24 63.22
C PHE B 7 18.18 -3.15 64.28
N SER B 8 16.92 -3.56 64.09
CA SER B 8 16.18 -4.38 65.05
C SER B 8 14.96 -4.98 64.36
N SER B 9 14.27 -5.89 65.05
CA SER B 9 13.11 -6.55 64.44
C SER B 9 12.03 -5.53 64.07
N GLU B 10 12.01 -4.42 64.80
CA GLU B 10 11.05 -3.35 64.59
C GLU B 10 11.46 -2.40 63.46
N HIS B 11 12.77 -2.20 63.31
CA HIS B 11 13.33 -1.43 62.19
C HIS B 11 14.48 -2.23 61.56
N PRO B 12 14.14 -3.18 60.69
CA PRO B 12 15.09 -4.19 60.20
C PRO B 12 16.04 -3.66 59.15
N ASP B 13 17.14 -4.38 58.97
CA ASP B 13 18.11 -4.07 57.93
C ASP B 13 17.56 -4.49 56.57
N PRO B 14 17.38 -3.54 55.65
CA PRO B 14 16.87 -3.86 54.30
C PRO B 14 17.78 -4.84 53.57
N VAL B 15 19.08 -4.79 53.82
CA VAL B 15 19.99 -5.71 53.16
C VAL B 15 19.83 -7.13 53.70
N GLU B 16 19.69 -7.24 55.02
CA GLU B 16 19.58 -8.53 55.67
C GLU B 16 18.23 -9.20 55.36
N THR B 17 17.22 -8.40 55.05
CA THR B 17 15.91 -8.95 54.79
C THR B 17 15.54 -8.99 53.32
N SER B 18 16.54 -8.80 52.46
CA SER B 18 16.30 -8.85 51.02
C SER B 18 16.44 -10.26 50.49
N ILE B 19 15.38 -10.80 49.90
CA ILE B 19 15.49 -12.09 49.25
C ILE B 19 16.40 -12.04 48.01
N PRO B 20 16.28 -10.99 47.17
CA PRO B 20 17.24 -10.89 46.05
C PRO B 20 18.70 -10.84 46.52
N GLU B 21 18.99 -10.13 47.61
CA GLU B 21 20.36 -10.13 48.15
C GLU B 21 20.86 -11.54 48.39
N GLN B 22 19.98 -12.40 48.92
CA GLN B 22 20.34 -13.79 49.20
C GLN B 22 20.71 -14.49 47.92
N ALA B 23 19.99 -14.20 46.85
CA ALA B 23 20.29 -14.76 45.56
C ALA B 23 21.65 -14.29 45.06
N ALA B 24 21.90 -12.99 45.15
CA ALA B 24 23.17 -12.44 44.68
C ALA B 24 24.34 -13.11 45.38
N GLU B 25 24.18 -13.38 46.68
CA GLU B 25 25.25 -13.99 47.46
C GLU B 25 25.54 -15.42 47.00
N ILE B 26 24.49 -16.16 46.69
CA ILE B 26 24.64 -17.49 46.13
C ILE B 26 25.35 -17.47 44.78
N ALA B 27 24.95 -16.52 43.93
CA ALA B 27 25.56 -16.37 42.61
C ALA B 27 27.03 -15.94 42.70
N GLU B 28 27.33 -15.02 43.61
CA GLU B 28 28.68 -14.48 43.75
C GLU B 28 29.64 -15.61 44.15
N GLU B 29 29.18 -16.49 45.04
CA GLU B 29 30.02 -17.59 45.51
C GLU B 29 30.26 -18.58 44.38
N LEU B 30 29.25 -18.79 43.55
CA LEU B 30 29.41 -19.63 42.37
C LEU B 30 30.45 -19.07 41.41
N SER B 31 30.36 -17.77 41.15
CA SER B 31 31.32 -17.10 40.27
C SER B 31 32.74 -17.20 40.83
N LYS B 32 32.87 -16.97 42.12
CA LYS B 32 34.16 -16.99 42.79
C LYS B 32 34.78 -18.38 42.72
N GLN B 33 34.01 -19.34 42.21
CA GLN B 33 34.45 -20.73 42.07
C GLN B 33 35.07 -20.97 40.68
N HIS B 34 34.72 -20.13 39.72
CA HIS B 34 35.28 -20.22 38.38
C HIS B 34 35.40 -18.82 37.77
N PRO B 35 36.34 -18.02 38.29
CA PRO B 35 36.53 -16.61 37.90
C PRO B 35 36.59 -16.46 36.39
N LEU B 36 35.62 -15.73 35.85
CA LEU B 36 35.51 -15.55 34.41
C LEU B 36 36.72 -14.83 33.85
N PRO B 37 37.08 -15.14 32.59
CA PRO B 37 38.31 -14.67 31.93
C PRO B 37 38.27 -13.18 31.62
N SER B 38 39.35 -12.68 31.03
CA SER B 38 39.45 -11.28 30.66
C SER B 38 39.06 -11.06 29.19
N GLU B 39 38.73 -9.81 28.86
CA GLU B 39 38.41 -9.43 27.49
C GLU B 39 39.37 -10.06 26.50
N GLU B 40 38.84 -10.64 25.43
CA GLU B 40 39.68 -11.12 24.34
C GLU B 40 40.51 -9.96 23.79
N PRO B 41 41.78 -10.22 23.47
CA PRO B 41 42.68 -9.16 23.02
C PRO B 41 42.20 -8.56 21.72
N LEU B 42 42.48 -7.28 21.50
CA LEU B 42 42.24 -6.68 20.20
C LEU B 42 43.21 -7.26 19.20
N VAL B 43 42.88 -7.14 17.92
CA VAL B 43 43.72 -7.64 16.86
C VAL B 43 43.70 -6.67 15.68
N HIS B 44 44.84 -6.52 15.00
CA HIS B 44 44.92 -5.56 13.91
C HIS B 44 45.79 -6.04 12.76
N HIS B 45 45.77 -5.28 11.67
CA HIS B 45 46.62 -5.55 10.52
C HIS B 45 47.66 -4.46 10.34
N ASP B 46 48.90 -4.89 10.15
CA ASP B 46 50.00 -3.98 9.88
C ASP B 46 50.97 -4.63 8.90
N ALA B 47 51.02 -4.08 7.69
CA ALA B 47 51.96 -4.53 6.68
C ALA B 47 52.83 -3.36 6.25
N GLY B 48 53.02 -2.41 7.17
CA GLY B 48 53.92 -1.29 6.95
C GLY B 48 53.34 -0.14 6.14
N GLU B 49 52.06 -0.22 5.81
CA GLU B 49 51.45 0.84 5.02
C GLU B 49 51.37 2.16 5.77
N PHE B 50 51.54 2.13 7.08
CA PHE B 50 51.53 3.36 7.87
C PHE B 50 52.92 3.90 8.17
N LYS B 51 53.94 3.13 7.79
CA LYS B 51 55.32 3.60 7.94
C LYS B 51 55.46 4.94 7.22
N GLY B 52 56.13 5.88 7.86
CA GLY B 52 56.26 7.21 7.30
C GLY B 52 55.22 8.17 7.88
N LEU B 53 54.23 7.61 8.57
CA LEU B 53 53.29 8.42 9.34
C LEU B 53 53.67 8.40 10.83
N GLN B 54 53.79 9.60 11.40
CA GLN B 54 54.18 9.75 12.78
C GLN B 54 52.98 10.16 13.64
N ARG B 55 52.69 9.36 14.67
CA ARG B 55 51.57 9.64 15.57
C ARG B 55 51.58 11.07 16.11
N HIS B 56 50.46 11.76 15.97
CA HIS B 56 50.30 13.15 16.40
C HIS B 56 51.16 14.16 15.63
N HIS B 57 51.72 13.74 14.50
CA HIS B 57 52.44 14.65 13.61
C HIS B 57 52.01 14.44 12.17
N THR B 58 50.76 14.01 12.04
CA THR B 58 50.14 13.70 10.75
C THR B 58 49.56 14.95 10.10
N SER B 59 49.40 14.88 8.78
CA SER B 59 48.83 15.98 8.00
C SER B 59 47.70 15.47 7.12
N ALA B 60 46.84 16.37 6.66
CA ALA B 60 45.76 15.98 5.77
C ALA B 60 46.35 15.40 4.49
N GLU B 61 47.40 16.03 3.99
CA GLU B 61 48.05 15.59 2.76
C GLU B 61 48.49 14.13 2.86
N GLU B 62 49.17 13.80 3.94
CA GLU B 62 49.65 12.44 4.15
C GLU B 62 48.49 11.46 4.17
N ALA B 63 47.42 11.83 4.87
CA ALA B 63 46.25 10.97 4.97
C ALA B 63 45.63 10.78 3.60
N GLN B 64 45.41 11.88 2.88
CA GLN B 64 44.85 11.80 1.54
C GLN B 64 45.64 10.84 0.66
N LYS B 65 46.96 10.85 0.78
CA LYS B 65 47.81 9.95 0.03
C LYS B 65 47.38 8.51 0.24
N LEU B 66 47.23 8.11 1.51
CA LEU B 66 46.76 6.76 1.82
C LEU B 66 45.34 6.50 1.27
N GLU B 67 44.44 7.45 1.49
CA GLU B 67 43.05 7.28 1.04
C GLU B 67 43.00 7.14 -0.48
N ASP B 68 43.92 7.83 -1.15
CA ASP B 68 44.00 7.78 -2.62
C ASP B 68 44.69 6.52 -3.12
N GLY B 69 45.41 5.85 -2.24
CA GLY B 69 46.16 4.66 -2.60
C GLY B 69 45.28 3.53 -3.12
N LYS B 70 45.90 2.42 -3.47
CA LYS B 70 45.18 1.29 -4.05
C LYS B 70 44.78 0.28 -2.99
N ILE B 71 45.59 0.16 -1.95
CA ILE B 71 45.33 -0.80 -0.90
C ILE B 71 44.94 -0.12 0.41
N ASN B 72 43.88 -0.62 1.04
CA ASN B 72 43.38 -0.08 2.31
C ASN B 72 44.41 -0.28 3.42
N PRO B 73 44.90 0.82 4.00
CA PRO B 73 45.92 0.76 5.06
C PRO B 73 45.48 -0.01 6.30
N PHE B 74 44.21 0.09 6.70
CA PHE B 74 43.73 -0.57 7.91
C PHE B 74 43.53 -2.08 7.73
N THR B 75 43.32 -2.50 6.49
CA THR B 75 43.26 -3.92 6.17
C THR B 75 44.39 -4.23 5.22
N GLY B 76 44.36 -5.38 4.57
CA GLY B 76 45.35 -5.70 3.57
C GLY B 76 44.79 -5.58 2.17
N ARG B 77 43.48 -5.26 2.08
CA ARG B 77 42.74 -5.42 0.84
C ARG B 77 42.74 -4.24 -0.11
N GLU B 78 42.59 -4.55 -1.39
CA GLU B 78 42.44 -3.57 -2.45
C GLU B 78 41.22 -2.70 -2.21
N PHE B 79 41.40 -1.38 -2.30
CA PHE B 79 40.25 -0.47 -2.22
C PHE B 79 39.29 -0.73 -3.37
N THR B 80 38.00 -0.73 -3.07
CA THR B 80 37.00 -1.01 -4.11
C THR B 80 36.56 0.26 -4.83
N PRO B 81 35.96 0.10 -6.02
CA PRO B 81 35.44 1.24 -6.78
C PRO B 81 34.39 2.00 -5.97
N LYS B 82 33.52 1.27 -5.29
CA LYS B 82 32.52 1.87 -4.41
C LYS B 82 33.20 2.87 -3.44
N TYR B 83 34.33 2.58 -2.83
CA TYR B 83 35.06 3.49 -1.97
C TYR B 83 35.49 4.73 -2.62
N VAL B 84 36.08 4.55 -3.75
CA VAL B 84 36.58 5.74 -4.42
C VAL B 84 35.48 6.74 -4.79
N ASP B 85 34.30 6.23 -5.15
CA ASP B 85 33.15 7.07 -5.46
C ASP B 85 32.63 7.77 -4.21
N ILE B 86 32.55 7.01 -3.12
CA ILE B 86 32.12 7.59 -1.86
C ILE B 86 33.18 8.58 -1.41
N LEU B 87 34.44 8.24 -1.67
CA LEU B 87 35.57 9.05 -1.22
C LEU B 87 35.52 10.48 -1.77
N LYS B 88 35.31 10.61 -3.07
CA LYS B 88 35.33 11.92 -3.69
C LYS B 88 34.12 12.75 -3.26
N ILE B 89 33.02 12.06 -2.96
CA ILE B 89 31.81 12.73 -2.51
C ILE B 89 31.96 13.30 -1.09
N ARG B 90 32.39 12.47 -0.15
CA ARG B 90 32.53 12.92 1.24
C ARG B 90 33.59 13.99 1.39
N ARG B 91 34.50 14.05 0.44
CA ARG B 91 35.56 15.04 0.50
C ARG B 91 35.00 16.43 0.29
N GLU B 92 33.74 16.48 -0.13
CA GLU B 92 33.07 17.74 -0.35
C GLU B 92 32.49 18.32 0.96
N LEU B 93 32.39 17.47 1.99
CA LEU B 93 31.82 17.90 3.27
C LEU B 93 32.65 19.02 3.89
N PRO B 94 31.95 20.04 4.45
CA PRO B 94 32.58 21.26 5.00
C PRO B 94 33.70 20.98 5.99
N VAL B 95 33.65 19.84 6.66
CA VAL B 95 34.69 19.48 7.63
C VAL B 95 36.07 19.30 7.00
N HIS B 96 36.11 18.83 5.76
CA HIS B 96 37.38 18.58 5.06
C HIS B 96 38.20 19.84 4.83
N ALA B 97 37.53 20.97 4.66
CA ALA B 97 38.24 22.23 4.42
C ALA B 97 39.06 22.63 5.65
N GLN B 98 38.78 22.01 6.78
CA GLN B 98 39.45 22.36 8.02
C GLN B 98 40.19 21.17 8.63
N ARG B 99 40.43 20.13 7.83
CA ARG B 99 41.08 18.91 8.32
C ARG B 99 42.39 19.21 9.02
N ASP B 100 43.22 20.02 8.37
CA ASP B 100 44.53 20.36 8.92
C ASP B 100 44.40 21.18 10.20
N GLU B 101 43.46 22.12 10.22
CA GLU B 101 43.23 22.92 11.41
C GLU B 101 42.75 22.05 12.57
N PHE B 102 41.95 21.03 12.26
CA PHE B 102 41.50 20.10 13.28
C PHE B 102 42.67 19.27 13.82
N LEU B 103 43.45 18.70 12.92
CA LEU B 103 44.62 17.89 13.31
C LEU B 103 45.53 18.67 14.26
N LYS B 104 45.80 19.92 13.94
CA LYS B 104 46.63 20.78 14.77
C LYS B 104 46.12 20.80 16.19
N LEU B 105 44.84 21.11 16.33
CA LEU B 105 44.21 21.22 17.64
C LEU B 105 44.24 19.88 18.38
N TYR B 106 43.94 18.80 17.65
CA TYR B 106 43.97 17.46 18.22
C TYR B 106 45.36 17.12 18.73
N GLN B 107 46.36 17.47 17.95
CA GLN B 107 47.73 17.11 18.28
C GLN B 107 48.27 17.84 19.51
N ASN B 108 47.76 19.04 19.76
CA ASN B 108 48.35 19.90 20.79
C ASN B 108 47.46 20.12 22.02
N ASN B 109 46.37 19.36 22.12
CA ASN B 109 45.47 19.48 23.26
C ASN B 109 44.92 18.12 23.68
N GLN B 110 44.73 17.94 24.98
CA GLN B 110 44.18 16.68 25.46
C GLN B 110 42.65 16.69 25.35
N ILE B 111 42.04 17.86 25.51
CA ILE B 111 40.60 18.00 25.32
C ILE B 111 40.27 19.15 24.38
N MET B 112 39.35 18.92 23.46
CA MET B 112 38.96 19.97 22.53
C MET B 112 37.47 19.92 22.26
N VAL B 113 36.89 21.07 21.93
CA VAL B 113 35.49 21.13 21.56
C VAL B 113 35.37 21.43 20.07
N PHE B 114 34.44 20.77 19.41
CA PHE B 114 34.27 20.84 17.96
C PHE B 114 32.80 21.12 17.67
N VAL B 115 32.54 22.25 17.03
CA VAL B 115 31.17 22.65 16.77
C VAL B 115 30.89 22.84 15.28
N GLY B 116 29.71 22.40 14.83
CA GLY B 116 29.31 22.53 13.44
C GLY B 116 27.86 22.12 13.24
N GLU B 117 27.18 22.79 12.32
CA GLU B 117 25.80 22.44 11.92
C GLU B 117 25.66 20.95 11.58
N THR B 118 24.47 20.39 11.79
CA THR B 118 24.31 18.99 11.40
C THR B 118 24.39 18.92 9.87
N GLY B 119 25.09 17.89 9.39
CA GLY B 119 25.26 17.67 7.98
C GLY B 119 26.65 18.07 7.55
N SER B 120 27.37 18.76 8.44
CA SER B 120 28.66 19.31 8.08
C SER B 120 29.77 18.25 8.09
N GLY B 121 29.49 17.07 8.64
CA GLY B 121 30.42 15.95 8.58
C GLY B 121 31.12 15.58 9.87
N LYS B 122 30.58 16.03 11.01
CA LYS B 122 31.18 15.73 12.33
C LYS B 122 31.30 14.24 12.65
N THR B 123 30.18 13.53 12.68
CA THR B 123 30.17 12.14 13.13
C THR B 123 30.86 11.17 12.16
N THR B 124 30.71 11.38 10.86
CA THR B 124 31.27 10.45 9.89
C THR B 124 32.76 10.68 9.65
N GLN B 125 33.15 11.94 9.47
CA GLN B 125 34.51 12.25 9.05
C GLN B 125 35.52 12.35 10.19
N ILE B 126 35.20 13.14 11.21
CA ILE B 126 36.17 13.43 12.27
C ILE B 126 36.80 12.18 12.91
N PRO B 127 35.99 11.18 13.24
CA PRO B 127 36.61 9.97 13.82
C PRO B 127 37.57 9.34 12.81
N GLN B 128 37.28 9.45 11.52
CA GLN B 128 38.19 8.94 10.51
C GLN B 128 39.47 9.76 10.47
N PHE B 129 39.37 11.08 10.60
CA PHE B 129 40.55 11.92 10.66
C PHE B 129 41.44 11.50 11.81
N VAL B 130 40.81 11.11 12.92
CA VAL B 130 41.54 10.72 14.11
C VAL B 130 42.28 9.40 13.89
N LEU B 131 41.66 8.46 13.17
CA LEU B 131 42.29 7.18 12.91
C LEU B 131 43.63 7.35 12.21
N PHE B 132 43.72 8.30 11.27
CA PHE B 132 44.96 8.52 10.54
C PHE B 132 46.06 9.14 11.39
N ASP B 133 45.70 10.14 12.19
CA ASP B 133 46.68 10.80 13.05
C ASP B 133 47.04 10.00 14.29
N GLU B 134 46.12 9.17 14.76
CA GLU B 134 46.29 8.47 16.02
C GLU B 134 46.72 7.03 15.83
N MET B 135 46.39 6.47 14.67
CA MET B 135 46.70 5.09 14.36
C MET B 135 46.50 4.17 15.56
N PRO B 136 45.30 4.22 16.16
CA PRO B 136 44.98 3.53 17.41
C PRO B 136 45.28 2.04 17.35
N HIS B 137 45.06 1.44 16.18
CA HIS B 137 45.19 -0.01 16.06
C HIS B 137 46.63 -0.50 16.23
N LEU B 138 47.59 0.35 15.89
CA LEU B 138 49.00 -0.03 16.01
C LEU B 138 49.48 0.02 17.47
N GLU B 139 48.71 0.69 18.32
CA GLU B 139 49.05 0.81 19.74
C GLU B 139 48.05 0.05 20.59
N ASN B 140 47.32 -0.87 19.96
CA ASN B 140 46.42 -1.77 20.67
C ASN B 140 45.25 -1.06 21.35
N THR B 141 44.65 -0.12 20.64
CA THR B 141 43.52 0.63 21.19
C THR B 141 42.45 0.87 20.14
N GLN B 142 41.34 1.47 20.56
CA GLN B 142 40.25 1.83 19.66
C GLN B 142 39.93 3.31 19.85
N VAL B 143 39.05 3.85 19.03
CA VAL B 143 38.46 5.13 19.38
C VAL B 143 36.95 5.02 19.44
N ALA B 144 36.38 5.60 20.50
CA ALA B 144 34.96 5.54 20.74
C ALA B 144 34.35 6.84 20.23
N CYS B 145 33.18 6.71 19.61
CA CYS B 145 32.37 7.87 19.27
C CYS B 145 30.96 7.63 19.77
N THR B 146 30.50 8.47 20.67
CA THR B 146 29.30 8.22 21.46
C THR B 146 28.09 9.00 20.93
N GLN B 147 26.96 8.34 20.81
CA GLN B 147 25.73 8.94 20.32
C GLN B 147 24.65 8.81 21.35
N PRO B 148 23.90 9.87 21.59
CA PRO B 148 22.66 9.79 22.41
C PRO B 148 21.65 8.85 21.80
N ARG B 149 21.70 8.67 20.48
CA ARG B 149 20.63 7.93 19.81
C ARG B 149 21.07 6.62 19.18
N ARG B 150 20.40 5.54 19.55
CA ARG B 150 20.66 4.22 19.01
C ARG B 150 20.75 4.28 17.48
N VAL B 151 19.75 4.87 16.86
CA VAL B 151 19.63 4.86 15.39
C VAL B 151 20.81 5.58 14.74
N ALA B 152 21.24 6.69 15.34
CA ALA B 152 22.39 7.43 14.83
C ALA B 152 23.65 6.57 14.93
N ALA B 153 23.83 5.90 16.07
CA ALA B 153 24.97 5.02 16.21
C ALA B 153 24.97 3.89 15.17
N MET B 154 23.84 3.22 15.01
CA MET B 154 23.78 2.06 14.12
C MET B 154 23.97 2.47 12.66
N SER B 155 23.23 3.50 12.22
CA SER B 155 23.22 3.85 10.82
C SER B 155 24.51 4.54 10.41
N VAL B 156 25.08 5.31 11.33
CA VAL B 156 26.30 6.01 11.01
C VAL B 156 27.48 5.03 10.98
N ALA B 157 27.46 4.03 11.85
CA ALA B 157 28.51 3.00 11.79
C ALA B 157 28.44 2.29 10.43
N GLN B 158 27.23 1.97 9.99
CA GLN B 158 27.02 1.27 8.72
C GLN B 158 27.58 2.12 7.58
N ARG B 159 27.32 3.41 7.64
CA ARG B 159 27.85 4.35 6.64
C ARG B 159 29.37 4.45 6.68
N VAL B 160 29.94 4.63 7.86
CA VAL B 160 31.38 4.80 7.98
C VAL B 160 32.12 3.54 7.59
N ALA B 161 31.53 2.36 7.83
CA ALA B 161 32.13 1.11 7.38
C ALA B 161 32.26 1.11 5.85
N GLU B 162 31.27 1.66 5.17
CA GLU B 162 31.32 1.80 3.72
C GLU B 162 32.36 2.84 3.32
N GLU B 163 32.43 3.94 4.06
CA GLU B 163 33.39 5.00 3.76
C GLU B 163 34.83 4.53 3.98
N MET B 164 35.02 3.51 4.81
CA MET B 164 36.35 2.99 5.09
C MET B 164 36.62 1.67 4.35
N ASP B 165 35.67 1.28 3.51
CA ASP B 165 35.73 0.04 2.75
C ASP B 165 36.07 -1.17 3.61
N VAL B 166 35.41 -1.27 4.77
CA VAL B 166 35.56 -2.42 5.66
C VAL B 166 34.20 -3.02 5.97
N LYS B 167 34.18 -4.22 6.53
CA LYS B 167 32.91 -4.88 6.87
C LYS B 167 32.36 -4.38 8.22
N LEU B 168 31.05 -4.12 8.29
CA LEU B 168 30.42 -3.70 9.54
C LEU B 168 30.55 -4.80 10.58
N GLY B 169 31.04 -4.42 11.77
CA GLY B 169 31.23 -5.39 12.82
C GLY B 169 32.70 -5.76 12.88
N GLU B 170 33.43 -5.39 11.84
CA GLU B 170 34.88 -5.61 11.84
C GLU B 170 35.63 -4.33 12.21
N GLU B 171 36.36 -3.72 11.30
CA GLU B 171 37.15 -2.54 11.68
C GLU B 171 36.29 -1.39 12.19
N VAL B 172 35.10 -1.23 11.61
CA VAL B 172 34.10 -0.31 12.13
C VAL B 172 32.91 -1.10 12.67
N GLY B 173 32.52 -0.80 13.91
CA GLY B 173 31.39 -1.48 14.52
C GLY B 173 30.54 -0.55 15.38
N TYR B 174 29.47 -1.09 15.95
CA TYR B 174 28.65 -0.32 16.86
C TYR B 174 28.30 -1.15 18.08
N SER B 175 28.04 -0.47 19.19
CA SER B 175 27.59 -1.14 20.40
C SER B 175 26.36 -0.41 20.93
N ILE B 176 25.26 -1.15 21.03
CA ILE B 176 24.02 -0.66 21.61
C ILE B 176 23.62 -1.64 22.69
N ARG B 177 22.80 -1.17 23.62
CA ARG B 177 22.27 -2.03 24.67
C ARG B 177 21.54 -3.22 24.03
N PHE B 178 21.92 -4.44 24.40
CA PHE B 178 21.29 -5.65 23.85
C PHE B 178 21.64 -5.94 22.38
N GLU B 179 22.35 -5.03 21.73
CA GLU B 179 22.67 -5.22 20.31
C GLU B 179 24.12 -4.84 20.04
N ASN B 180 25.02 -5.80 20.14
CA ASN B 180 26.42 -5.54 19.87
C ASN B 180 26.81 -5.95 18.46
N LYS B 181 27.59 -5.10 17.80
CA LYS B 181 28.10 -5.41 16.47
C LYS B 181 29.56 -5.01 16.37
N THR B 182 30.39 -5.64 17.20
CA THR B 182 31.82 -5.42 17.19
C THR B 182 32.56 -6.75 17.22
N SER B 183 33.88 -6.68 17.16
CA SER B 183 34.72 -7.88 17.23
C SER B 183 36.15 -7.49 17.61
N ASN B 184 37.03 -8.48 17.65
CA ASN B 184 38.43 -8.23 18.01
C ASN B 184 39.11 -7.33 16.99
N LYS B 185 38.50 -7.19 15.83
CA LYS B 185 39.08 -6.37 14.79
C LYS B 185 38.62 -4.91 14.81
N THR B 186 37.63 -4.57 15.65
CA THR B 186 37.09 -3.21 15.58
C THR B 186 38.06 -2.16 16.11
N ILE B 187 38.26 -1.13 15.30
CA ILE B 187 39.13 -0.02 15.61
C ILE B 187 38.31 1.21 16.01
N LEU B 188 37.27 1.46 15.23
CA LEU B 188 36.40 2.62 15.45
C LEU B 188 35.03 2.12 15.88
N LYS B 189 34.63 2.53 17.07
CA LYS B 189 33.43 2.01 17.68
C LYS B 189 32.44 3.12 17.95
N TYR B 190 31.38 3.19 17.15
CA TYR B 190 30.28 4.09 17.44
C TYR B 190 29.40 3.37 18.42
N MET B 191 28.85 4.10 19.38
CA MET B 191 28.10 3.48 20.44
C MET B 191 27.21 4.52 21.13
N THR B 192 26.19 4.08 21.86
CA THR B 192 25.38 5.05 22.58
C THR B 192 26.23 5.55 23.76
N ASP B 193 25.92 6.72 24.28
CA ASP B 193 26.64 7.19 25.45
C ASP B 193 26.38 6.23 26.61
N GLY B 194 25.16 5.71 26.68
CA GLY B 194 24.82 4.74 27.71
C GLY B 194 25.80 3.56 27.74
N MET B 195 26.17 3.05 26.57
CA MET B 195 27.06 1.87 26.52
C MET B 195 28.51 2.15 26.92
N LEU B 196 29.06 3.28 26.51
CA LEU B 196 30.37 3.68 27.00
C LEU B 196 30.34 3.86 28.52
N LEU B 197 29.26 4.42 29.03
CA LEU B 197 29.07 4.55 30.48
C LEU B 197 29.20 3.17 31.09
N ARG B 198 28.55 2.18 30.49
CA ARG B 198 28.59 0.83 31.05
C ARG B 198 29.98 0.21 30.98
N GLU B 199 30.73 0.51 29.90
CA GLU B 199 32.10 0.04 29.81
C GLU B 199 32.96 0.68 30.90
N ALA B 200 32.72 1.96 31.16
CA ALA B 200 33.47 2.67 32.20
C ALA B 200 33.22 2.04 33.56
N MET B 201 32.00 1.57 33.78
CA MET B 201 31.65 0.94 35.06
C MET B 201 32.52 -0.30 35.33
N GLU B 202 32.91 -0.99 34.25
CA GLU B 202 33.77 -2.16 34.36
C GLU B 202 35.26 -1.79 34.36
N ASP B 203 35.59 -0.71 33.65
CA ASP B 203 36.97 -0.24 33.56
C ASP B 203 37.01 1.27 33.69
N HIS B 204 37.30 1.75 34.90
CA HIS B 204 37.15 3.17 35.21
C HIS B 204 38.04 4.09 34.37
N ASP B 205 39.10 3.55 33.78
CA ASP B 205 40.01 4.36 32.99
C ASP B 205 39.75 4.25 31.50
N LEU B 206 38.78 3.41 31.13
CA LEU B 206 38.46 3.19 29.72
C LEU B 206 39.74 2.93 28.90
N SER B 207 40.61 2.11 29.49
CA SER B 207 41.95 1.90 28.97
C SER B 207 41.98 1.40 27.54
N ARG B 208 40.88 0.85 27.07
CA ARG B 208 40.88 0.29 25.73
C ARG B 208 40.92 1.39 24.66
N TYR B 209 40.52 2.60 25.02
CA TYR B 209 40.45 3.70 24.05
C TYR B 209 41.61 4.69 24.17
N SER B 210 42.11 5.17 23.04
CA SER B 210 43.11 6.22 23.04
C SER B 210 42.47 7.57 22.72
N CYS B 211 41.33 7.53 22.04
CA CYS B 211 40.53 8.73 21.85
C CYS B 211 39.06 8.44 22.12
N ILE B 212 38.41 9.34 22.84
CA ILE B 212 36.97 9.24 23.08
C ILE B 212 36.30 10.50 22.56
N ILE B 213 35.32 10.31 21.68
CA ILE B 213 34.61 11.41 21.08
C ILE B 213 33.17 11.41 21.56
N LEU B 214 32.84 12.39 22.39
CA LEU B 214 31.46 12.54 22.89
C LEU B 214 30.72 13.46 21.93
N ASP B 215 29.92 12.93 21.06
CA ASP B 215 29.22 13.57 20.01
C ASP B 215 27.83 14.13 20.48
N GLU B 216 27.26 15.05 19.73
CA GLU B 216 25.90 15.54 20.00
C GLU B 216 25.78 15.96 21.46
N ALA B 217 26.82 16.60 21.99
CA ALA B 217 26.85 16.99 23.39
C ALA B 217 25.70 17.94 23.72
N HIS B 218 25.28 18.73 22.73
CA HIS B 218 24.19 19.68 22.92
C HIS B 218 22.88 19.03 23.39
N GLU B 219 22.75 17.72 23.22
CA GLU B 219 21.51 17.07 23.67
C GLU B 219 21.54 16.95 25.19
N ARG B 220 22.74 17.05 25.75
CA ARG B 220 22.90 17.03 27.20
C ARG B 220 22.10 15.87 27.85
N THR B 221 22.27 14.66 27.34
CA THR B 221 21.65 13.51 28.00
C THR B 221 22.33 13.21 29.34
N LEU B 222 21.67 12.41 30.15
CA LEU B 222 22.22 12.03 31.43
C LEU B 222 23.57 11.33 31.23
N ALA B 223 23.57 10.34 30.34
CA ALA B 223 24.77 9.56 30.08
C ALA B 223 25.94 10.41 29.57
N THR B 224 25.71 11.35 28.65
CA THR B 224 26.87 12.18 28.28
C THR B 224 27.30 13.12 29.41
N ASP B 225 26.35 13.61 30.20
CA ASP B 225 26.72 14.48 31.33
C ASP B 225 27.62 13.69 32.30
N ILE B 226 27.23 12.46 32.61
CA ILE B 226 28.07 11.62 33.45
C ILE B 226 29.44 11.39 32.81
N LEU B 227 29.45 11.00 31.54
CA LEU B 227 30.74 10.77 30.85
C LEU B 227 31.65 12.00 30.89
N MET B 228 31.08 13.18 30.67
CA MET B 228 31.88 14.41 30.70
C MET B 228 32.53 14.56 32.07
N GLY B 229 31.77 14.26 33.12
CA GLY B 229 32.27 14.38 34.49
C GLY B 229 33.45 13.42 34.48
N LEU B 230 33.16 12.14 34.36
CA LEU B 230 34.17 11.10 34.51
C LEU B 230 35.44 11.42 33.73
N LEU B 231 35.29 11.78 32.47
CA LEU B 231 36.43 11.92 31.60
C LEU B 231 37.31 13.09 32.05
N LYS B 232 36.70 14.10 32.64
CA LYS B 232 37.41 15.26 33.15
C LYS B 232 38.52 14.51 33.91
N GLN B 233 38.13 13.69 34.88
CA GLN B 233 39.07 13.13 35.86
C GLN B 233 39.99 12.06 35.29
N VAL B 234 39.46 11.20 34.41
CA VAL B 234 40.27 10.14 33.79
C VAL B 234 41.47 10.79 33.11
N VAL B 235 41.25 11.99 32.59
CA VAL B 235 42.22 12.64 31.75
C VAL B 235 43.44 13.05 32.57
N LYS B 236 43.24 13.23 33.88
CA LYS B 236 44.35 13.51 34.79
C LYS B 236 45.18 12.24 35.03
N ARG B 237 44.52 11.08 34.94
CA ARG B 237 45.16 9.81 35.23
C ARG B 237 45.77 9.14 33.99
N ARG B 238 45.30 9.53 32.80
CA ARG B 238 45.97 9.07 31.59
C ARG B 238 46.28 10.16 30.56
N PRO B 239 47.57 10.50 30.46
CA PRO B 239 48.08 11.48 29.49
C PRO B 239 47.94 10.98 28.07
N ASP B 240 47.76 9.67 27.90
CA ASP B 240 47.66 9.07 26.56
C ASP B 240 46.21 9.08 26.01
N LEU B 241 45.29 9.66 26.77
CA LEU B 241 43.91 9.72 26.33
C LEU B 241 43.55 11.09 25.80
N LYS B 242 42.99 11.13 24.60
CA LYS B 242 42.48 12.37 24.03
C LYS B 242 40.95 12.36 23.98
N ILE B 243 40.39 13.56 24.14
CA ILE B 243 38.94 13.73 24.27
C ILE B 243 38.48 14.86 23.36
N ILE B 244 37.47 14.57 22.57
CA ILE B 244 36.84 15.54 21.68
C ILE B 244 35.36 15.63 22.04
N ILE B 245 34.88 16.85 22.28
CA ILE B 245 33.47 17.10 22.53
C ILE B 245 32.86 17.74 21.30
N MET B 246 31.89 17.07 20.69
CA MET B 246 31.28 17.59 19.47
C MET B 246 29.86 18.01 19.73
N SER B 247 29.45 19.12 19.11
CA SER B 247 28.15 19.70 19.36
C SER B 247 27.67 20.47 18.15
N ALA B 248 26.35 20.53 17.98
CA ALA B 248 25.78 21.25 16.85
C ALA B 248 25.55 22.72 17.19
N THR B 249 25.47 23.03 18.49
CA THR B 249 25.21 24.41 18.88
C THR B 249 26.50 25.23 18.78
N LEU B 250 26.47 26.25 17.94
CA LEU B 250 27.63 27.10 17.71
C LEU B 250 28.02 27.83 19.00
N ASP B 251 27.24 27.58 20.05
CA ASP B 251 27.59 27.96 21.42
C ASP B 251 28.60 26.96 21.97
N ALA B 252 29.69 27.47 22.55
CA ALA B 252 30.75 26.61 23.04
C ALA B 252 31.32 27.08 24.38
N GLU B 253 31.21 28.38 24.64
CA GLU B 253 31.73 28.98 25.86
C GLU B 253 31.61 28.06 27.08
N LYS B 254 30.36 27.74 27.44
CA LYS B 254 30.08 26.95 28.63
C LYS B 254 30.82 25.62 28.66
N PHE B 255 30.92 24.97 27.51
CA PHE B 255 31.69 23.72 27.43
C PHE B 255 33.20 23.95 27.59
N GLN B 256 33.73 24.97 26.92
CA GLN B 256 35.16 25.26 27.01
C GLN B 256 35.56 25.54 28.45
N ARG B 257 34.76 26.35 29.14
CA ARG B 257 35.02 26.67 30.54
C ARG B 257 35.02 25.39 31.37
N TYR B 258 33.98 24.58 31.17
CA TYR B 258 33.84 23.35 31.94
C TYR B 258 35.05 22.45 31.77
N PHE B 259 35.60 22.42 30.57
CA PHE B 259 36.76 21.60 30.27
C PHE B 259 38.09 22.39 30.35
N ASN B 260 38.20 23.23 31.36
CA ASN B 260 39.46 23.92 31.67
C ASN B 260 39.98 24.76 30.50
N ASP B 261 39.11 25.60 29.94
CA ASP B 261 39.46 26.48 28.84
C ASP B 261 39.96 25.74 27.61
N ALA B 262 39.37 24.58 27.33
CA ALA B 262 39.73 23.83 26.14
C ALA B 262 39.51 24.71 24.92
N PRO B 263 40.30 24.47 23.86
CA PRO B 263 40.16 25.20 22.59
C PRO B 263 38.95 24.75 21.78
N LEU B 264 38.47 25.62 20.89
CA LEU B 264 37.28 25.36 20.10
C LEU B 264 37.57 25.46 18.60
N LEU B 265 37.08 24.49 17.85
CA LEU B 265 37.09 24.58 16.40
C LEU B 265 35.64 24.69 15.94
N ALA B 266 35.33 25.72 15.17
CA ALA B 266 33.97 25.90 14.68
C ALA B 266 33.94 25.79 13.16
N VAL B 267 32.97 25.04 12.64
CA VAL B 267 32.81 24.90 11.22
C VAL B 267 31.79 25.94 10.77
N PRO B 268 32.16 26.78 9.79
CA PRO B 268 31.20 27.77 9.30
C PRO B 268 29.95 27.10 8.70
N GLY B 269 28.77 27.66 8.94
CA GLY B 269 27.54 27.11 8.43
C GLY B 269 27.41 27.25 6.91
N ARG B 270 26.82 26.25 6.25
CA ARG B 270 26.63 26.31 4.81
C ARG B 270 25.18 26.05 4.46
N THR B 271 24.29 26.34 5.35
CA THR B 271 22.89 26.06 5.17
C THR B 271 22.17 27.07 4.29
N TYR B 272 21.49 26.57 3.29
CA TYR B 272 20.79 27.47 2.36
C TYR B 272 19.59 28.11 3.02
N PRO B 273 19.08 29.20 2.43
CA PRO B 273 17.91 29.86 2.99
C PRO B 273 16.74 28.90 3.05
N VAL B 274 15.91 29.04 4.08
CA VAL B 274 14.73 28.20 4.22
C VAL B 274 13.52 29.07 4.47
N GLU B 275 12.57 29.00 3.54
CA GLU B 275 11.36 29.82 3.64
C GLU B 275 10.41 29.21 4.67
N LEU B 276 9.91 30.03 5.58
CA LEU B 276 9.09 29.53 6.67
C LEU B 276 7.62 29.83 6.42
N TYR B 277 6.78 28.80 6.52
CA TYR B 277 5.34 28.96 6.43
C TYR B 277 4.68 28.65 7.77
N TYR B 278 3.81 29.54 8.22
CA TYR B 278 3.11 29.36 9.48
C TYR B 278 1.61 29.23 9.24
N THR B 279 0.90 28.56 10.17
CA THR B 279 -0.56 28.57 10.14
C THR B 279 -1.08 29.88 10.71
N PRO B 280 -2.16 30.41 10.11
CA PRO B 280 -2.75 31.66 10.59
C PRO B 280 -3.38 31.48 11.97
N GLU B 281 -4.00 30.32 12.17
CA GLU B 281 -4.70 30.02 13.42
C GLU B 281 -4.04 28.85 14.14
N PHE B 282 -4.30 28.75 15.45
CA PHE B 282 -3.90 27.59 16.24
C PHE B 282 -4.47 26.31 15.63
N GLN B 283 -3.70 25.23 15.72
CA GLN B 283 -4.05 23.97 15.05
C GLN B 283 -4.37 22.92 16.10
N ARG B 284 -5.64 22.64 16.33
CA ARG B 284 -6.02 21.74 17.40
C ARG B 284 -5.61 20.30 17.12
N ASP B 285 -5.70 19.88 15.86
CA ASP B 285 -5.43 18.49 15.52
C ASP B 285 -4.33 18.39 14.45
N TYR B 286 -3.09 18.18 14.90
CA TYR B 286 -1.95 18.30 13.98
C TYR B 286 -1.72 17.14 13.01
N LEU B 287 -2.07 15.93 13.40
CA LEU B 287 -1.79 14.77 12.55
C LEU B 287 -2.37 14.89 11.13
N ASP B 288 -3.68 15.14 11.04
CA ASP B 288 -4.33 15.29 9.74
C ASP B 288 -3.84 16.52 8.99
N SER B 289 -3.52 17.59 9.72
CA SER B 289 -2.94 18.77 9.12
C SER B 289 -1.58 18.43 8.50
N ALA B 290 -0.77 17.69 9.26
CA ALA B 290 0.53 17.27 8.75
C ALA B 290 0.40 16.43 7.49
N ILE B 291 -0.56 15.51 7.50
CA ILE B 291 -0.78 14.61 6.36
C ILE B 291 -1.23 15.39 5.14
N ARG B 292 -2.14 16.32 5.35
CA ARG B 292 -2.64 17.16 4.28
C ARG B 292 -1.49 17.98 3.67
N THR B 293 -0.61 18.53 4.50
CA THR B 293 0.44 19.39 3.92
C THR B 293 1.54 18.60 3.19
N VAL B 294 1.82 17.37 3.63
CA VAL B 294 2.71 16.50 2.88
C VAL B 294 2.19 16.24 1.45
N LEU B 295 0.90 15.92 1.32
CA LEU B 295 0.32 15.59 0.03
C LEU B 295 0.25 16.82 -0.86
N GLN B 296 -0.04 17.96 -0.26
CA GLN B 296 -0.04 19.22 -0.98
C GLN B 296 1.35 19.53 -1.52
N ILE B 297 2.36 19.41 -0.67
CA ILE B 297 3.74 19.61 -1.11
C ILE B 297 4.04 18.72 -2.32
N HIS B 298 3.67 17.45 -2.22
CA HIS B 298 4.04 16.52 -3.27
C HIS B 298 3.35 16.83 -4.60
N ALA B 299 2.15 17.39 -4.54
CA ALA B 299 1.36 17.62 -5.74
C ALA B 299 1.68 18.97 -6.37
N THR B 300 2.22 19.89 -5.59
CA THR B 300 2.39 21.26 -6.06
C THR B 300 3.83 21.81 -6.09
N GLU B 301 4.74 21.23 -5.32
CA GLU B 301 6.11 21.77 -5.25
C GLU B 301 7.06 21.04 -6.19
N GLU B 302 8.15 21.68 -6.60
CA GLU B 302 9.10 20.98 -7.44
C GLU B 302 9.92 19.95 -6.68
N ALA B 303 10.66 19.13 -7.42
CA ALA B 303 11.48 18.06 -6.86
C ALA B 303 12.13 18.45 -5.54
N GLY B 304 12.21 17.47 -4.63
CA GLY B 304 12.75 17.71 -3.31
C GLY B 304 12.03 16.81 -2.33
N ASP B 305 12.76 16.15 -1.46
CA ASP B 305 12.14 15.18 -0.58
C ASP B 305 11.60 15.83 0.67
N ILE B 306 10.72 15.12 1.35
CA ILE B 306 10.01 15.68 2.49
C ILE B 306 10.40 14.99 3.79
N LEU B 307 10.64 15.80 4.82
CA LEU B 307 10.88 15.28 6.16
C LEU B 307 9.75 15.73 7.07
N LEU B 308 8.99 14.77 7.59
CA LEU B 308 7.90 15.06 8.51
C LEU B 308 8.27 14.63 9.92
N PHE B 309 8.16 15.54 10.88
CA PHE B 309 8.49 15.21 12.26
C PHE B 309 7.26 14.80 13.04
N LEU B 310 7.23 13.56 13.48
CA LEU B 310 6.20 13.14 14.40
C LEU B 310 6.83 12.72 15.73
N THR B 311 6.09 11.96 16.49
CA THR B 311 6.28 11.93 17.93
C THR B 311 6.63 10.56 18.50
N GLY B 312 6.15 9.50 17.85
CA GLY B 312 6.35 8.16 18.35
C GLY B 312 5.96 7.12 17.31
N GLU B 313 6.35 5.88 17.54
CA GLU B 313 6.21 4.87 16.51
C GLU B 313 4.78 4.57 16.06
N ASP B 314 3.85 4.45 16.99
CA ASP B 314 2.47 4.18 16.60
C ASP B 314 1.90 5.28 15.71
N GLU B 315 2.08 6.53 16.14
CA GLU B 315 1.68 7.69 15.36
C GLU B 315 2.37 7.65 13.99
N ILE B 316 3.66 7.34 13.98
CA ILE B 316 4.41 7.32 12.73
C ILE B 316 3.93 6.22 11.79
N GLU B 317 3.75 5.07 12.24
CA GLU B 317 3.21 3.99 11.52
C GLU B 317 1.79 4.22 11.01
N ASP B 318 1.04 4.90 11.73
CA ASP B 318 -0.28 5.34 11.29
C ASP B 318 -0.18 6.33 10.13
N ALA B 319 0.76 7.26 10.21
CA ALA B 319 0.90 8.26 9.16
C ALA B 319 1.54 7.65 7.91
N VAL B 320 2.40 6.65 8.11
CA VAL B 320 2.99 5.97 6.97
C VAL B 320 1.89 5.33 6.14
N ARG B 321 0.96 4.63 6.79
CA ARG B 321 -0.08 3.99 6.01
C ARG B 321 -1.07 4.96 5.38
N LYS B 322 -1.46 6.03 6.09
CA LYS B 322 -2.35 7.02 5.50
C LYS B 322 -1.71 7.77 4.33
N ILE B 323 -0.45 8.17 4.47
CA ILE B 323 0.20 8.96 3.42
C ILE B 323 0.49 8.06 2.23
N SER B 324 0.85 6.83 2.52
CA SER B 324 1.14 5.86 1.49
C SER B 324 -0.14 5.63 0.68
N LEU B 325 -1.23 5.37 1.38
CA LEU B 325 -2.52 5.10 0.75
C LEU B 325 -3.00 6.29 -0.09
N GLU B 326 -2.89 7.50 0.46
CA GLU B 326 -3.35 8.68 -0.28
C GLU B 326 -2.42 9.04 -1.43
N GLY B 327 -1.14 8.70 -1.28
CA GLY B 327 -0.17 8.93 -2.33
C GLY B 327 -0.53 8.12 -3.55
N ASP B 328 -0.74 6.83 -3.33
CA ASP B 328 -1.18 5.93 -4.40
C ASP B 328 -2.45 6.43 -5.09
N GLN B 329 -3.40 6.93 -4.31
CA GLN B 329 -4.63 7.49 -4.84
C GLN B 329 -4.34 8.70 -5.72
N LEU B 330 -3.37 9.51 -5.35
CA LEU B 330 -3.00 10.70 -6.12
C LEU B 330 -2.38 10.33 -7.47
N VAL B 331 -1.61 9.26 -7.51
CA VAL B 331 -1.01 8.80 -8.75
C VAL B 331 -2.10 8.48 -9.77
N ARG B 332 -3.01 7.61 -9.36
CA ARG B 332 -4.06 7.12 -10.23
C ARG B 332 -5.12 8.18 -10.58
N GLU B 333 -5.43 9.07 -9.64
CA GLU B 333 -6.48 10.05 -9.84
C GLU B 333 -6.01 11.36 -10.48
N GLU B 334 -4.83 11.84 -10.09
CA GLU B 334 -4.36 13.15 -10.54
C GLU B 334 -3.11 13.08 -11.40
N GLY B 335 -2.52 11.89 -11.49
CA GLY B 335 -1.27 11.71 -12.22
C GLY B 335 -0.03 12.26 -11.53
N CYS B 336 -0.02 12.26 -10.19
CA CYS B 336 1.17 12.70 -9.45
C CYS B 336 2.29 11.72 -9.63
N GLY B 337 3.51 12.16 -9.35
CA GLY B 337 4.65 11.27 -9.40
C GLY B 337 4.50 10.24 -8.31
N PRO B 338 5.29 9.18 -8.36
CA PRO B 338 5.25 8.20 -7.27
C PRO B 338 5.76 8.83 -5.96
N LEU B 339 5.29 8.31 -4.84
CA LEU B 339 5.67 8.85 -3.53
C LEU B 339 6.03 7.69 -2.62
N SER B 340 7.31 7.57 -2.30
CA SER B 340 7.74 6.55 -1.33
C SER B 340 7.66 7.12 0.08
N VAL B 341 7.43 6.25 1.06
CA VAL B 341 7.18 6.69 2.42
C VAL B 341 7.91 5.78 3.40
N TYR B 342 8.68 6.36 4.30
CA TYR B 342 9.51 5.57 5.20
C TYR B 342 9.36 6.03 6.64
N PRO B 343 9.25 5.09 7.60
CA PRO B 343 9.28 5.44 9.01
C PRO B 343 10.71 5.57 9.55
N LEU B 344 10.86 6.40 10.57
CA LEU B 344 12.11 6.47 11.34
C LEU B 344 11.83 6.71 12.80
N TYR B 345 12.22 5.75 13.63
CA TYR B 345 12.07 5.91 15.07
C TYR B 345 13.01 5.00 15.83
N GLY B 346 13.09 5.23 17.14
CA GLY B 346 14.08 4.61 17.99
C GLY B 346 14.28 3.11 17.88
N SER B 347 13.18 2.38 17.65
CA SER B 347 13.23 0.93 17.75
C SER B 347 13.36 0.22 16.40
N LEU B 348 13.39 0.98 15.32
CA LEU B 348 13.48 0.37 14.00
C LEU B 348 14.68 -0.55 13.87
N PRO B 349 14.48 -1.74 13.29
CA PRO B 349 15.61 -2.60 12.95
C PRO B 349 16.52 -1.91 11.94
N PRO B 350 17.81 -2.28 11.92
CA PRO B 350 18.83 -1.66 11.08
C PRO B 350 18.48 -1.69 9.59
N HIS B 351 18.03 -2.83 9.08
CA HIS B 351 17.71 -2.93 7.66
C HIS B 351 16.60 -1.96 7.26
N GLN B 352 15.73 -1.62 8.20
CA GLN B 352 14.68 -0.65 7.92
C GLN B 352 15.19 0.78 8.04
N GLN B 353 16.05 1.02 9.04
CA GLN B 353 16.71 2.32 9.18
C GLN B 353 17.34 2.73 7.85
N GLN B 354 18.06 1.80 7.26
CA GLN B 354 18.83 2.04 6.05
C GLN B 354 17.93 2.45 4.88
N ARG B 355 16.66 2.11 4.96
CA ARG B 355 15.73 2.39 3.88
C ARG B 355 15.50 3.89 3.68
N ILE B 356 15.69 4.67 4.74
CA ILE B 356 15.44 6.11 4.64
C ILE B 356 16.39 6.80 3.69
N PHE B 357 17.51 6.15 3.36
CA PHE B 357 18.51 6.76 2.49
C PHE B 357 18.32 6.42 1.02
N GLU B 358 17.27 5.66 0.70
CA GLU B 358 17.02 5.24 -0.68
C GLU B 358 16.62 6.42 -1.56
N PRO B 359 17.09 6.44 -2.81
CA PRO B 359 16.73 7.50 -3.76
C PRO B 359 15.22 7.55 -3.96
N ALA B 360 14.68 8.75 -4.14
CA ALA B 360 13.27 8.87 -4.50
C ALA B 360 13.02 8.05 -5.76
N PRO B 361 11.81 7.50 -5.90
CA PRO B 361 11.43 6.68 -7.06
C PRO B 361 11.40 7.53 -8.34
N GLU B 362 11.79 6.96 -9.47
CA GLU B 362 11.71 7.71 -10.73
C GLU B 362 10.27 7.75 -11.21
N SER B 363 9.86 8.92 -11.70
CA SER B 363 8.57 9.06 -12.31
C SER B 363 8.63 8.73 -13.79
N HIS B 364 7.62 8.01 -14.27
CA HIS B 364 7.47 7.77 -15.70
C HIS B 364 6.22 8.54 -16.11
N ASN B 365 6.14 9.78 -15.66
CA ASN B 365 4.87 10.48 -15.58
C ASN B 365 4.98 11.92 -16.03
N GLY B 366 6.17 12.49 -15.87
CA GLY B 366 6.36 13.91 -16.13
C GLY B 366 6.23 14.74 -14.87
N ARG B 367 5.64 14.15 -13.82
CA ARG B 367 5.59 14.80 -12.52
C ARG B 367 6.56 14.15 -11.54
N PRO B 368 7.18 14.94 -10.67
CA PRO B 368 8.31 14.45 -9.88
C PRO B 368 7.96 13.26 -8.97
N GLY B 369 8.80 12.23 -9.00
CA GLY B 369 8.78 11.21 -7.96
C GLY B 369 9.40 11.83 -6.72
N ARG B 370 9.16 11.25 -5.56
CA ARG B 370 9.50 11.95 -4.31
C ARG B 370 9.50 11.00 -3.12
N LYS B 371 10.36 11.29 -2.14
CA LYS B 371 10.41 10.50 -0.92
C LYS B 371 9.87 11.31 0.26
N VAL B 372 9.16 10.63 1.16
CA VAL B 372 8.80 11.19 2.46
C VAL B 372 9.40 10.35 3.56
N VAL B 373 10.16 10.99 4.45
CA VAL B 373 10.63 10.30 5.64
C VAL B 373 9.85 10.85 6.82
N ILE B 374 9.22 9.95 7.55
CA ILE B 374 8.38 10.34 8.68
C ILE B 374 9.12 9.96 9.93
N SER B 375 9.61 10.97 10.63
CA SER B 375 10.63 10.73 11.64
C SER B 375 10.31 11.35 12.98
N THR B 376 10.83 10.72 14.01
CA THR B 376 10.90 11.34 15.32
C THR B 376 12.05 12.36 15.31
N ASN B 377 12.31 13.02 16.43
CA ASN B 377 13.38 14.03 16.45
C ASN B 377 14.80 13.45 16.34
N ILE B 378 14.92 12.17 16.04
CA ILE B 378 16.20 11.62 15.60
C ILE B 378 16.74 12.45 14.45
N ALA B 379 15.86 12.87 13.55
CA ALA B 379 16.28 13.60 12.35
C ALA B 379 16.48 15.10 12.60
N GLU B 380 16.42 15.51 13.86
CA GLU B 380 16.58 16.92 14.18
C GLU B 380 18.07 17.34 14.06
N THR B 381 18.96 16.63 14.76
CA THR B 381 20.39 16.90 14.63
C THR B 381 21.26 15.66 14.50
N SER B 382 20.69 14.47 14.71
CA SER B 382 21.48 13.24 14.85
C SER B 382 22.03 12.67 13.54
N LEU B 383 21.36 12.94 12.43
CA LEU B 383 21.79 12.40 11.13
C LEU B 383 21.21 13.23 10.02
N THR B 384 21.65 13.02 8.78
CA THR B 384 21.00 13.69 7.67
C THR B 384 20.67 12.77 6.51
N ILE B 385 19.51 13.03 5.92
CA ILE B 385 19.04 12.33 4.74
C ILE B 385 19.24 13.30 3.59
N ASP B 386 20.21 13.00 2.74
CA ASP B 386 20.46 13.83 1.57
C ASP B 386 19.21 13.96 0.73
N GLY B 387 18.91 15.18 0.30
CA GLY B 387 17.86 15.38 -0.68
C GLY B 387 16.58 15.95 -0.13
N ILE B 388 16.52 16.08 1.19
CA ILE B 388 15.40 16.77 1.84
C ILE B 388 15.38 18.23 1.42
N VAL B 389 14.22 18.73 1.04
CA VAL B 389 14.06 20.13 0.69
C VAL B 389 12.89 20.74 1.43
N TYR B 390 11.99 19.89 1.90
CA TYR B 390 10.79 20.34 2.59
C TYR B 390 10.65 19.68 3.96
N VAL B 391 10.46 20.49 4.98
CA VAL B 391 10.20 19.99 6.33
C VAL B 391 8.78 20.34 6.75
N VAL B 392 8.10 19.41 7.41
CA VAL B 392 6.79 19.67 8.00
C VAL B 392 6.96 19.54 9.51
N ASP B 393 6.70 20.62 10.24
CA ASP B 393 6.97 20.67 11.68
C ASP B 393 5.70 20.91 12.48
N PRO B 394 5.10 19.83 13.03
CA PRO B 394 3.92 19.93 13.90
C PRO B 394 4.22 20.62 15.23
N GLY B 395 5.49 20.62 15.64
CA GLY B 395 5.92 21.35 16.83
C GLY B 395 5.94 20.54 18.12
N PHE B 396 5.91 19.21 18.01
CA PHE B 396 5.80 18.35 19.19
C PHE B 396 6.86 17.26 19.25
N SER B 397 7.20 16.83 20.46
CA SER B 397 8.08 15.68 20.64
C SER B 397 7.77 14.97 21.94
N LYS B 398 8.23 13.73 22.06
CA LYS B 398 8.06 13.01 23.31
C LYS B 398 9.21 13.39 24.24
N GLN B 399 8.88 14.03 25.36
CA GLN B 399 9.91 14.52 26.29
C GLN B 399 9.73 13.96 27.70
N LYS B 400 10.86 13.62 28.32
CA LYS B 400 10.86 13.18 29.69
C LYS B 400 10.58 14.37 30.61
N VAL B 401 9.67 14.16 31.54
CA VAL B 401 9.32 15.19 32.51
C VAL B 401 9.40 14.60 33.91
N TYR B 402 9.92 15.36 34.85
CA TYR B 402 10.03 14.89 36.22
C TYR B 402 9.20 15.78 37.14
N ASN B 403 8.63 15.19 38.17
CA ASN B 403 7.85 15.94 39.14
C ASN B 403 8.40 15.71 40.54
N PRO B 404 9.10 16.72 41.10
CA PRO B 404 9.78 16.64 42.39
C PRO B 404 8.82 16.47 43.56
N ARG B 405 7.63 17.05 43.45
CA ARG B 405 6.65 17.06 44.53
C ARG B 405 5.93 15.72 44.64
N ILE B 406 5.88 15.00 43.53
CA ILE B 406 5.27 13.67 43.50
C ILE B 406 6.32 12.59 43.27
N ARG B 407 7.53 13.03 42.93
CA ARG B 407 8.66 12.13 42.78
C ARG B 407 8.42 11.09 41.70
N VAL B 408 8.22 11.55 40.46
CA VAL B 408 8.00 10.59 39.37
C VAL B 408 8.30 11.15 37.98
N GLU B 409 8.91 10.32 37.15
CA GLU B 409 9.09 10.62 35.76
C GLU B 409 7.83 10.27 34.99
N SER B 410 7.70 10.82 33.80
CA SER B 410 6.69 10.41 32.83
C SER B 410 7.10 10.96 31.47
N LEU B 411 6.90 10.18 30.42
CA LEU B 411 7.13 10.64 29.07
C LEU B 411 5.86 11.25 28.51
N LEU B 412 5.93 12.54 28.18
CA LEU B 412 4.78 13.25 27.65
C LEU B 412 5.05 13.86 26.27
N VAL B 413 4.02 13.88 25.43
CA VAL B 413 4.10 14.60 24.16
C VAL B 413 3.90 16.08 24.42
N SER B 414 4.91 16.88 24.11
CA SER B 414 4.92 18.28 24.48
C SER B 414 5.46 19.18 23.38
N PRO B 415 5.09 20.47 23.41
CA PRO B 415 5.63 21.44 22.45
C PRO B 415 7.15 21.47 22.50
N ILE B 416 7.79 21.58 21.34
CA ILE B 416 9.25 21.61 21.29
C ILE B 416 9.79 22.99 21.64
N SER B 417 11.09 23.06 21.87
CA SER B 417 11.75 24.34 22.11
C SER B 417 11.93 25.10 20.81
N LYS B 418 12.19 26.39 20.94
CA LYS B 418 12.47 27.23 19.79
C LYS B 418 13.73 26.74 19.08
N ALA B 419 14.76 26.40 19.87
CA ALA B 419 15.99 25.86 19.29
C ALA B 419 15.71 24.61 18.45
N SER B 420 14.85 23.73 18.95
CA SER B 420 14.47 22.53 18.20
C SER B 420 13.76 22.90 16.91
N ALA B 421 12.85 23.87 17.01
CA ALA B 421 12.12 24.32 15.84
C ALA B 421 13.09 24.84 14.79
N GLN B 422 14.11 25.57 15.24
CA GLN B 422 15.14 26.09 14.37
C GLN B 422 15.91 24.95 13.70
N GLN B 423 16.30 23.95 14.48
CA GLN B 423 17.04 22.81 13.94
C GLN B 423 16.24 22.05 12.89
N ARG B 424 14.95 21.82 13.16
CA ARG B 424 14.07 21.16 12.21
C ARG B 424 14.01 21.88 10.87
N ALA B 425 13.83 23.20 10.93
CA ALA B 425 13.73 24.00 9.72
C ALA B 425 15.03 23.90 8.94
N GLY B 426 16.14 23.89 9.68
CA GLY B 426 17.46 23.84 9.07
C GLY B 426 17.67 22.62 8.17
N ARG B 427 17.07 21.51 8.52
CA ARG B 427 17.20 20.30 7.72
C ARG B 427 16.76 20.52 6.28
N ALA B 428 15.91 21.52 6.06
CA ALA B 428 15.40 21.79 4.72
C ALA B 428 16.41 22.49 3.82
N GLY B 429 17.47 23.03 4.40
CA GLY B 429 18.40 23.83 3.61
C GLY B 429 19.78 23.23 3.40
N ARG B 430 19.90 21.91 3.52
CA ARG B 430 21.22 21.30 3.40
C ARG B 430 21.73 21.25 1.96
N THR B 431 20.83 21.01 1.01
CA THR B 431 21.26 20.81 -0.37
C THR B 431 20.98 22.02 -1.27
N ARG B 432 19.84 22.69 -1.03
CA ARG B 432 19.42 23.84 -1.81
C ARG B 432 18.38 24.62 -1.01
N PRO B 433 18.01 25.81 -1.48
CA PRO B 433 16.98 26.61 -0.79
C PRO B 433 15.73 25.79 -0.53
N GLY B 434 15.27 25.78 0.72
CA GLY B 434 14.18 24.91 1.10
C GLY B 434 12.96 25.60 1.70
N LYS B 435 12.04 24.80 2.21
CA LYS B 435 10.83 25.32 2.83
C LYS B 435 10.52 24.53 4.08
N CYS B 436 10.05 25.22 5.11
CA CYS B 436 9.60 24.55 6.33
C CYS B 436 8.20 25.01 6.70
N PHE B 437 7.31 24.02 6.86
CA PHE B 437 5.91 24.28 7.16
C PHE B 437 5.66 23.99 8.63
N ARG B 438 5.48 25.06 9.41
CA ARG B 438 5.25 24.94 10.83
C ARG B 438 3.76 24.95 11.09
N LEU B 439 3.26 23.93 11.79
CA LEU B 439 1.82 23.80 12.01
C LEU B 439 1.39 24.59 13.25
N TYR B 440 1.86 25.83 13.32
CA TYR B 440 1.55 26.72 14.42
C TYR B 440 1.80 28.15 13.98
N THR B 441 1.44 29.10 14.84
CA THR B 441 1.50 30.52 14.47
C THR B 441 2.89 31.12 14.64
N GLU B 442 3.17 32.17 13.88
CA GLU B 442 4.42 32.89 14.05
C GLU B 442 4.54 33.43 15.47
N GLU B 443 3.42 33.85 16.04
CA GLU B 443 3.39 34.35 17.41
C GLU B 443 3.84 33.25 18.37
N ALA B 444 3.25 32.07 18.22
CA ALA B 444 3.57 30.93 19.07
C ALA B 444 5.06 30.62 19.01
N PHE B 445 5.64 30.67 17.81
CA PHE B 445 7.06 30.44 17.66
C PHE B 445 7.88 31.52 18.37
N GLN B 446 7.42 32.76 18.29
CA GLN B 446 8.19 33.88 18.86
C GLN B 446 8.01 34.07 20.37
N LYS B 447 6.83 33.72 20.89
CA LYS B 447 6.51 34.02 22.27
C LYS B 447 6.15 32.82 23.16
N GLU B 448 5.60 31.77 22.56
CA GLU B 448 5.14 30.62 23.34
C GLU B 448 6.21 29.55 23.61
N LEU B 449 6.89 29.09 22.56
CA LEU B 449 7.88 28.03 22.72
C LEU B 449 9.00 28.44 23.66
N ILE B 450 9.33 27.57 24.62
CA ILE B 450 10.49 27.83 25.48
C ILE B 450 11.76 27.88 24.63
N GLU B 451 12.73 28.66 25.08
CA GLU B 451 13.95 28.90 24.31
C GLU B 451 14.72 27.58 24.09
N GLN B 452 15.00 26.91 25.20
CA GLN B 452 15.85 25.73 25.20
C GLN B 452 15.27 24.73 26.22
N SER B 453 15.35 23.44 25.89
CA SER B 453 14.98 22.40 26.84
C SER B 453 16.02 22.24 27.95
N TYR B 454 15.59 21.83 29.13
CA TYR B 454 16.49 21.59 30.26
C TYR B 454 17.29 20.29 30.08
N PRO B 455 18.54 20.26 30.56
CA PRO B 455 19.34 19.03 30.50
C PRO B 455 18.64 17.87 31.22
N GLU B 456 18.75 16.67 30.65
CA GLU B 456 18.03 15.51 31.16
C GLU B 456 18.23 15.31 32.65
N ILE B 457 19.42 15.65 33.15
CA ILE B 457 19.71 15.35 34.53
C ILE B 457 18.79 16.10 35.51
N LEU B 458 18.19 17.19 35.05
CA LEU B 458 17.29 17.99 35.91
C LEU B 458 15.83 17.57 35.73
N ARG B 459 15.61 16.53 34.95
CA ARG B 459 14.28 16.06 34.60
C ARG B 459 14.26 14.57 34.82
N SER B 460 14.98 14.11 35.85
CA SER B 460 15.27 12.70 35.95
C SER B 460 15.15 12.16 37.39
N ASN B 461 14.54 10.99 37.53
CA ASN B 461 14.72 10.15 38.70
C ASN B 461 16.17 9.61 38.59
N LEU B 462 16.91 9.62 39.69
CA LEU B 462 18.36 9.39 39.62
C LEU B 462 18.81 8.06 40.23
N SER B 463 17.88 7.10 40.38
CA SER B 463 18.25 5.83 41.03
C SER B 463 19.23 5.04 40.17
N SER B 464 18.98 4.99 38.86
CA SER B 464 19.91 4.33 37.95
C SER B 464 21.26 5.06 37.97
N THR B 465 21.22 6.39 37.95
CA THR B 465 22.44 7.19 37.92
C THR B 465 23.30 6.99 39.17
N VAL B 466 22.64 6.84 40.32
CA VAL B 466 23.36 6.67 41.56
C VAL B 466 24.07 5.33 41.62
N LEU B 467 23.37 4.28 41.19
CA LEU B 467 23.95 2.94 41.13
C LEU B 467 25.18 2.95 40.22
N GLU B 468 25.06 3.64 39.09
CA GLU B 468 26.15 3.76 38.13
C GLU B 468 27.35 4.50 38.74
N LEU B 469 27.10 5.66 39.34
CA LEU B 469 28.17 6.43 39.97
C LEU B 469 28.84 5.60 41.06
N LYS B 470 28.05 4.88 41.86
CA LYS B 470 28.62 4.03 42.90
C LYS B 470 29.50 2.95 42.29
N LYS B 471 29.05 2.39 41.18
CA LYS B 471 29.82 1.35 40.50
C LYS B 471 31.10 1.94 39.93
N LEU B 472 31.07 3.22 39.60
CA LEU B 472 32.25 3.89 39.07
C LEU B 472 33.19 4.31 40.22
N GLY B 473 32.81 3.95 41.44
CA GLY B 473 33.65 4.24 42.62
C GLY B 473 33.61 5.69 43.07
N ILE B 474 32.49 6.36 42.80
CA ILE B 474 32.31 7.74 43.25
C ILE B 474 31.59 7.77 44.59
N ASP B 475 32.29 8.24 45.63
CA ASP B 475 31.73 8.23 46.98
C ASP B 475 30.96 9.52 47.30
N ASP B 476 31.53 10.66 46.96
CA ASP B 476 30.91 11.95 47.20
C ASP B 476 29.94 12.31 46.06
N LEU B 477 28.73 11.78 46.13
CA LEU B 477 27.74 11.98 45.06
C LEU B 477 27.31 13.43 44.91
N VAL B 478 27.30 14.15 46.02
CA VAL B 478 26.85 15.54 46.05
C VAL B 478 27.81 16.43 45.27
N HIS B 479 29.10 16.15 45.39
CA HIS B 479 30.12 16.98 44.76
C HIS B 479 30.69 16.39 43.46
N PHE B 480 29.98 15.46 42.84
CA PHE B 480 30.40 14.98 41.52
C PHE B 480 30.34 16.16 40.59
N ASP B 481 31.38 16.34 39.78
CA ASP B 481 31.48 17.53 38.96
C ASP B 481 30.53 17.51 37.75
N PHE B 482 29.22 17.62 38.00
CA PHE B 482 28.24 17.73 36.93
C PHE B 482 28.30 19.12 36.32
N MET B 483 28.07 19.21 35.01
CA MET B 483 28.03 20.50 34.36
C MET B 483 26.81 21.28 34.86
N ASP B 484 25.72 20.56 35.09
CA ASP B 484 24.53 21.12 35.75
C ASP B 484 24.12 20.15 36.84
N PRO B 485 24.46 20.46 38.10
CA PRO B 485 24.12 19.62 39.25
C PRO B 485 22.62 19.42 39.41
N PRO B 486 22.18 18.21 39.77
CA PRO B 486 20.77 17.97 40.07
C PRO B 486 20.47 18.48 41.48
N ALA B 487 19.21 18.66 41.83
CA ALA B 487 18.88 19.01 43.20
C ALA B 487 19.33 17.90 44.14
N PRO B 488 20.06 18.27 45.21
CA PRO B 488 20.55 17.32 46.22
C PRO B 488 19.47 16.36 46.73
N GLU B 489 18.23 16.83 46.74
CA GLU B 489 17.13 16.04 47.29
C GLU B 489 16.74 14.87 46.39
N THR B 490 16.83 15.06 45.08
CA THR B 490 16.58 13.96 44.17
C THR B 490 17.64 12.88 44.38
N MET B 491 18.89 13.31 44.59
CA MET B 491 19.99 12.40 44.86
C MET B 491 19.81 11.63 46.17
N MET B 492 19.44 12.35 47.23
CA MET B 492 19.20 11.69 48.52
C MET B 492 18.10 10.64 48.40
N ARG B 493 16.98 11.01 47.81
CA ARG B 493 15.88 10.06 47.60
C ARG B 493 16.34 8.81 46.84
N ALA B 494 17.19 9.00 45.83
CA ALA B 494 17.72 7.88 45.08
C ALA B 494 18.55 6.94 45.96
N LEU B 495 19.44 7.52 46.76
CA LEU B 495 20.23 6.73 47.70
C LEU B 495 19.33 5.89 48.62
N GLU B 496 18.31 6.53 49.18
CA GLU B 496 17.37 5.85 50.08
C GLU B 496 16.68 4.69 49.37
N GLU B 497 16.18 4.95 48.17
CA GLU B 497 15.52 3.91 47.39
C GLU B 497 16.44 2.71 47.17
N LEU B 498 17.67 2.98 46.77
CA LEU B 498 18.64 1.91 46.52
C LEU B 498 18.97 1.15 47.79
N ASN B 499 18.91 1.82 48.93
CA ASN B 499 19.09 1.17 50.22
C ASN B 499 17.94 0.22 50.52
N TYR B 500 16.71 0.70 50.39
CA TYR B 500 15.55 -0.17 50.54
C TYR B 500 15.60 -1.37 49.58
N LEU B 501 16.06 -1.13 48.35
CA LEU B 501 16.23 -2.22 47.40
C LEU B 501 17.40 -3.12 47.75
N ALA B 502 18.20 -2.69 48.72
CA ALA B 502 19.35 -3.46 49.20
C ALA B 502 20.49 -3.54 48.17
N CYS B 503 20.49 -2.59 47.24
CA CYS B 503 21.60 -2.41 46.31
C CYS B 503 22.74 -1.64 46.96
N LEU B 504 22.41 -0.79 47.92
CA LEU B 504 23.40 -0.08 48.73
C LEU B 504 23.10 -0.35 50.19
N ASP B 505 24.13 -0.36 51.03
CA ASP B 505 23.88 -0.48 52.46
C ASP B 505 23.65 0.92 53.05
N ASP B 506 23.40 0.99 54.35
CA ASP B 506 23.04 2.26 54.99
C ASP B 506 24.20 3.26 55.03
N GLU B 507 25.40 2.82 54.70
CA GLU B 507 26.50 3.77 54.56
C GLU B 507 26.85 4.06 53.10
N GLY B 508 25.96 3.67 52.19
CA GLY B 508 26.05 4.08 50.80
C GLY B 508 26.99 3.23 49.99
N ASN B 509 27.33 2.06 50.53
CA ASN B 509 28.24 1.17 49.82
C ASN B 509 27.51 0.03 49.11
N LEU B 510 28.05 -0.33 47.94
CA LEU B 510 27.54 -1.42 47.13
C LEU B 510 27.43 -2.72 47.91
N THR B 511 26.34 -3.43 47.69
CA THR B 511 26.16 -4.75 48.28
C THR B 511 26.41 -5.78 47.18
N PRO B 512 26.50 -7.06 47.55
CA PRO B 512 26.60 -8.08 46.50
C PRO B 512 25.47 -7.91 45.48
N LEU B 513 24.28 -7.56 45.97
CA LEU B 513 23.14 -7.34 45.08
C LEU B 513 23.34 -6.12 44.17
N GLY B 514 23.80 -5.01 44.75
CA GLY B 514 24.04 -3.81 43.96
C GLY B 514 25.09 -4.06 42.89
N ARG B 515 26.11 -4.83 43.24
CA ARG B 515 27.23 -5.08 42.34
C ARG B 515 26.73 -5.89 41.15
N LEU B 516 25.85 -6.86 41.43
CA LEU B 516 25.29 -7.72 40.41
C LEU B 516 24.24 -7.00 39.58
N ALA B 517 23.40 -6.22 40.23
CA ALA B 517 22.40 -5.42 39.54
C ALA B 517 23.07 -4.47 38.55
N SER B 518 24.28 -4.02 38.86
CA SER B 518 24.97 -3.06 38.01
C SER B 518 25.51 -3.76 36.75
N GLN B 519 25.44 -5.09 36.73
CA GLN B 519 25.87 -5.85 35.57
C GLN B 519 24.74 -6.02 34.56
N PHE B 520 23.53 -5.61 34.92
CA PHE B 520 22.38 -5.71 34.02
C PHE B 520 21.97 -4.32 33.53
N PRO B 521 21.74 -4.18 32.22
CA PRO B 521 21.34 -2.90 31.63
C PRO B 521 19.87 -2.64 31.90
N LEU B 522 19.50 -2.56 33.17
CA LEU B 522 18.10 -2.44 33.56
C LEU B 522 17.96 -1.48 34.74
N ASP B 523 16.83 -0.79 34.81
CA ASP B 523 16.44 -0.05 36.00
C ASP B 523 16.62 -0.95 37.23
N PRO B 524 17.07 -0.37 38.36
CA PRO B 524 17.31 -1.16 39.57
C PRO B 524 16.15 -2.08 39.99
N MET B 525 14.93 -1.58 39.98
CA MET B 525 13.76 -2.39 40.36
C MET B 525 13.64 -3.64 39.48
N LEU B 526 13.90 -3.51 38.18
CA LEU B 526 13.83 -4.66 37.29
C LEU B 526 15.00 -5.62 37.52
N ALA B 527 16.20 -5.10 37.70
CA ALA B 527 17.35 -5.95 37.89
C ALA B 527 17.19 -6.77 39.16
N VAL B 528 16.69 -6.12 40.21
CA VAL B 528 16.55 -6.76 41.50
C VAL B 528 15.48 -7.86 41.45
N MET B 529 14.35 -7.54 40.84
CA MET B 529 13.31 -8.52 40.58
C MET B 529 13.87 -9.74 39.86
N LEU B 530 14.67 -9.51 38.82
CA LEU B 530 15.25 -10.58 38.04
C LEU B 530 16.22 -11.40 38.87
N ILE B 531 17.10 -10.70 39.61
CA ILE B 531 18.14 -11.35 40.41
C ILE B 531 17.52 -12.30 41.43
N GLY B 532 16.45 -11.85 42.08
CA GLY B 532 15.88 -12.63 43.17
C GLY B 532 15.03 -13.80 42.71
N SER B 533 14.61 -13.79 41.45
CA SER B 533 13.58 -14.71 40.98
C SER B 533 13.86 -16.20 41.20
N PHE B 534 15.11 -16.65 41.05
CA PHE B 534 15.36 -18.08 41.28
C PHE B 534 15.08 -18.48 42.74
N GLU B 535 15.10 -17.51 43.65
CA GLU B 535 14.78 -17.76 45.05
C GLU B 535 13.26 -17.92 45.21
N PHE B 536 12.51 -17.46 44.22
CA PHE B 536 11.07 -17.63 44.22
C PHE B 536 10.68 -18.76 43.25
N GLN B 537 11.67 -19.50 42.78
CA GLN B 537 11.45 -20.64 41.90
C GLN B 537 10.69 -20.27 40.62
N CYS B 538 11.01 -19.14 40.02
CA CYS B 538 10.33 -18.73 38.80
C CYS B 538 11.15 -17.78 37.94
N SER B 539 12.47 -17.97 37.92
CA SER B 539 13.35 -17.07 37.17
C SER B 539 13.10 -17.13 35.67
N GLN B 540 12.65 -18.28 35.17
CA GLN B 540 12.33 -18.37 33.74
C GLN B 540 11.15 -17.47 33.37
N GLU B 541 10.12 -17.45 34.22
CA GLU B 541 8.96 -16.59 33.99
C GLU B 541 9.25 -15.11 34.28
N ILE B 542 10.05 -14.83 35.31
CA ILE B 542 10.42 -13.45 35.59
C ILE B 542 11.32 -12.93 34.47
N LEU B 543 12.25 -13.76 34.02
CA LEU B 543 13.05 -13.46 32.84
C LEU B 543 12.16 -12.92 31.73
N THR B 544 11.12 -13.56 31.35
CA THR B 544 10.18 -13.18 30.36
C THR B 544 9.49 -12.01 30.65
N ILE B 545 9.04 -11.81 31.79
CA ILE B 545 8.32 -10.61 32.20
C ILE B 545 9.21 -9.35 32.16
N VAL B 546 10.45 -9.47 32.63
CA VAL B 546 11.40 -8.36 32.58
C VAL B 546 11.69 -7.97 31.15
N ALA B 547 11.87 -8.96 30.28
CA ALA B 547 12.06 -8.69 28.86
C ALA B 547 10.83 -7.98 28.28
N MET B 548 9.63 -8.46 28.64
CA MET B 548 8.41 -7.84 28.15
C MET B 548 8.22 -6.43 28.69
N LEU B 549 8.73 -6.17 29.89
CA LEU B 549 8.60 -4.83 30.46
C LEU B 549 9.61 -3.86 29.85
N SER B 550 10.60 -4.42 29.14
CA SER B 550 11.69 -3.63 28.59
C SER B 550 11.38 -3.18 27.18
N VAL B 551 10.10 -3.15 26.85
CA VAL B 551 9.66 -3.01 25.47
C VAL B 551 8.28 -2.38 25.47
N PRO B 552 7.88 -1.71 24.37
CA PRO B 552 6.58 -1.03 24.37
C PRO B 552 5.37 -1.96 24.50
N ASN B 553 4.24 -1.38 24.90
CA ASN B 553 2.98 -2.08 24.93
C ASN B 553 2.89 -2.86 23.64
N VAL B 554 2.61 -4.16 23.75
CA VAL B 554 2.61 -5.05 22.61
C VAL B 554 1.23 -5.17 21.97
N PHE B 555 0.19 -4.80 22.71
CA PHE B 555 -1.18 -4.96 22.20
C PHE B 555 -1.63 -3.83 21.29
N ILE B 556 -2.15 -4.20 20.12
CA ILE B 556 -2.62 -3.23 19.12
C ILE B 556 -4.12 -2.98 19.31
N ARG B 557 -4.49 -1.72 19.41
CA ARG B 557 -5.87 -1.37 19.66
C ARG B 557 -6.29 -0.21 18.76
N PRO B 558 -6.63 -0.53 17.49
CA PRO B 558 -7.09 0.51 16.57
C PRO B 558 -8.33 1.18 17.13
N THR B 559 -8.42 2.51 17.01
CA THR B 559 -9.56 3.24 17.57
C THR B 559 -10.88 2.77 16.98
N LYS B 560 -10.83 2.35 15.72
CA LYS B 560 -12.02 1.92 15.00
C LYS B 560 -12.22 0.41 15.04
N ASP B 561 -11.45 -0.27 15.87
CA ASP B 561 -11.52 -1.73 15.93
C ASP B 561 -11.28 -2.23 17.34
N LYS B 562 -11.76 -1.48 18.32
CA LYS B 562 -11.50 -1.79 19.73
C LYS B 562 -12.02 -3.16 20.17
N LYS B 563 -13.24 -3.51 19.74
CA LYS B 563 -13.89 -4.73 20.22
C LYS B 563 -13.10 -5.99 19.88
N ARG B 564 -12.69 -6.11 18.62
CA ARG B 564 -11.92 -7.27 18.19
C ARG B 564 -10.52 -7.28 18.78
N ALA B 565 -9.93 -6.09 18.93
CA ALA B 565 -8.62 -5.96 19.53
C ALA B 565 -8.66 -6.50 20.96
N ASP B 566 -9.70 -6.11 21.69
CA ASP B 566 -9.89 -6.55 23.06
C ASP B 566 -10.15 -8.05 23.12
N ASP B 567 -11.04 -8.53 22.26
CA ASP B 567 -11.31 -9.95 22.16
C ASP B 567 -9.98 -10.70 22.07
N ALA B 568 -9.10 -10.20 21.20
CA ALA B 568 -7.81 -10.85 20.95
C ALA B 568 -6.93 -10.82 22.20
N LYS B 569 -6.87 -9.68 22.87
CA LYS B 569 -6.07 -9.54 24.08
C LYS B 569 -6.53 -10.49 25.19
N ASN B 570 -7.85 -10.62 25.36
CA ASN B 570 -8.40 -11.49 26.40
C ASN B 570 -8.00 -12.95 26.29
N ILE B 571 -7.59 -13.37 25.09
CA ILE B 571 -7.04 -14.70 24.91
C ILE B 571 -5.87 -14.90 25.87
N PHE B 572 -5.10 -13.84 26.10
CA PHE B 572 -3.89 -13.92 26.89
C PHE B 572 -4.06 -13.32 28.30
N ALA B 573 -5.10 -12.51 28.48
CA ALA B 573 -5.23 -11.71 29.69
C ALA B 573 -5.43 -12.54 30.95
N HIS B 574 -4.70 -12.18 31.99
CA HIS B 574 -4.83 -12.82 33.29
C HIS B 574 -5.47 -11.85 34.26
N PRO B 575 -6.59 -12.26 34.88
CA PRO B 575 -7.35 -11.44 35.83
C PRO B 575 -6.48 -11.00 36.99
N ASP B 576 -6.62 -9.76 37.41
CA ASP B 576 -5.79 -9.21 38.47
C ASP B 576 -4.29 -9.49 38.23
N GLY B 577 -3.86 -9.53 36.97
CA GLY B 577 -2.46 -9.80 36.69
C GLY B 577 -1.92 -9.39 35.32
N ASP B 578 -1.86 -8.09 35.04
CA ASP B 578 -1.29 -7.61 33.79
C ASP B 578 0.13 -8.14 33.53
N HIS B 579 0.91 -8.30 34.59
CA HIS B 579 2.27 -8.79 34.43
C HIS B 579 2.27 -10.23 33.91
N ILE B 580 1.31 -11.03 34.38
CA ILE B 580 1.14 -12.40 33.91
C ILE B 580 0.67 -12.42 32.44
N THR B 581 -0.15 -11.44 32.07
CA THR B 581 -0.57 -11.31 30.69
C THR B 581 0.63 -11.26 29.74
N LEU B 582 1.62 -10.46 30.11
CA LEU B 582 2.86 -10.34 29.36
C LEU B 582 3.50 -11.71 29.16
N LEU B 583 3.51 -12.50 30.23
CA LEU B 583 4.07 -13.84 30.17
C LEU B 583 3.29 -14.68 29.15
N ASN B 584 1.96 -14.64 29.23
CA ASN B 584 1.13 -15.42 28.33
C ASN B 584 1.38 -15.10 26.86
N VAL B 585 1.35 -13.81 26.53
CA VAL B 585 1.53 -13.38 25.16
C VAL B 585 2.90 -13.80 24.63
N TYR B 586 3.94 -13.62 25.44
CA TYR B 586 5.27 -13.99 24.97
C TYR B 586 5.37 -15.50 24.73
N HIS B 587 4.84 -16.28 25.67
CA HIS B 587 4.81 -17.72 25.53
C HIS B 587 4.06 -18.16 24.27
N ALA B 588 2.94 -17.50 23.98
CA ALA B 588 2.20 -17.80 22.75
C ALA B 588 2.99 -17.36 21.52
N PHE B 589 3.58 -16.17 21.58
CA PHE B 589 4.40 -15.66 20.50
C PHE B 589 5.52 -16.64 20.16
N LYS B 590 6.00 -17.36 21.17
CA LYS B 590 7.07 -18.34 20.96
C LYS B 590 6.56 -19.77 20.62
N SER B 591 5.24 -19.95 20.63
CA SER B 591 4.63 -21.27 20.42
C SER B 591 4.82 -21.85 19.01
N ASP B 592 4.74 -23.17 18.91
CA ASP B 592 4.84 -23.85 17.62
C ASP B 592 3.66 -23.48 16.74
N GLU B 593 2.48 -23.35 17.35
CA GLU B 593 1.29 -22.93 16.61
C GLU B 593 1.52 -21.62 15.88
N ALA B 594 1.99 -20.61 16.62
CA ALA B 594 2.27 -19.30 16.06
C ALA B 594 3.24 -19.40 14.90
N TYR B 595 4.32 -20.14 15.09
CA TYR B 595 5.33 -20.30 14.05
C TYR B 595 4.76 -21.01 12.84
N GLU B 596 3.99 -22.06 13.09
CA GLU B 596 3.35 -22.83 12.03
C GLU B 596 2.42 -21.93 11.23
N TYR B 597 1.65 -21.13 11.97
CA TYR B 597 0.67 -20.21 11.43
C TYR B 597 1.29 -19.16 10.49
N GLY B 598 2.56 -18.84 10.73
CA GLY B 598 3.20 -17.72 10.06
C GLY B 598 3.28 -16.56 11.03
N ILE B 599 4.43 -16.42 11.67
CA ILE B 599 4.57 -15.52 12.82
C ILE B 599 4.07 -14.10 12.57
N HIS B 600 4.40 -13.51 11.43
CA HIS B 600 3.98 -12.14 11.13
C HIS B 600 2.47 -12.03 10.95
N LYS B 601 1.89 -12.98 10.25
CA LYS B 601 0.44 -13.01 10.11
C LYS B 601 -0.19 -13.30 11.47
N TRP B 602 0.46 -14.16 12.24
CA TRP B 602 -0.05 -14.50 13.57
C TRP B 602 -0.19 -13.25 14.45
N CYS B 603 0.85 -12.42 14.48
CA CYS B 603 0.81 -11.20 15.28
C CYS B 603 -0.26 -10.24 14.79
N ARG B 604 -0.32 -10.03 13.47
CA ARG B 604 -1.34 -9.18 12.87
C ARG B 604 -2.76 -9.64 13.24
N ASP B 605 -3.04 -10.91 13.05
CA ASP B 605 -4.37 -11.43 13.31
C ASP B 605 -4.70 -11.39 14.80
N HIS B 606 -3.68 -11.39 15.65
CA HIS B 606 -3.89 -11.37 17.09
C HIS B 606 -3.75 -9.96 17.68
N TYR B 607 -3.67 -8.95 16.82
CA TYR B 607 -3.54 -7.56 17.27
C TYR B 607 -2.30 -7.37 18.17
N LEU B 608 -1.18 -7.89 17.69
CA LEU B 608 0.08 -7.87 18.42
C LEU B 608 1.18 -7.22 17.59
N ASN B 609 2.01 -6.42 18.25
CA ASN B 609 3.11 -5.76 17.58
C ASN B 609 4.32 -6.70 17.47
N TYR B 610 4.58 -7.20 16.26
CA TYR B 610 5.68 -8.11 16.02
C TYR B 610 7.03 -7.49 16.39
N ARG B 611 7.19 -6.20 16.10
CA ARG B 611 8.45 -5.52 16.36
C ARG B 611 8.78 -5.51 17.85
N SER B 612 7.77 -5.28 18.67
CA SER B 612 7.98 -5.24 20.11
C SER B 612 8.25 -6.63 20.67
N LEU B 613 7.52 -7.61 20.16
CA LEU B 613 7.69 -8.98 20.63
C LEU B 613 9.07 -9.52 20.23
N SER B 614 9.51 -9.19 19.03
CA SER B 614 10.80 -9.65 18.55
C SER B 614 11.91 -9.02 19.38
N ALA B 615 11.76 -7.74 19.70
CA ALA B 615 12.72 -7.04 20.53
C ALA B 615 12.76 -7.67 21.92
N ALA B 616 11.59 -8.07 22.40
CA ALA B 616 11.52 -8.69 23.73
C ALA B 616 12.25 -10.03 23.69
N ASP B 617 12.09 -10.71 22.55
CA ASP B 617 12.74 -11.98 22.31
C ASP B 617 14.26 -11.83 22.42
N ASN B 618 14.83 -10.86 21.70
CA ASN B 618 16.27 -10.62 21.75
C ASN B 618 16.73 -10.28 23.17
N ILE B 619 16.01 -9.37 23.81
CA ILE B 619 16.33 -8.96 25.17
C ILE B 619 16.34 -10.15 26.12
N ARG B 620 15.33 -11.00 26.02
CA ARG B 620 15.31 -12.18 26.85
C ARG B 620 16.59 -13.02 26.62
N SER B 621 16.97 -13.19 25.36
CA SER B 621 18.19 -13.93 25.03
C SER B 621 19.43 -13.32 25.68
N GLN B 622 19.58 -12.01 25.52
CA GLN B 622 20.74 -11.32 26.09
C GLN B 622 20.74 -11.43 27.62
N LEU B 623 19.56 -11.29 28.22
CA LEU B 623 19.43 -11.37 29.66
C LEU B 623 19.77 -12.76 30.19
N GLU B 624 19.36 -13.78 29.44
CA GLU B 624 19.64 -15.15 29.80
C GLU B 624 21.16 -15.37 29.81
N ARG B 625 21.84 -14.82 28.81
CA ARG B 625 23.29 -14.92 28.74
C ARG B 625 23.91 -14.27 29.97
N LEU B 626 23.43 -13.10 30.35
CA LEU B 626 23.92 -12.45 31.56
C LEU B 626 23.69 -13.35 32.77
N MET B 627 22.52 -13.98 32.82
CA MET B 627 22.21 -14.85 33.94
C MET B 627 23.13 -16.07 33.99
N ASN B 628 23.44 -16.65 32.84
CA ASN B 628 24.41 -17.74 32.76
C ASN B 628 25.81 -17.26 33.15
N ARG B 629 26.17 -16.07 32.69
CA ARG B 629 27.49 -15.48 32.94
C ARG B 629 27.72 -15.24 34.43
N TYR B 630 26.68 -14.77 35.13
CA TYR B 630 26.82 -14.42 36.55
C TYR B 630 26.17 -15.45 37.48
N ASN B 631 25.89 -16.63 36.95
CA ASN B 631 25.47 -17.76 37.78
C ASN B 631 24.15 -17.54 38.50
N LEU B 632 23.17 -16.97 37.80
CA LEU B 632 21.80 -16.91 38.31
C LEU B 632 21.01 -18.05 37.68
N GLU B 633 20.78 -19.09 38.45
CA GLU B 633 20.12 -20.30 37.96
C GLU B 633 18.79 -19.99 37.25
N LEU B 634 18.48 -20.76 36.22
CA LEU B 634 17.21 -20.60 35.51
C LEU B 634 16.16 -21.58 36.06
N ASN B 635 15.18 -21.02 36.75
CA ASN B 635 14.23 -21.79 37.55
C ASN B 635 12.81 -21.74 37.01
N THR B 636 12.04 -22.78 37.32
CA THR B 636 10.61 -22.80 37.05
C THR B 636 9.93 -23.80 37.95
N THR B 637 8.63 -23.63 38.15
CA THR B 637 7.85 -24.64 38.86
C THR B 637 6.70 -25.09 37.97
N ASP B 638 6.18 -26.29 38.25
CA ASP B 638 5.08 -26.86 37.50
C ASP B 638 3.88 -25.91 37.48
N TYR B 639 3.37 -25.63 36.29
CA TYR B 639 2.19 -24.79 36.14
C TYR B 639 0.98 -25.29 36.93
N GLU B 640 0.95 -26.59 37.22
CA GLU B 640 -0.18 -27.18 37.93
C GLU B 640 -0.13 -26.89 39.43
N SER B 641 1.01 -26.40 39.91
CA SER B 641 1.20 -26.09 41.32
C SER B 641 0.31 -24.94 41.78
N PRO B 642 -0.25 -25.06 43.00
CA PRO B 642 -1.03 -23.98 43.60
C PRO B 642 -0.18 -22.75 43.90
N LYS B 643 1.15 -22.90 43.86
CA LYS B 643 2.03 -21.79 44.16
C LYS B 643 2.54 -21.07 42.91
N TYR B 644 2.18 -21.59 41.74
CA TYR B 644 2.74 -21.08 40.48
C TYR B 644 2.62 -19.57 40.47
N PHE B 645 1.39 -19.08 40.35
CA PHE B 645 1.16 -17.65 40.32
C PHE B 645 1.59 -16.88 41.55
N ASP B 646 1.56 -17.54 42.70
CA ASP B 646 2.05 -16.93 43.92
C ASP B 646 3.51 -16.51 43.79
N ASN B 647 4.36 -17.46 43.39
CA ASN B 647 5.78 -17.20 43.25
C ASN B 647 6.05 -16.00 42.37
N ILE B 648 5.29 -15.90 41.28
CA ILE B 648 5.52 -14.83 40.31
C ILE B 648 5.16 -13.48 40.90
N ARG B 649 4.04 -13.43 41.60
CA ARG B 649 3.62 -12.19 42.24
C ARG B 649 4.59 -11.75 43.31
N LYS B 650 5.18 -12.72 44.02
CA LYS B 650 6.15 -12.42 45.07
C LYS B 650 7.45 -11.88 44.46
N ALA B 651 7.94 -12.52 43.41
CA ALA B 651 9.14 -12.04 42.74
C ALA B 651 8.94 -10.61 42.23
N LEU B 652 7.77 -10.36 41.64
CA LEU B 652 7.42 -9.01 41.23
C LEU B 652 7.56 -8.07 42.41
N ALA B 653 6.93 -8.44 43.52
CA ALA B 653 7.00 -7.67 44.76
C ALA B 653 8.42 -7.39 45.23
N SER B 654 9.31 -8.37 45.16
CA SER B 654 10.66 -8.19 45.66
C SER B 654 11.33 -6.98 45.00
N GLY B 655 10.92 -6.66 43.78
CA GLY B 655 11.49 -5.54 43.06
C GLY B 655 10.64 -4.28 43.10
N PHE B 656 9.32 -4.45 43.11
CA PHE B 656 8.43 -3.30 42.97
C PHE B 656 7.61 -2.95 44.22
N PHE B 657 8.04 -3.43 45.39
CA PHE B 657 7.31 -3.18 46.63
C PHE B 657 7.16 -1.69 46.97
N MET B 658 7.89 -0.82 46.29
CA MET B 658 7.74 0.61 46.52
C MET B 658 6.80 1.24 45.51
N GLN B 659 6.29 0.42 44.59
CA GLN B 659 5.27 0.87 43.66
C GLN B 659 4.01 0.04 43.89
N VAL B 660 3.41 0.26 45.06
CA VAL B 660 2.25 -0.50 45.48
C VAL B 660 1.11 0.48 45.74
N ALA B 661 -0.10 0.06 45.38
CA ALA B 661 -1.29 0.86 45.65
C ALA B 661 -2.33 0.03 46.38
N LYS B 662 -3.03 0.66 47.31
CA LYS B 662 -4.06 -0.05 48.07
C LYS B 662 -5.44 0.50 47.73
N LYS B 663 -6.41 -0.40 47.61
CA LYS B 663 -7.77 -0.02 47.29
C LYS B 663 -8.38 0.88 48.36
N ARG B 664 -8.81 2.07 47.94
CA ARG B 664 -9.54 2.98 48.80
C ARG B 664 -10.88 2.36 49.22
N SER B 665 -11.07 2.22 50.52
CA SER B 665 -12.29 1.62 51.05
C SER B 665 -13.51 2.51 50.83
N GLY B 666 -13.37 3.80 51.13
CA GLY B 666 -14.47 4.73 51.03
C GLY B 666 -14.63 5.41 49.68
N ALA B 667 -13.53 5.82 49.08
CA ALA B 667 -13.55 6.56 47.82
C ALA B 667 -13.56 5.67 46.60
N LYS B 668 -13.54 4.36 46.81
CA LYS B 668 -13.55 3.39 45.72
C LYS B 668 -12.51 3.70 44.64
N GLY B 669 -11.40 4.29 45.05
CA GLY B 669 -10.27 4.51 44.17
C GLY B 669 -9.06 3.78 44.73
N TYR B 670 -7.85 4.25 44.41
CA TYR B 670 -6.64 3.65 44.96
C TYR B 670 -5.70 4.69 45.56
N ILE B 671 -4.91 4.25 46.54
CA ILE B 671 -3.94 5.10 47.19
C ILE B 671 -2.57 4.42 47.18
N THR B 672 -1.50 5.17 46.87
CA THR B 672 -0.16 4.59 46.76
C THR B 672 0.59 4.58 48.09
N VAL B 673 1.29 3.48 48.37
CA VAL B 673 2.08 3.35 49.58
C VAL B 673 3.06 4.51 49.73
N LYS B 674 3.80 4.77 48.67
CA LYS B 674 4.80 5.84 48.68
C LYS B 674 4.22 7.18 48.28
N ASP B 675 4.37 8.16 49.18
CA ASP B 675 3.88 9.52 48.96
C ASP B 675 2.37 9.68 49.15
N ASN B 676 1.68 8.58 49.39
CA ASN B 676 0.24 8.61 49.67
C ASN B 676 -0.54 9.33 48.60
N GLN B 677 -0.45 8.83 47.36
CA GLN B 677 -1.09 9.49 46.24
C GLN B 677 -2.42 8.80 45.92
N ASP B 678 -3.45 9.61 45.64
CA ASP B 678 -4.71 9.08 45.12
C ASP B 678 -4.56 8.85 43.62
N VAL B 679 -4.94 7.66 43.18
CA VAL B 679 -4.76 7.27 41.79
C VAL B 679 -5.90 6.36 41.37
N LEU B 680 -6.12 6.28 40.06
CA LEU B 680 -7.09 5.35 39.50
C LEU B 680 -6.36 4.28 38.69
N ILE B 681 -6.88 3.06 38.73
CA ILE B 681 -6.38 2.01 37.85
C ILE B 681 -6.59 2.48 36.43
N HIS B 682 -5.51 2.49 35.64
CA HIS B 682 -5.61 2.94 34.24
C HIS B 682 -6.69 2.16 33.51
N PRO B 683 -7.46 2.85 32.67
CA PRO B 683 -8.61 2.26 31.95
C PRO B 683 -8.27 0.95 31.24
N SER B 684 -7.01 0.74 30.90
CA SER B 684 -6.61 -0.43 30.12
C SER B 684 -6.72 -1.78 30.84
N THR B 685 -7.12 -1.78 32.12
CA THR B 685 -7.25 -3.04 32.86
C THR B 685 -8.39 -3.03 33.89
N VAL B 686 -9.10 -4.15 34.00
CA VAL B 686 -10.25 -4.25 34.89
C VAL B 686 -9.97 -4.93 36.23
N LEU B 687 -10.07 -4.16 37.30
CA LEU B 687 -9.80 -4.66 38.64
C LEU B 687 -10.83 -5.71 39.09
N GLY B 688 -10.34 -6.76 39.75
CA GLY B 688 -11.22 -7.77 40.32
C GLY B 688 -11.53 -7.45 41.77
N HIS B 689 -12.53 -8.14 42.34
CA HIS B 689 -13.01 -7.84 43.68
C HIS B 689 -11.98 -8.11 44.79
N ASP B 690 -11.21 -9.19 44.65
CA ASP B 690 -10.25 -9.60 45.69
C ASP B 690 -8.92 -8.87 45.59
N ALA B 691 -8.82 -7.90 44.67
CA ALA B 691 -7.58 -7.17 44.44
C ALA B 691 -7.46 -5.89 45.28
N GLU B 692 -7.41 -6.06 46.60
CA GLU B 692 -7.27 -4.92 47.50
C GLU B 692 -5.89 -4.26 47.36
N TRP B 693 -4.86 -5.06 47.19
CA TRP B 693 -3.52 -4.52 47.01
C TRP B 693 -2.95 -4.87 45.64
N VAL B 694 -2.41 -3.87 44.95
CA VAL B 694 -1.78 -4.09 43.65
C VAL B 694 -0.37 -3.50 43.54
N ILE B 695 0.47 -4.19 42.77
CA ILE B 695 1.76 -3.67 42.36
C ILE B 695 1.59 -3.06 40.99
N TYR B 696 2.09 -1.85 40.80
CA TYR B 696 1.96 -1.20 39.50
C TYR B 696 3.31 -0.89 38.87
N ASN B 697 3.37 -0.95 37.54
CA ASN B 697 4.60 -0.72 36.81
C ASN B 697 4.87 0.75 36.56
N GLU B 698 3.82 1.53 36.40
CA GLU B 698 3.98 2.85 35.81
C GLU B 698 2.98 3.87 36.33
N PHE B 699 3.41 5.12 36.37
CA PHE B 699 2.60 6.22 36.84
C PHE B 699 2.34 7.12 35.63
N VAL B 700 1.09 7.17 35.19
CA VAL B 700 0.76 7.97 34.00
C VAL B 700 -0.06 9.22 34.36
N LEU B 701 0.38 10.35 33.81
CA LEU B 701 -0.14 11.66 34.20
C LEU B 701 -0.75 12.42 33.03
N THR B 702 -2.01 12.13 32.73
CA THR B 702 -2.73 12.86 31.69
C THR B 702 -3.38 14.10 32.29
N SER B 703 -4.63 13.95 32.73
CA SER B 703 -5.28 15.01 33.48
C SER B 703 -5.51 14.51 34.89
N LYS B 704 -5.68 13.19 35.01
CA LYS B 704 -5.79 12.55 36.30
C LYS B 704 -4.53 11.73 36.56
N ASN B 705 -4.43 11.16 37.76
CA ASN B 705 -3.33 10.27 38.12
C ASN B 705 -3.70 8.81 37.95
N TYR B 706 -3.07 8.15 37.01
CA TYR B 706 -3.36 6.74 36.77
C TYR B 706 -2.21 5.83 37.13
N ILE B 707 -2.55 4.58 37.38
CA ILE B 707 -1.62 3.54 37.70
C ILE B 707 -1.79 2.44 36.64
N ARG B 708 -0.72 2.14 35.90
CA ARG B 708 -0.81 1.26 34.74
C ARG B 708 0.03 -0.01 34.85
N THR B 709 -0.49 -1.10 34.29
CA THR B 709 0.12 -2.41 34.38
C THR B 709 0.18 -2.87 35.83
N VAL B 710 -0.94 -3.38 36.31
CA VAL B 710 -1.09 -3.72 37.70
C VAL B 710 -1.25 -5.23 37.89
N THR B 711 -0.78 -5.71 39.03
CA THR B 711 -0.98 -7.11 39.41
C THR B 711 -1.30 -7.17 40.89
N SER B 712 -2.31 -7.95 41.26
CA SER B 712 -2.71 -8.04 42.65
C SER B 712 -1.61 -8.72 43.45
N VAL B 713 -1.50 -8.33 44.72
CA VAL B 713 -0.55 -8.93 45.62
C VAL B 713 -1.14 -9.00 47.03
N ARG B 714 -0.87 -10.08 47.76
CA ARG B 714 -1.27 -10.19 49.15
C ARG B 714 -0.38 -9.29 50.01
N PRO B 715 -1.01 -8.44 50.84
CA PRO B 715 -0.31 -7.50 51.72
C PRO B 715 0.69 -8.20 52.64
N GLU B 716 0.34 -9.38 53.15
CA GLU B 716 1.26 -10.10 54.03
C GLU B 716 2.57 -10.39 53.30
N TRP B 717 2.49 -10.49 51.98
CA TRP B 717 3.69 -10.74 51.17
C TRP B 717 4.61 -9.54 51.17
N LEU B 718 4.02 -8.35 51.04
CA LEU B 718 4.79 -7.11 51.08
C LEU B 718 5.54 -6.97 52.40
N ILE B 719 4.84 -7.24 53.50
CA ILE B 719 5.45 -7.16 54.82
C ILE B 719 6.55 -8.22 54.97
N GLU B 720 6.28 -9.41 54.45
CA GLU B 720 7.22 -10.52 54.54
C GLU B 720 8.47 -10.26 53.66
N ILE B 721 8.26 -9.60 52.52
CA ILE B 721 9.31 -9.44 51.53
C ILE B 721 10.15 -8.17 51.73
N ALA B 722 9.51 -7.11 52.19
CA ALA B 722 10.20 -5.85 52.43
C ALA B 722 9.86 -5.26 53.82
N PRO B 723 10.27 -5.96 54.89
CA PRO B 723 10.00 -5.54 56.27
C PRO B 723 10.50 -4.14 56.59
N ALA B 724 11.64 -3.75 56.03
CA ALA B 724 12.20 -2.42 56.32
C ALA B 724 11.36 -1.31 55.71
N TYR B 725 10.74 -1.59 54.57
CA TYR B 725 9.91 -0.59 53.93
C TYR B 725 8.51 -0.55 54.53
N TYR B 726 7.98 -1.71 54.86
CA TYR B 726 6.63 -1.80 55.43
C TYR B 726 6.64 -1.80 56.96
N ASP B 727 7.37 -0.83 57.52
CA ASP B 727 7.51 -0.64 58.95
C ASP B 727 6.70 0.60 59.29
N LEU B 728 5.63 0.41 60.04
CA LEU B 728 4.63 1.45 60.24
C LEU B 728 5.21 2.76 60.78
N SER B 729 6.37 2.67 61.42
CA SER B 729 7.04 3.85 61.97
C SER B 729 7.25 4.97 60.95
N ASN B 730 7.67 4.60 59.74
CA ASN B 730 7.89 5.59 58.69
C ASN B 730 6.63 5.87 57.86
N PHE B 731 5.50 5.31 58.27
CA PHE B 731 4.23 5.55 57.57
C PHE B 731 3.47 6.72 58.17
N GLN B 732 3.05 7.63 57.31
CA GLN B 732 2.29 8.81 57.72
C GLN B 732 0.92 8.41 58.24
N LYS B 733 0.22 9.35 58.85
CA LYS B 733 -1.01 9.04 59.58
C LYS B 733 -2.41 8.62 59.16
N GLY B 734 -2.59 7.31 58.93
CA GLY B 734 -3.88 6.68 58.68
C GLY B 734 -4.98 6.98 57.63
N ASP B 735 -4.67 7.30 56.37
CA ASP B 735 -5.74 7.52 55.39
C ASP B 735 -6.60 6.27 55.09
N VAL B 736 -5.90 5.16 54.88
CA VAL B 736 -6.37 3.79 54.89
C VAL B 736 -5.16 2.87 55.07
N LYS B 737 -4.02 3.31 54.53
CA LYS B 737 -2.81 2.49 54.44
C LYS B 737 -2.22 2.09 55.78
N LEU B 738 -1.76 3.06 56.57
CA LEU B 738 -1.25 2.76 57.90
C LEU B 738 -2.30 1.96 58.65
N SER B 739 -3.51 2.51 58.71
CA SER B 739 -4.60 1.86 59.42
C SER B 739 -4.72 0.38 59.09
N LEU B 740 -4.89 0.06 57.80
CA LEU B 740 -5.12 -1.33 57.43
C LEU B 740 -3.81 -2.13 57.38
N GLU B 741 -2.69 -1.43 57.41
CA GLU B 741 -1.39 -2.07 57.60
C GLU B 741 -1.33 -2.65 59.00
N ARG B 742 -1.67 -1.84 59.99
CA ARG B 742 -1.74 -2.32 61.37
C ARG B 742 -2.61 -3.56 61.40
N ILE B 743 -3.80 -3.44 60.81
CA ILE B 743 -4.75 -4.55 60.81
C ILE B 743 -4.12 -5.81 60.24
N LYS B 744 -3.39 -5.67 59.13
CA LYS B 744 -2.70 -6.80 58.54
C LYS B 744 -1.74 -7.46 59.53
N GLU B 745 -0.91 -6.65 60.17
CA GLU B 745 0.08 -7.19 61.10
C GLU B 745 -0.61 -7.84 62.31
N LYS B 746 -1.62 -7.18 62.87
CA LYS B 746 -2.42 -7.77 63.94
C LYS B 746 -2.89 -9.16 63.52
N VAL B 747 -3.58 -9.22 62.37
CA VAL B 747 -4.11 -10.47 61.85
C VAL B 747 -3.01 -11.53 61.74
N ASP B 748 -1.82 -11.09 61.32
CA ASP B 748 -0.71 -12.01 61.10
C ASP B 748 -0.16 -12.57 62.41
N ARG B 749 0.02 -11.70 63.39
CA ARG B 749 0.46 -12.13 64.72
C ARG B 749 -0.56 -13.10 65.30
N LEU B 750 -1.82 -12.66 65.37
CA LEU B 750 -2.92 -13.47 65.88
C LEU B 750 -2.87 -14.92 65.40
N ASN B 751 -2.33 -15.12 64.20
CA ASN B 751 -2.29 -16.47 63.63
C ASN B 751 -1.17 -17.34 64.18
N GLU B 752 -0.09 -16.71 64.62
CA GLU B 752 1.06 -17.45 65.13
C GLU B 752 0.73 -18.24 66.40
N LEU B 753 0.15 -17.56 67.39
CA LEU B 753 -0.03 -18.14 68.73
C LEU B 753 -0.85 -19.42 68.77
N LYS B 754 -1.94 -19.47 68.01
CA LYS B 754 -2.88 -20.59 68.09
C LYS B 754 -2.23 -21.97 68.02
N GLN B 755 -1.43 -22.19 66.99
CA GLN B 755 -0.80 -23.49 66.75
C GLN B 755 0.09 -23.92 67.91
MG MG C . -1.85 -8.33 -31.16
PB ADP D . 1.28 -9.56 -31.35
O1B ADP D . 0.18 -8.75 -31.81
O2B ADP D . 1.00 -10.33 -29.99
O3B ADP D . 1.79 -10.60 -32.47
PA ADP D . 2.58 -7.05 -30.62
O1A ADP D . 1.48 -6.63 -29.78
O2A ADP D . 2.74 -6.30 -32.00
O3A ADP D . 2.46 -8.54 -31.16
O5' ADP D . 4.02 -6.99 -29.95
C5' ADP D . 4.33 -5.85 -29.20
C4' ADP D . 5.81 -6.10 -28.98
O4' ADP D . 6.46 -4.82 -28.88
C3' ADP D . 6.13 -6.94 -27.72
O3' ADP D . 6.93 -8.06 -28.09
C2' ADP D . 7.04 -6.01 -26.89
O2' ADP D . 8.36 -6.50 -26.97
C1' ADP D . 6.95 -4.58 -27.53
N9 ADP D . 6.19 -3.62 -26.74
C8 ADP D . 6.70 -2.59 -25.88
N7 ADP D . 5.81 -1.73 -25.40
C5 ADP D . 4.58 -2.17 -25.91
C6 ADP D . 3.24 -1.68 -25.75
N6 ADP D . 2.98 -0.53 -25.05
N1 ADP D . 2.23 -2.34 -26.40
C2 ADP D . 2.57 -3.42 -27.14
N3 ADP D . 3.78 -3.99 -27.39
C4 ADP D . 4.79 -3.35 -26.76
MG MG E . 26.37 13.68 13.86
PB ADP F . 27.08 15.75 11.32
O1B ADP F . 27.41 14.74 12.29
O2B ADP F . 25.56 16.20 11.31
O3B ADP F . 28.03 17.00 11.45
PA ADP F . 27.32 13.64 9.28
O1A ADP F . 26.36 12.76 9.92
O2A ADP F . 28.84 13.22 9.44
O3A ADP F . 27.44 15.11 9.90
O5' ADP F . 27.14 13.83 7.71
C5' ADP F . 26.81 12.69 6.93
C4' ADP F . 26.94 13.29 5.54
O4' ADP F . 27.33 12.26 4.63
C3' ADP F . 25.66 13.97 5.02
O3' ADP F . 25.96 15.30 4.67
C2' ADP F . 25.35 13.21 3.72
O2' ADP F . 25.70 14.08 2.66
C1' ADP F . 26.26 11.93 3.70
N9 ADP F . 25.56 10.66 3.91
C8 ADP F . 25.17 9.70 2.93
N7 ADP F . 24.66 8.55 3.40
C5 ADP F . 24.67 8.70 4.79
C6 ADP F . 24.27 7.83 5.86
N6 ADP F . 23.84 6.55 5.64
N1 ADP F . 24.42 8.28 7.14
C2 ADP F . 24.94 9.53 7.31
N3 ADP F . 25.36 10.44 6.42
C4 ADP F . 25.23 10.02 5.14
#